data_6Q3W
#
_entry.id   6Q3W
#
_cell.length_a   73.262
_cell.length_b   114.807
_cell.length_c   120.818
_cell.angle_alpha   90.000
_cell.angle_beta   100.490
_cell.angle_gamma   90.000
#
_symmetry.space_group_name_H-M   'P 1 21 1'
#
loop_
_entity.id
_entity.type
_entity.pdbx_description
1 polymer Galactokinase
2 non-polymer beta-D-galactopyranose
3 non-polymer "2-(1,3-benzoxazol-2-ylamino)spiro[1,6,7,8-tetrahydroquinazoline-4,1'-cyclohexane]-5-one"
4 non-polymer 'ethyl 1-pyrazin-2-ylpiperidine-4-carboxylate'
5 water water
#
_entity_poly.entity_id   1
_entity_poly.type   'polypeptide(L)'
_entity_poly.pdbx_seq_one_letter_code
;AALRQPQVAELLAEARRAFREEFGAEPELAVSAPGRVNLIGEHTDYNQGLVLPMALELMTVLVGSPRKDGLVSLLTTSEG
ADEPQRLQFPLPTAQRSLEPGTPRWANYVKGVIQYYPAAPLPGFSAVVVSSVPLGGGLSSSASLEVATYTFLQQLCPDSG
TIAARAQVCQQAEHSFAGMPCGIMDQFISLMGQKGHALLIDCRSLETSLVPLSDPKLAVLITNSNVRHSLASSEYPVRRR
QCEEVARALGAASLREVQLEELEAARDLVSKEGFRRARHVVGEIRRTAQAAAALRRGDYRAFGRLMVESHRSLRDDYEVS
CPELDQLVEAALAVPGVYGSRMTGGGFGGCTVTLLEASAAPHAMRHIQEHYGGTATFYLSQAADGAKVLCL
;
_entity_poly.pdbx_strand_id   A,B,C,D
#
loop_
_chem_comp.id
_chem_comp.type
_chem_comp.name
_chem_comp.formula
GAL D-saccharide, beta linking beta-D-galactopyranose 'C6 H12 O6'
HFK non-polymer 2-(1,3-benzoxazol-2-ylamino)spiro[1,6,7,8-tetrahydroquinazoline-4,1'-cyclohexane]-5-one 'C20 H22 N4 O2'
HGE non-polymer 'ethyl 1-pyrazin-2-ylpiperidine-4-carboxylate' 'C12 H17 N3 O2'
#
# COMPACT_ATOMS: atom_id res chain seq x y z
N ALA A 1 -2.69 -16.77 -6.50
CA ALA A 1 -2.32 -18.08 -7.03
C ALA A 1 -2.61 -18.16 -8.52
N ALA A 2 -1.98 -19.13 -9.19
CA ALA A 2 -2.17 -19.32 -10.62
C ALA A 2 -3.47 -20.06 -10.90
N LEU A 3 -4.19 -19.60 -11.93
CA LEU A 3 -5.45 -20.23 -12.32
C LEU A 3 -5.22 -21.65 -12.82
N ARG A 4 -6.09 -22.56 -12.40
CA ARG A 4 -6.02 -23.96 -12.82
C ARG A 4 -6.12 -24.06 -14.34
N GLN A 5 -5.36 -25.00 -14.90
CA GLN A 5 -5.41 -25.24 -16.34
C GLN A 5 -5.89 -26.65 -16.58
N PRO A 6 -7.17 -26.81 -16.93
CA PRO A 6 -7.78 -28.12 -17.15
C PRO A 6 -7.01 -28.95 -18.17
N GLN A 7 -6.76 -30.21 -17.84
CA GLN A 7 -6.14 -31.12 -18.80
C GLN A 7 -7.08 -31.33 -19.98
N VAL A 8 -6.53 -31.78 -21.10
CA VAL A 8 -7.34 -32.01 -22.30
C VAL A 8 -8.45 -33.02 -22.00
N ALA A 9 -8.20 -33.93 -21.08
CA ALA A 9 -9.18 -34.94 -20.69
C ALA A 9 -10.42 -34.31 -20.05
N GLU A 10 -10.20 -33.29 -19.23
CA GLU A 10 -11.30 -32.59 -18.55
C GLU A 10 -12.14 -31.77 -19.52
N LEU A 11 -11.48 -31.03 -20.40
CA LEU A 11 -12.18 -30.26 -21.42
C LEU A 11 -12.89 -31.20 -22.39
N LEU A 12 -12.26 -32.32 -22.68
CA LEU A 12 -12.87 -33.35 -23.52
C LEU A 12 -14.17 -33.86 -22.89
N ALA A 13 -14.11 -34.20 -21.61
CA ALA A 13 -15.26 -34.72 -20.89
C ALA A 13 -16.40 -33.70 -20.86
N GLU A 14 -16.07 -32.44 -20.61
CA GLU A 14 -17.07 -31.38 -20.61
C GLU A 14 -17.71 -31.22 -21.99
N ALA A 15 -16.88 -31.25 -23.03
CA ALA A 15 -17.36 -31.09 -24.40
C ALA A 15 -18.22 -32.28 -24.81
N ARG A 16 -17.81 -33.48 -24.41
CA ARG A 16 -18.54 -34.68 -24.77
C ARG A 16 -19.93 -34.73 -24.14
N ARG A 17 -20.00 -34.37 -22.86
CA ARG A 17 -21.27 -34.37 -22.14
C ARG A 17 -22.21 -33.32 -22.72
N ALA A 18 -21.64 -32.16 -23.05
CA ALA A 18 -22.41 -31.09 -23.68
C ALA A 18 -22.96 -31.53 -25.02
N PHE A 19 -22.10 -32.16 -25.83
CA PHE A 19 -22.52 -32.66 -27.14
C PHE A 19 -23.64 -33.69 -27.00
N ARG A 20 -23.46 -34.63 -26.08
CA ARG A 20 -24.42 -35.70 -25.87
C ARG A 20 -25.81 -35.15 -25.55
N GLU A 21 -25.85 -34.18 -24.65
CA GLU A 21 -27.12 -33.56 -24.26
C GLU A 21 -27.69 -32.71 -25.39
N GLU A 22 -26.81 -32.08 -26.16
CA GLU A 22 -27.23 -31.16 -27.21
C GLU A 22 -27.79 -31.88 -28.43
N PHE A 23 -27.10 -32.91 -28.89
CA PHE A 23 -27.45 -33.55 -30.15
C PHE A 23 -28.05 -34.95 -29.98
N GLY A 24 -28.18 -35.40 -28.73
CA GLY A 24 -28.84 -36.66 -28.44
C GLY A 24 -28.02 -37.89 -28.79
N ALA A 25 -26.76 -37.67 -29.15
CA ALA A 25 -25.87 -38.77 -29.49
C ALA A 25 -24.44 -38.46 -29.06
N GLU A 26 -23.62 -39.51 -29.03
CA GLU A 26 -22.22 -39.36 -28.67
C GLU A 26 -21.44 -38.80 -29.85
N PRO A 27 -20.50 -37.90 -29.59
CA PRO A 27 -19.64 -37.38 -30.67
C PRO A 27 -18.69 -38.45 -31.21
N GLU A 28 -18.28 -38.33 -32.46
CA GLU A 28 -17.42 -39.34 -33.09
C GLU A 28 -15.97 -38.88 -33.15
N LEU A 29 -15.77 -37.57 -33.04
CA LEU A 29 -14.44 -36.96 -33.22
C LEU A 29 -14.12 -35.97 -32.11
N ALA A 30 -12.84 -35.85 -31.79
CA ALA A 30 -12.38 -34.83 -30.85
C ALA A 30 -11.03 -34.27 -31.26
N VAL A 31 -10.90 -32.96 -31.26
CA VAL A 31 -9.62 -32.32 -31.52
C VAL A 31 -9.34 -31.22 -30.51
N SER A 32 -8.07 -30.84 -30.41
CA SER A 32 -7.67 -29.75 -29.54
C SER A 32 -6.61 -28.91 -30.25
N ALA A 33 -6.55 -27.63 -29.89
CA ALA A 33 -5.50 -26.73 -30.37
C ALA A 33 -5.24 -25.70 -29.30
N PRO A 34 -3.95 -25.46 -29.00
CA PRO A 34 -3.61 -24.61 -27.87
C PRO A 34 -3.56 -23.13 -28.20
N GLY A 35 -3.68 -22.31 -27.17
CA GLY A 35 -3.34 -20.90 -27.28
C GLY A 35 -1.83 -20.85 -27.13
N ARG A 36 -1.26 -19.67 -27.00
CA ARG A 36 0.19 -19.56 -26.88
C ARG A 36 0.67 -18.28 -26.24
N VAL A 37 1.93 -18.29 -25.85
CA VAL A 37 2.63 -17.09 -25.44
C VAL A 37 3.85 -16.92 -26.35
N ASN A 38 4.17 -15.68 -26.71
CA ASN A 38 5.37 -15.43 -27.50
C ASN A 38 6.50 -15.00 -26.58
N LEU A 39 7.54 -15.83 -26.48
CA LEU A 39 8.63 -15.55 -25.54
C LEU A 39 9.37 -14.27 -25.93
N ILE A 40 9.62 -14.11 -27.23
CA ILE A 40 10.28 -12.94 -27.76
C ILE A 40 10.14 -12.94 -29.29
N GLY A 41 10.27 -11.77 -29.90
CA GLY A 41 10.10 -11.64 -31.34
C GLY A 41 8.72 -11.08 -31.69
N GLU A 42 8.47 -9.86 -31.22
CA GLU A 42 7.14 -9.27 -31.34
C GLU A 42 7.04 -8.32 -32.52
N HIS A 43 5.92 -8.41 -33.24
CA HIS A 43 5.66 -7.59 -34.42
C HIS A 43 6.75 -7.77 -35.46
N THR A 44 7.23 -9.00 -35.55
CA THR A 44 8.20 -9.38 -36.55
C THR A 44 7.64 -10.40 -37.54
N ASP A 45 6.57 -11.10 -37.17
CA ASP A 45 6.11 -12.19 -38.03
C ASP A 45 5.62 -11.65 -39.39
N TYR A 46 4.86 -10.56 -39.40
CA TYR A 46 4.42 -9.99 -40.67
C TYR A 46 5.53 -9.18 -41.36
N ASN A 47 6.69 -9.08 -40.71
CA ASN A 47 7.85 -8.44 -41.32
C ASN A 47 8.85 -9.49 -41.81
N GLN A 48 8.34 -10.71 -42.00
CA GLN A 48 9.15 -11.85 -42.40
C GLN A 48 10.33 -12.06 -41.47
N GLY A 49 10.10 -11.82 -40.18
CA GLY A 49 11.15 -11.89 -39.19
C GLY A 49 11.24 -13.24 -38.48
N LEU A 50 11.73 -13.20 -37.25
CA LEU A 50 11.87 -14.39 -36.42
C LEU A 50 10.95 -14.25 -35.22
N VAL A 51 10.33 -15.35 -34.80
CA VAL A 51 9.52 -15.35 -33.59
C VAL A 51 9.84 -16.60 -32.78
N LEU A 52 9.68 -16.51 -31.47
CA LEU A 52 9.94 -17.64 -30.60
C LEU A 52 8.77 -17.90 -29.63
N PRO A 53 7.62 -18.35 -30.15
CA PRO A 53 6.51 -18.67 -29.25
C PRO A 53 6.59 -20.08 -28.67
N MET A 54 5.73 -20.38 -27.69
CA MET A 54 5.52 -21.75 -27.25
C MET A 54 4.01 -21.97 -27.05
N ALA A 55 3.56 -23.20 -27.27
CA ALA A 55 2.16 -23.54 -27.07
C ALA A 55 1.86 -23.65 -25.57
N LEU A 56 0.63 -23.33 -25.21
CA LEU A 56 0.19 -23.33 -23.82
C LEU A 56 -0.69 -24.53 -23.51
N GLU A 57 -0.83 -24.84 -22.22
CA GLU A 57 -1.75 -25.87 -21.80
C GLU A 57 -3.19 -25.35 -21.90
N LEU A 58 -3.35 -24.04 -21.96
CA LEU A 58 -4.63 -23.44 -22.31
C LEU A 58 -4.97 -23.80 -23.76
N MET A 59 -6.18 -24.32 -23.98
CA MET A 59 -6.52 -24.84 -25.29
C MET A 59 -8.00 -24.75 -25.63
N THR A 60 -8.30 -24.88 -26.92
CA THR A 60 -9.67 -25.00 -27.39
C THR A 60 -9.91 -26.44 -27.83
N VAL A 61 -11.04 -27.01 -27.42
CA VAL A 61 -11.38 -28.37 -27.79
C VAL A 61 -12.70 -28.41 -28.56
N LEU A 62 -12.71 -29.12 -29.68
CA LEU A 62 -13.92 -29.36 -30.44
C LEU A 62 -14.25 -30.83 -30.43
N VAL A 63 -15.51 -31.16 -30.12
CA VAL A 63 -15.97 -32.53 -30.33
C VAL A 63 -17.14 -32.48 -31.29
N GLY A 64 -17.32 -33.52 -32.08
CA GLY A 64 -18.36 -33.50 -33.09
C GLY A 64 -18.47 -34.70 -34.00
N SER A 65 -19.44 -34.62 -34.92
CA SER A 65 -19.71 -35.70 -35.86
C SER A 65 -20.05 -35.12 -37.23
N PRO A 66 -19.74 -35.87 -38.30
CA PRO A 66 -20.15 -35.40 -39.63
C PRO A 66 -21.66 -35.52 -39.81
N ARG A 67 -22.26 -34.61 -40.56
CA ARG A 67 -23.69 -34.70 -40.87
C ARG A 67 -23.87 -35.09 -42.33
N LYS A 68 -25.07 -35.55 -42.67
CA LYS A 68 -25.37 -35.96 -44.04
C LYS A 68 -26.21 -34.93 -44.80
N ASP A 69 -26.59 -33.84 -44.13
CA ASP A 69 -27.47 -32.86 -44.74
C ASP A 69 -26.79 -31.55 -45.13
N GLY A 70 -25.46 -31.54 -45.08
CA GLY A 70 -24.69 -30.39 -45.54
C GLY A 70 -24.87 -29.13 -44.72
N LEU A 71 -25.41 -29.28 -43.52
CA LEU A 71 -25.57 -28.14 -42.61
C LEU A 71 -24.51 -28.17 -41.53
N VAL A 72 -24.16 -27.00 -41.01
CA VAL A 72 -23.23 -26.93 -39.89
C VAL A 72 -23.97 -26.43 -38.66
N SER A 73 -23.88 -27.19 -37.56
CA SER A 73 -24.57 -26.84 -36.33
C SER A 73 -23.59 -26.76 -35.17
N LEU A 74 -23.50 -25.58 -34.57
CA LEU A 74 -22.48 -25.31 -33.56
C LEU A 74 -23.06 -24.92 -32.20
N LEU A 75 -22.31 -25.26 -31.16
CA LEU A 75 -22.61 -24.81 -29.81
C LEU A 75 -21.31 -24.57 -29.06
N THR A 76 -21.22 -23.43 -28.38
CA THR A 76 -20.09 -23.21 -27.50
C THR A 76 -20.57 -23.02 -26.06
N THR A 77 -19.76 -23.47 -25.12
CA THR A 77 -20.08 -23.36 -23.70
C THR A 77 -19.24 -22.28 -23.03
N SER A 78 -18.38 -21.64 -23.81
CA SER A 78 -17.53 -20.58 -23.28
C SER A 78 -18.34 -19.36 -22.88
N GLU A 79 -18.34 -19.03 -21.60
CA GLU A 79 -18.86 -17.75 -21.17
C GLU A 79 -17.85 -16.70 -21.62
N GLY A 80 -18.33 -15.55 -22.08
CA GLY A 80 -17.47 -14.58 -22.72
C GLY A 80 -17.74 -14.58 -24.21
N ALA A 81 -18.15 -15.73 -24.73
CA ALA A 81 -18.61 -15.83 -26.11
C ALA A 81 -19.93 -15.07 -26.24
N ASP A 82 -20.07 -14.33 -27.34
CA ASP A 82 -21.26 -13.52 -27.53
C ASP A 82 -22.48 -14.36 -27.92
N GLU A 83 -23.66 -13.86 -27.60
CA GLU A 83 -24.91 -14.54 -27.89
C GLU A 83 -25.25 -14.45 -29.39
N PRO A 84 -25.92 -15.48 -29.92
CA PRO A 84 -26.31 -16.72 -29.23
C PRO A 84 -25.15 -17.71 -29.12
N GLN A 85 -25.23 -18.63 -28.16
CA GLN A 85 -24.21 -19.65 -27.98
C GLN A 85 -24.37 -20.79 -28.99
N ARG A 86 -25.41 -20.70 -29.81
CA ARG A 86 -25.63 -21.69 -30.86
C ARG A 86 -25.79 -21.02 -32.21
N LEU A 87 -25.34 -21.71 -33.26
CA LEU A 87 -25.53 -21.21 -34.61
C LEU A 87 -25.60 -22.37 -35.60
N GLN A 88 -26.48 -22.23 -36.58
CA GLN A 88 -26.57 -23.18 -37.68
C GLN A 88 -26.56 -22.44 -39.00
N PHE A 89 -25.93 -23.04 -40.00
CA PHE A 89 -25.83 -22.43 -41.31
C PHE A 89 -25.51 -23.52 -42.33
N PRO A 90 -25.97 -23.34 -43.56
CA PRO A 90 -25.61 -24.33 -44.58
C PRO A 90 -24.14 -24.16 -44.99
N LEU A 91 -23.54 -25.23 -45.48
CA LEU A 91 -22.20 -25.15 -46.03
C LEU A 91 -22.16 -24.17 -47.20
N PRO A 92 -21.04 -23.46 -47.34
CA PRO A 92 -20.85 -22.57 -48.49
C PRO A 92 -20.88 -23.36 -49.79
N THR A 93 -21.23 -22.66 -50.87
CA THR A 93 -21.22 -23.27 -52.20
C THR A 93 -20.51 -22.34 -53.17
N ALA A 94 -20.38 -22.77 -54.41
CA ALA A 94 -19.77 -21.95 -55.44
C ALA A 94 -20.61 -20.70 -55.69
N GLN A 95 -21.91 -20.82 -55.46
CA GLN A 95 -22.85 -19.73 -55.70
C GLN A 95 -23.12 -18.90 -54.44
N ARG A 96 -22.91 -19.50 -53.27
CA ARG A 96 -23.17 -18.83 -52.01
C ARG A 96 -22.06 -19.12 -50.99
N SER A 97 -21.37 -18.06 -50.58
CA SER A 97 -20.28 -18.22 -49.63
C SER A 97 -20.70 -17.73 -48.25
N LEU A 98 -20.04 -18.24 -47.21
CA LEU A 98 -20.31 -17.80 -45.85
C LEU A 98 -19.93 -16.33 -45.69
N GLU A 99 -20.54 -15.68 -44.71
CA GLU A 99 -20.31 -14.26 -44.49
C GLU A 99 -20.12 -13.98 -43.00
N PRO A 100 -19.17 -13.08 -42.68
CA PRO A 100 -18.94 -12.67 -41.29
C PRO A 100 -20.18 -11.95 -40.74
N GLY A 101 -20.44 -12.11 -39.46
CA GLY A 101 -21.56 -11.46 -38.82
C GLY A 101 -21.63 -11.77 -37.33
N THR A 102 -22.85 -11.95 -36.82
CA THR A 102 -23.06 -12.27 -35.42
C THR A 102 -23.59 -13.70 -35.31
N PRO A 103 -23.16 -14.44 -34.27
CA PRO A 103 -22.22 -14.02 -33.22
C PRO A 103 -20.78 -14.06 -33.72
N ARG A 104 -19.93 -13.22 -33.14
CA ARG A 104 -18.56 -13.07 -33.62
C ARG A 104 -17.71 -14.34 -33.45
N TRP A 105 -18.02 -15.13 -32.42
CA TRP A 105 -17.22 -16.33 -32.15
C TRP A 105 -17.35 -17.34 -33.30
N ALA A 106 -18.48 -17.32 -33.98
CA ALA A 106 -18.72 -18.25 -35.08
C ALA A 106 -17.97 -17.83 -36.34
N ASN A 107 -17.61 -16.55 -36.44
CA ASN A 107 -16.86 -16.05 -37.58
C ASN A 107 -15.54 -16.80 -37.80
N TYR A 108 -14.91 -17.25 -36.72
CA TYR A 108 -13.65 -17.96 -36.84
C TYR A 108 -13.87 -19.34 -37.46
N VAL A 109 -14.92 -20.03 -36.99
CA VAL A 109 -15.28 -21.32 -37.58
C VAL A 109 -15.74 -21.16 -39.03
N LYS A 110 -16.60 -20.17 -39.29
CA LYS A 110 -17.06 -19.88 -40.65
C LYS A 110 -15.90 -19.59 -41.61
N GLY A 111 -14.93 -18.82 -41.14
CA GLY A 111 -13.80 -18.44 -41.96
C GLY A 111 -12.96 -19.63 -42.40
N VAL A 112 -12.71 -20.55 -41.47
CA VAL A 112 -11.92 -21.74 -41.76
C VAL A 112 -12.65 -22.66 -42.74
N ILE A 113 -13.95 -22.83 -42.52
CA ILE A 113 -14.79 -23.60 -43.45
C ILE A 113 -14.72 -23.00 -44.85
N GLN A 114 -14.91 -21.69 -44.95
CA GLN A 114 -14.93 -21.01 -46.24
C GLN A 114 -13.65 -21.22 -47.05
N TYR A 115 -12.51 -21.21 -46.36
CA TYR A 115 -11.23 -21.31 -47.06
C TYR A 115 -10.61 -22.70 -46.95
N TYR A 116 -11.33 -23.67 -46.41
CA TYR A 116 -10.81 -25.03 -46.36
C TYR A 116 -10.58 -25.53 -47.78
N PRO A 117 -9.34 -25.96 -48.08
CA PRO A 117 -8.91 -26.25 -49.46
C PRO A 117 -9.40 -27.58 -50.03
N ALA A 118 -9.78 -28.53 -49.18
CA ALA A 118 -10.11 -29.87 -49.67
C ALA A 118 -11.63 -30.07 -49.75
N ALA A 119 -12.04 -30.99 -50.63
CA ALA A 119 -13.45 -31.24 -50.91
C ALA A 119 -13.64 -32.71 -51.30
N PRO A 120 -14.87 -33.24 -51.15
CA PRO A 120 -16.06 -32.60 -50.58
C PRO A 120 -16.05 -32.59 -49.05
N LEU A 121 -16.31 -31.41 -48.49
CA LEU A 121 -16.49 -31.24 -47.06
C LEU A 121 -17.96 -31.49 -46.70
N PRO A 122 -18.23 -32.40 -45.77
CA PRO A 122 -19.61 -32.60 -45.32
C PRO A 122 -19.99 -31.58 -44.26
N GLY A 123 -21.28 -31.48 -43.97
CA GLY A 123 -21.72 -30.69 -42.85
C GLY A 123 -21.38 -31.42 -41.57
N PHE A 124 -21.52 -30.76 -40.43
CA PHE A 124 -21.20 -31.40 -39.16
C PHE A 124 -21.86 -30.73 -37.98
N SER A 125 -21.88 -31.45 -36.86
CA SER A 125 -22.35 -30.90 -35.59
C SER A 125 -21.15 -30.86 -34.67
N ALA A 126 -20.97 -29.76 -33.96
CA ALA A 126 -19.83 -29.63 -33.07
C ALA A 126 -20.12 -28.80 -31.83
N VAL A 127 -19.43 -29.12 -30.75
CA VAL A 127 -19.42 -28.34 -29.53
C VAL A 127 -18.01 -27.76 -29.31
N VAL A 128 -17.93 -26.49 -28.96
CA VAL A 128 -16.67 -25.81 -28.75
C VAL A 128 -16.48 -25.41 -27.29
N VAL A 129 -15.36 -25.83 -26.70
CA VAL A 129 -15.00 -25.40 -25.36
C VAL A 129 -13.57 -24.87 -25.39
N SER A 130 -13.24 -24.01 -24.43
CA SER A 130 -11.90 -23.45 -24.37
C SER A 130 -11.52 -23.06 -22.95
N SER A 131 -10.22 -23.08 -22.69
CA SER A 131 -9.68 -22.60 -21.43
C SER A 131 -8.77 -21.41 -21.71
N VAL A 132 -8.67 -21.05 -22.98
CA VAL A 132 -7.95 -19.84 -23.38
C VAL A 132 -8.84 -18.63 -23.18
N PRO A 133 -8.40 -17.66 -22.38
CA PRO A 133 -9.18 -16.46 -22.12
C PRO A 133 -9.52 -15.75 -23.42
N LEU A 134 -10.82 -15.61 -23.69
CA LEU A 134 -11.28 -15.05 -24.96
C LEU A 134 -10.80 -13.63 -25.16
N GLY A 135 -10.02 -13.43 -26.21
CA GLY A 135 -9.43 -12.13 -26.50
C GLY A 135 -8.50 -11.61 -25.41
N GLY A 136 -7.95 -12.52 -24.61
CA GLY A 136 -7.09 -12.15 -23.49
C GLY A 136 -5.62 -11.95 -23.83
N GLY A 137 -5.26 -12.13 -25.10
CA GLY A 137 -3.91 -11.90 -25.56
C GLY A 137 -3.09 -13.16 -25.81
N LEU A 138 -3.73 -14.32 -25.65
CA LEU A 138 -3.05 -15.59 -25.79
C LEU A 138 -3.54 -16.39 -27.00
N SER A 139 -4.11 -15.69 -27.98
CA SER A 139 -4.52 -16.26 -29.25
C SER A 139 -5.65 -17.27 -29.12
N SER A 140 -6.69 -16.90 -28.38
CA SER A 140 -7.88 -17.74 -28.29
C SER A 140 -8.40 -18.02 -29.70
N SER A 141 -8.44 -16.99 -30.53
CA SER A 141 -9.00 -17.13 -31.87
C SER A 141 -8.15 -18.04 -32.76
N ALA A 142 -6.82 -17.93 -32.66
CA ALA A 142 -5.95 -18.84 -33.40
C ALA A 142 -6.23 -20.28 -33.02
N SER A 143 -6.43 -20.54 -31.73
CA SER A 143 -6.68 -21.91 -31.28
C SER A 143 -8.01 -22.44 -31.80
N LEU A 144 -9.02 -21.58 -31.90
CA LEU A 144 -10.32 -21.97 -32.43
C LEU A 144 -10.20 -22.26 -33.93
N GLU A 145 -9.47 -21.40 -34.63
CA GLU A 145 -9.24 -21.60 -36.06
C GLU A 145 -8.53 -22.92 -36.33
N VAL A 146 -7.51 -23.20 -35.53
CA VAL A 146 -6.69 -24.38 -35.76
C VAL A 146 -7.41 -25.64 -35.31
N ALA A 147 -8.16 -25.54 -34.21
CA ALA A 147 -9.02 -26.64 -33.78
C ALA A 147 -10.02 -26.96 -34.88
N THR A 148 -10.62 -25.91 -35.44
CA THR A 148 -11.60 -26.10 -36.52
C THR A 148 -10.93 -26.76 -37.72
N TYR A 149 -9.75 -26.27 -38.11
CA TYR A 149 -9.04 -26.83 -39.26
C TYR A 149 -8.76 -28.31 -39.03
N THR A 150 -8.26 -28.62 -37.84
CA THR A 150 -7.89 -29.98 -37.47
C THR A 150 -9.11 -30.91 -37.54
N PHE A 151 -10.27 -30.35 -37.21
CA PHE A 151 -11.53 -31.10 -37.28
C PHE A 151 -11.92 -31.36 -38.74
N LEU A 152 -11.85 -30.33 -39.58
CA LEU A 152 -12.21 -30.46 -40.99
C LEU A 152 -11.34 -31.49 -41.72
N GLN A 153 -10.10 -31.64 -41.27
CA GLN A 153 -9.19 -32.64 -41.83
C GLN A 153 -9.69 -34.05 -41.59
N GLN A 154 -10.29 -34.27 -40.43
CA GLN A 154 -10.89 -35.57 -40.13
C GLN A 154 -12.12 -35.82 -40.99
N LEU A 155 -12.85 -34.77 -41.30
CA LEU A 155 -14.03 -34.86 -42.18
C LEU A 155 -13.59 -35.04 -43.63
N CYS A 156 -12.49 -34.39 -43.99
CA CYS A 156 -12.02 -34.37 -45.37
C CYS A 156 -10.54 -34.00 -45.42
N PRO A 157 -9.67 -35.03 -45.41
CA PRO A 157 -8.22 -34.82 -45.37
C PRO A 157 -7.74 -33.88 -46.46
N ASP A 158 -6.94 -32.88 -46.09
CA ASP A 158 -6.26 -32.06 -47.08
C ASP A 158 -5.02 -32.82 -47.53
N SER A 159 -4.26 -32.28 -48.47
CA SER A 159 -3.03 -32.93 -48.88
C SER A 159 -1.86 -31.95 -48.94
N GLY A 160 -1.89 -30.93 -48.08
CA GLY A 160 -0.87 -29.89 -48.10
C GLY A 160 0.06 -29.89 -46.91
N THR A 161 0.82 -28.80 -46.77
CA THR A 161 1.76 -28.67 -45.65
C THR A 161 1.10 -27.99 -44.46
N ILE A 162 1.85 -27.91 -43.35
CA ILE A 162 1.34 -27.31 -42.14
C ILE A 162 1.29 -25.79 -42.30
N ALA A 163 2.15 -25.25 -43.15
CA ALA A 163 2.15 -23.80 -43.37
C ALA A 163 0.91 -23.37 -44.15
N ALA A 164 0.50 -24.18 -45.11
CA ALA A 164 -0.74 -23.92 -45.85
C ALA A 164 -1.95 -23.94 -44.94
N ARG A 165 -1.93 -24.80 -43.92
CA ARG A 165 -3.00 -24.86 -42.93
C ARG A 165 -3.02 -23.60 -42.08
N ALA A 166 -1.83 -23.12 -41.71
CA ALA A 166 -1.74 -21.89 -40.93
C ALA A 166 -2.26 -20.71 -41.73
N GLN A 167 -1.97 -20.70 -43.03
CA GLN A 167 -2.35 -19.57 -43.88
C GLN A 167 -3.87 -19.54 -44.10
N VAL A 168 -4.48 -20.72 -44.17
CA VAL A 168 -5.93 -20.81 -44.22
C VAL A 168 -6.56 -20.21 -42.98
N CYS A 169 -6.02 -20.58 -41.81
CA CYS A 169 -6.55 -20.06 -40.55
C CYS A 169 -6.30 -18.57 -40.44
N GLN A 170 -5.14 -18.15 -40.95
CA GLN A 170 -4.79 -16.74 -41.02
C GLN A 170 -5.75 -15.96 -41.92
N GLN A 171 -6.08 -16.53 -43.08
CA GLN A 171 -7.02 -15.87 -44.00
C GLN A 171 -8.41 -15.74 -43.36
N ALA A 172 -8.79 -16.73 -42.57
CA ALA A 172 -10.05 -16.67 -41.82
C ALA A 172 -10.02 -15.49 -40.85
N GLU A 173 -8.88 -15.31 -40.17
CA GLU A 173 -8.73 -14.20 -39.24
C GLU A 173 -8.84 -12.88 -39.98
N HIS A 174 -8.15 -12.77 -41.12
CA HIS A 174 -8.20 -11.55 -41.92
C HIS A 174 -9.61 -11.23 -42.44
N SER A 175 -10.24 -12.21 -43.06
CA SER A 175 -11.45 -11.96 -43.84
C SER A 175 -12.75 -12.11 -43.04
N PHE A 176 -12.72 -12.88 -41.96
CA PHE A 176 -13.94 -13.10 -41.19
C PHE A 176 -13.90 -12.44 -39.82
N ALA A 177 -12.70 -12.12 -39.34
CA ALA A 177 -12.57 -11.45 -38.06
C ALA A 177 -11.97 -10.06 -38.21
N GLY A 178 -11.69 -9.65 -39.44
CA GLY A 178 -11.15 -8.33 -39.72
C GLY A 178 -9.84 -8.00 -39.00
N MET A 179 -9.05 -9.03 -38.72
CA MET A 179 -7.77 -8.83 -38.04
C MET A 179 -6.62 -9.39 -38.88
N PRO A 180 -5.85 -8.50 -39.52
CA PRO A 180 -4.82 -8.89 -40.49
C PRO A 180 -3.53 -9.38 -39.81
N CYS A 181 -3.65 -10.46 -39.05
CA CYS A 181 -2.55 -11.01 -38.28
C CYS A 181 -1.42 -11.55 -39.17
N GLY A 182 -0.26 -11.77 -38.55
CA GLY A 182 0.82 -12.50 -39.18
C GLY A 182 0.57 -13.98 -39.03
N ILE A 183 1.59 -14.80 -39.30
CA ILE A 183 1.40 -16.24 -39.31
C ILE A 183 1.67 -16.92 -37.95
N MET A 184 2.26 -16.19 -37.01
CA MET A 184 2.79 -16.82 -35.79
C MET A 184 1.75 -17.63 -35.02
N ASP A 185 0.63 -16.98 -34.70
CA ASP A 185 -0.37 -17.55 -33.81
C ASP A 185 -0.87 -18.90 -34.29
N GLN A 186 -1.18 -19.00 -35.57
CA GLN A 186 -1.70 -20.21 -36.15
C GLN A 186 -0.60 -21.25 -36.27
N PHE A 187 0.59 -20.80 -36.62
CA PHE A 187 1.71 -21.72 -36.81
C PHE A 187 2.07 -22.44 -35.52
N ILE A 188 2.14 -21.72 -34.42
CA ILE A 188 2.53 -22.35 -33.15
C ILE A 188 1.39 -23.22 -32.61
N SER A 189 0.14 -22.82 -32.87
CA SER A 189 -0.98 -23.64 -32.41
C SER A 189 -0.92 -24.99 -33.11
N LEU A 190 -0.59 -24.96 -34.40
CA LEU A 190 -0.43 -26.18 -35.19
C LEU A 190 0.78 -27.01 -34.80
N MET A 191 1.91 -26.34 -34.57
CA MET A 191 3.20 -27.04 -34.55
C MET A 191 3.88 -27.14 -33.19
N GLY A 192 3.21 -26.70 -32.13
CA GLY A 192 3.76 -26.79 -30.80
C GLY A 192 4.14 -28.21 -30.41
N GLN A 193 5.17 -28.33 -29.58
CA GLN A 193 5.56 -29.60 -29.02
C GLN A 193 5.81 -29.44 -27.53
N LYS A 194 5.29 -30.37 -26.73
CA LYS A 194 5.53 -30.36 -25.30
C LYS A 194 7.02 -30.27 -25.00
N GLY A 195 7.39 -29.31 -24.16
CA GLY A 195 8.76 -29.19 -23.69
C GLY A 195 9.64 -28.40 -24.63
N HIS A 196 9.04 -27.80 -25.66
CA HIS A 196 9.80 -26.99 -26.62
C HIS A 196 9.10 -25.69 -26.97
N ALA A 197 9.92 -24.65 -27.13
CA ALA A 197 9.48 -23.45 -27.82
C ALA A 197 9.72 -23.68 -29.30
N LEU A 198 9.20 -22.80 -30.14
CA LEU A 198 9.30 -23.00 -31.57
C LEU A 198 9.86 -21.74 -32.22
N LEU A 199 11.09 -21.83 -32.70
CA LEU A 199 11.69 -20.74 -33.46
C LEU A 199 11.12 -20.78 -34.87
N ILE A 200 10.41 -19.73 -35.25
CA ILE A 200 9.80 -19.68 -36.57
C ILE A 200 10.47 -18.60 -37.39
N ASP A 201 11.06 -18.99 -38.52
CA ASP A 201 11.54 -18.03 -39.50
C ASP A 201 10.38 -17.71 -40.42
N CYS A 202 9.86 -16.49 -40.32
CA CYS A 202 8.64 -16.13 -41.04
C CYS A 202 8.91 -15.70 -42.48
N ARG A 203 10.17 -15.72 -42.90
CA ARG A 203 10.49 -15.52 -44.30
C ARG A 203 10.51 -16.86 -45.02
N SER A 204 11.31 -17.79 -44.51
CA SER A 204 11.49 -19.09 -45.15
C SER A 204 10.45 -20.12 -44.73
N LEU A 205 9.78 -19.86 -43.61
CA LEU A 205 8.84 -20.79 -42.99
C LEU A 205 9.55 -22.05 -42.47
N GLU A 206 10.87 -21.96 -42.31
CA GLU A 206 11.62 -23.00 -41.61
C GLU A 206 11.34 -22.87 -40.11
N THR A 207 11.24 -23.99 -39.43
CA THR A 207 10.96 -23.96 -38.00
C THR A 207 11.90 -24.88 -37.25
N SER A 208 12.21 -24.50 -36.02
CA SER A 208 13.10 -25.29 -35.21
C SER A 208 12.55 -25.47 -33.80
N LEU A 209 12.49 -26.71 -33.35
CA LEU A 209 12.03 -26.99 -32.00
C LEU A 209 13.17 -26.80 -31.02
N VAL A 210 13.01 -25.79 -30.16
CA VAL A 210 14.03 -25.47 -29.16
C VAL A 210 13.62 -25.95 -27.78
N PRO A 211 14.38 -26.90 -27.22
CA PRO A 211 14.12 -27.47 -25.88
C PRO A 211 13.92 -26.42 -24.81
N LEU A 212 12.80 -26.52 -24.08
CA LEU A 212 12.49 -25.60 -23.00
C LEU A 212 11.76 -26.37 -21.90
N SER A 213 12.52 -27.18 -21.18
CA SER A 213 11.96 -27.96 -20.08
C SER A 213 12.99 -28.10 -18.98
N ASP A 214 13.07 -27.08 -18.13
CA ASP A 214 14.02 -27.06 -17.02
C ASP A 214 13.27 -26.83 -15.72
N PRO A 215 13.13 -27.89 -14.92
CA PRO A 215 12.67 -27.64 -13.55
C PRO A 215 13.71 -26.78 -12.85
N LYS A 216 13.27 -25.63 -12.34
CA LYS A 216 14.06 -24.52 -11.77
C LYS A 216 13.71 -23.29 -12.60
N LEU A 217 13.29 -23.54 -13.84
CA LEU A 217 12.85 -22.47 -14.71
C LEU A 217 11.34 -22.52 -14.88
N ALA A 218 10.70 -21.35 -14.79
CA ALA A 218 9.27 -21.27 -15.02
C ALA A 218 8.94 -20.09 -15.93
N VAL A 219 7.84 -20.23 -16.66
CA VAL A 219 7.31 -19.13 -17.46
C VAL A 219 6.01 -18.63 -16.86
N LEU A 220 6.02 -17.41 -16.34
CA LEU A 220 4.85 -16.83 -15.71
C LEU A 220 4.12 -15.90 -16.68
N ILE A 221 2.86 -16.21 -16.93
CA ILE A 221 2.05 -15.36 -17.78
C ILE A 221 1.10 -14.54 -16.92
N THR A 222 1.15 -13.22 -17.07
CA THR A 222 0.28 -12.34 -16.32
C THR A 222 -0.69 -11.59 -17.23
N ASN A 223 -1.99 -11.82 -17.03
CA ASN A 223 -3.01 -11.12 -17.79
C ASN A 223 -3.38 -9.79 -17.12
N SER A 224 -3.27 -8.71 -17.87
CA SER A 224 -3.63 -7.40 -17.36
C SER A 224 -5.14 -7.26 -17.24
N ASN A 225 -5.86 -8.13 -17.95
CA ASN A 225 -7.31 -8.08 -18.03
C ASN A 225 -7.81 -6.72 -18.49
N VAL A 226 -7.02 -6.07 -19.33
CA VAL A 226 -7.49 -4.90 -20.05
C VAL A 226 -7.16 -5.07 -21.52
N ARG A 227 -7.90 -4.37 -22.36
CA ARG A 227 -7.63 -4.38 -23.79
C ARG A 227 -8.16 -3.09 -24.40
N HIS A 228 -7.26 -2.15 -24.66
CA HIS A 228 -7.64 -0.90 -25.29
C HIS A 228 -8.06 -1.15 -26.72
N SER A 229 -8.93 -0.29 -27.26
CA SER A 229 -9.46 -0.45 -28.61
C SER A 229 -8.36 -0.38 -29.67
N LEU A 230 -7.24 0.24 -29.32
CA LEU A 230 -6.10 0.35 -30.23
C LEU A 230 -5.53 -1.00 -30.64
N ALA A 231 -5.73 -2.01 -29.80
CA ALA A 231 -5.26 -3.36 -30.11
C ALA A 231 -5.83 -3.84 -31.43
N SER A 232 -7.04 -3.37 -31.74
CA SER A 232 -7.70 -3.70 -33.00
C SER A 232 -7.38 -2.70 -34.12
N SER A 233 -7.40 -1.41 -33.80
CA SER A 233 -7.28 -0.40 -34.85
C SER A 233 -5.85 0.00 -35.17
N GLU A 234 -4.95 -0.10 -34.20
CA GLU A 234 -3.57 0.34 -34.43
C GLU A 234 -2.69 -0.79 -35.00
N TYR A 235 -3.11 -2.04 -34.80
CA TYR A 235 -2.39 -3.16 -35.38
C TYR A 235 -2.21 -3.02 -36.91
N PRO A 236 -3.30 -2.78 -37.68
CA PRO A 236 -3.09 -2.66 -39.12
C PRO A 236 -2.26 -1.44 -39.49
N VAL A 237 -2.32 -0.40 -38.65
CA VAL A 237 -1.52 0.80 -38.86
C VAL A 237 -0.02 0.45 -38.81
N ARG A 238 0.36 -0.38 -37.84
CA ARG A 238 1.76 -0.79 -37.72
C ARG A 238 2.23 -1.53 -38.97
N ARG A 239 1.39 -2.40 -39.50
CA ARG A 239 1.74 -3.16 -40.71
C ARG A 239 1.97 -2.23 -41.90
N ARG A 240 1.13 -1.22 -42.04
CA ARG A 240 1.25 -0.27 -43.14
C ARG A 240 2.52 0.57 -43.01
N GLN A 241 2.84 0.95 -41.77
CA GLN A 241 4.01 1.75 -41.50
C GLN A 241 5.30 0.98 -41.82
N CYS A 242 5.30 -0.32 -41.54
CA CYS A 242 6.45 -1.16 -41.85
C CYS A 242 6.58 -1.33 -43.36
N GLU A 243 5.45 -1.51 -44.03
CA GLU A 243 5.42 -1.65 -45.49
C GLU A 243 5.96 -0.40 -46.16
N GLU A 244 5.53 0.75 -45.66
CA GLU A 244 5.96 2.03 -46.20
C GLU A 244 7.48 2.20 -46.08
N VAL A 245 8.03 1.83 -44.92
CA VAL A 245 9.47 1.93 -44.71
C VAL A 245 10.23 0.97 -45.63
N ALA A 246 9.73 -0.26 -45.75
CA ALA A 246 10.35 -1.25 -46.62
C ALA A 246 10.31 -0.79 -48.08
N ARG A 247 9.23 -0.15 -48.47
CA ARG A 247 9.07 0.32 -49.84
C ARG A 247 10.01 1.47 -50.15
N ALA A 248 10.18 2.37 -49.18
CA ALA A 248 11.04 3.55 -49.34
C ALA A 248 12.51 3.17 -49.48
N LEU A 249 12.86 1.99 -48.98
CA LEU A 249 14.25 1.54 -48.99
C LEU A 249 14.49 0.50 -50.08
N GLY A 250 13.46 0.21 -50.85
CA GLY A 250 13.56 -0.76 -51.92
C GLY A 250 13.83 -2.17 -51.42
N ALA A 251 13.24 -2.50 -50.28
CA ALA A 251 13.42 -3.81 -49.69
C ALA A 251 12.13 -4.62 -49.75
N ALA A 252 12.26 -5.92 -50.00
CA ALA A 252 11.11 -6.82 -49.98
C ALA A 252 10.42 -6.78 -48.63
N SER A 253 11.22 -6.70 -47.57
CA SER A 253 10.71 -6.59 -46.20
C SER A 253 11.79 -6.06 -45.27
N LEU A 254 11.41 -5.78 -44.02
CA LEU A 254 12.37 -5.25 -43.05
C LEU A 254 13.36 -6.31 -42.59
N ARG A 255 13.05 -7.57 -42.88
CA ARG A 255 14.01 -8.66 -42.63
C ARG A 255 15.29 -8.41 -43.42
N GLU A 256 15.16 -7.80 -44.60
CA GLU A 256 16.33 -7.54 -45.45
C GLU A 256 17.10 -6.30 -45.00
N VAL A 257 16.55 -5.56 -44.03
CA VAL A 257 17.12 -4.30 -43.61
C VAL A 257 17.87 -4.43 -42.27
N GLN A 258 19.06 -3.84 -42.21
CA GLN A 258 19.84 -3.79 -40.98
C GLN A 258 19.87 -2.37 -40.43
N LEU A 259 20.13 -2.24 -39.13
CA LEU A 259 20.11 -0.94 -38.45
C LEU A 259 20.95 0.12 -39.15
N GLU A 260 22.12 -0.29 -39.65
CA GLU A 260 23.01 0.62 -40.35
C GLU A 260 22.36 1.17 -41.62
N GLU A 261 21.76 0.27 -42.40
CA GLU A 261 21.07 0.65 -43.62
C GLU A 261 19.90 1.58 -43.33
N LEU A 262 19.24 1.33 -42.20
CA LEU A 262 18.10 2.12 -41.78
C LEU A 262 18.52 3.55 -41.47
N GLU A 263 19.57 3.70 -40.66
CA GLU A 263 20.03 5.03 -40.27
C GLU A 263 20.57 5.82 -41.46
N ALA A 264 21.16 5.10 -42.41
CA ALA A 264 21.71 5.75 -43.60
C ALA A 264 20.62 6.30 -44.51
N ALA A 265 19.43 5.69 -44.43
CA ALA A 265 18.29 6.13 -45.22
C ALA A 265 17.27 6.83 -44.33
N ARG A 266 17.76 7.48 -43.28
CA ARG A 266 16.90 8.15 -42.31
C ARG A 266 16.05 9.24 -42.95
N ASP A 267 16.59 9.91 -43.94
CA ASP A 267 15.91 11.03 -44.59
C ASP A 267 14.77 10.56 -45.49
N LEU A 268 14.69 9.26 -45.73
CA LEU A 268 13.70 8.72 -46.66
C LEU A 268 12.40 8.28 -45.99
N VAL A 269 12.39 8.25 -44.65
CA VAL A 269 11.18 7.84 -43.94
C VAL A 269 10.76 8.85 -42.88
N SER A 270 9.55 8.69 -42.36
CA SER A 270 9.03 9.57 -41.32
C SER A 270 9.71 9.30 -39.99
N LYS A 271 9.58 10.23 -39.06
CA LYS A 271 10.17 10.10 -37.73
C LYS A 271 9.66 8.85 -37.03
N GLU A 272 8.35 8.70 -36.97
CA GLU A 272 7.73 7.53 -36.34
C GLU A 272 8.03 6.27 -37.14
N GLY A 273 8.08 6.41 -38.46
CA GLY A 273 8.39 5.29 -39.33
C GLY A 273 9.75 4.71 -39.01
N PHE A 274 10.71 5.58 -38.75
CA PHE A 274 12.04 5.16 -38.34
C PHE A 274 11.99 4.39 -37.03
N ARG A 275 11.19 4.89 -36.08
CA ARG A 275 11.04 4.25 -34.79
C ARG A 275 10.49 2.84 -34.93
N ARG A 276 9.51 2.68 -35.82
CA ARG A 276 8.90 1.37 -36.04
C ARG A 276 9.91 0.38 -36.60
N ALA A 277 10.65 0.81 -37.62
CA ALA A 277 11.62 -0.06 -38.28
C ALA A 277 12.78 -0.42 -37.35
N ARG A 278 13.20 0.53 -36.51
CA ARG A 278 14.31 0.29 -35.59
C ARG A 278 13.96 -0.82 -34.62
N HIS A 279 12.73 -0.82 -34.13
CA HIS A 279 12.26 -1.92 -33.29
C HIS A 279 12.32 -3.25 -34.04
N VAL A 280 11.78 -3.26 -35.26
CA VAL A 280 11.65 -4.50 -36.02
C VAL A 280 13.02 -5.11 -36.29
N VAL A 281 13.94 -4.29 -36.79
CA VAL A 281 15.30 -4.71 -37.09
C VAL A 281 16.01 -5.21 -35.82
N GLY A 282 15.85 -4.48 -34.71
CA GLY A 282 16.44 -4.87 -33.46
C GLY A 282 15.82 -6.12 -32.86
N GLU A 283 14.51 -6.29 -33.04
CA GLU A 283 13.78 -7.42 -32.46
C GLU A 283 14.11 -8.74 -33.17
N ILE A 284 14.32 -8.68 -34.47
CA ILE A 284 14.77 -9.86 -35.22
C ILE A 284 16.14 -10.30 -34.71
N ARG A 285 17.04 -9.33 -34.51
CA ARG A 285 18.37 -9.63 -33.96
C ARG A 285 18.24 -10.28 -32.58
N ARG A 286 17.54 -9.61 -31.68
CA ARG A 286 17.31 -10.10 -30.32
C ARG A 286 16.72 -11.50 -30.26
N THR A 287 15.86 -11.83 -31.22
CA THR A 287 15.24 -13.15 -31.26
C THR A 287 16.24 -14.22 -31.66
N ALA A 288 17.08 -13.89 -32.64
CA ALA A 288 18.19 -14.76 -33.00
C ALA A 288 19.11 -14.94 -31.80
N GLN A 289 19.43 -13.83 -31.14
CA GLN A 289 20.28 -13.87 -29.96
C GLN A 289 19.60 -14.66 -28.83
N ALA A 290 18.28 -14.52 -28.72
CA ALA A 290 17.53 -15.18 -27.65
C ALA A 290 17.51 -16.70 -27.85
N ALA A 291 17.26 -17.11 -29.09
CA ALA A 291 17.28 -18.51 -29.45
C ALA A 291 18.61 -19.17 -29.05
N ALA A 292 19.72 -18.51 -29.37
CA ALA A 292 21.04 -19.06 -29.02
C ALA A 292 21.21 -19.14 -27.50
N ALA A 293 20.80 -18.08 -26.80
CA ALA A 293 20.92 -18.03 -25.35
C ALA A 293 20.15 -19.18 -24.71
N LEU A 294 18.90 -19.38 -25.15
CA LEU A 294 18.07 -20.45 -24.63
C LEU A 294 18.70 -21.81 -24.86
N ARG A 295 19.37 -21.97 -26.01
CA ARG A 295 20.13 -23.17 -26.32
C ARG A 295 21.21 -23.45 -25.28
N ARG A 296 21.95 -22.41 -24.91
CA ARG A 296 23.06 -22.52 -23.96
C ARG A 296 22.55 -22.73 -22.55
N GLY A 297 21.25 -22.55 -22.35
CA GLY A 297 20.68 -22.56 -21.02
C GLY A 297 21.05 -21.29 -20.29
N ASP A 298 21.29 -20.23 -21.05
CA ASP A 298 21.67 -18.93 -20.50
C ASP A 298 20.41 -18.08 -20.30
N TYR A 299 19.72 -18.32 -19.19
CA TYR A 299 18.44 -17.66 -18.92
C TYR A 299 18.62 -16.19 -18.57
N ARG A 300 19.80 -15.86 -18.03
CA ARG A 300 20.09 -14.49 -17.64
C ARG A 300 20.22 -13.60 -18.87
N ALA A 301 20.83 -14.12 -19.93
CA ALA A 301 20.93 -13.37 -21.18
C ALA A 301 19.58 -13.33 -21.88
N PHE A 302 18.90 -14.46 -21.89
CA PHE A 302 17.56 -14.52 -22.47
C PHE A 302 16.67 -13.46 -21.82
N GLY A 303 16.68 -13.42 -20.48
CA GLY A 303 15.89 -12.47 -19.73
C GLY A 303 16.21 -11.03 -20.07
N ARG A 304 17.50 -10.72 -20.16
CA ARG A 304 17.95 -9.38 -20.52
C ARG A 304 17.42 -8.98 -21.89
N LEU A 305 17.41 -9.93 -22.82
CA LEU A 305 16.90 -9.69 -24.15
C LEU A 305 15.38 -9.46 -24.15
N MET A 306 14.67 -10.15 -23.25
CA MET A 306 13.23 -9.94 -23.11
C MET A 306 12.95 -8.49 -22.70
N VAL A 307 13.78 -7.98 -21.80
CA VAL A 307 13.64 -6.62 -21.29
C VAL A 307 13.88 -5.59 -22.39
N GLU A 308 14.88 -5.85 -23.24
CA GLU A 308 15.19 -4.97 -24.35
C GLU A 308 14.03 -4.99 -25.36
N SER A 309 13.44 -6.16 -25.53
CA SER A 309 12.26 -6.31 -26.39
C SER A 309 11.10 -5.43 -25.91
N HIS A 310 10.83 -5.45 -24.60
CA HIS A 310 9.74 -4.65 -24.06
C HIS A 310 10.00 -3.15 -24.22
N ARG A 311 11.21 -2.72 -23.87
CA ARG A 311 11.57 -1.32 -23.96
C ARG A 311 11.43 -0.82 -25.41
N SER A 312 11.82 -1.67 -26.34
CA SER A 312 11.72 -1.36 -27.75
C SER A 312 10.25 -1.22 -28.16
N LEU A 313 9.44 -2.19 -27.73
CA LEU A 313 8.01 -2.18 -28.00
C LEU A 313 7.32 -0.97 -27.37
N ARG A 314 7.80 -0.59 -26.19
CA ARG A 314 7.22 0.52 -25.46
C ARG A 314 7.60 1.86 -26.07
N ASP A 315 8.84 2.00 -26.48
CA ASP A 315 9.38 3.31 -26.85
C ASP A 315 9.47 3.56 -28.34
N ASP A 316 9.78 2.52 -29.11
CA ASP A 316 9.92 2.68 -30.56
C ASP A 316 8.67 2.27 -31.32
N TYR A 317 8.17 1.06 -31.03
CA TYR A 317 6.99 0.57 -31.73
C TYR A 317 5.72 1.14 -31.10
N GLU A 318 5.82 1.54 -29.84
CA GLU A 318 4.72 2.17 -29.11
C GLU A 318 3.43 1.36 -29.15
N VAL A 319 3.51 0.10 -28.72
CA VAL A 319 2.33 -0.74 -28.67
C VAL A 319 2.10 -1.31 -27.26
N SER A 320 2.80 -0.75 -26.28
CA SER A 320 2.55 -1.10 -24.89
C SER A 320 1.47 -0.17 -24.33
N CYS A 321 1.28 -0.23 -23.02
CA CYS A 321 0.33 0.64 -22.33
C CYS A 321 0.70 0.66 -20.85
N PRO A 322 0.23 1.69 -20.11
CA PRO A 322 0.55 1.82 -18.68
C PRO A 322 0.31 0.56 -17.87
N GLU A 323 -0.72 -0.21 -18.22
CA GLU A 323 -1.00 -1.46 -17.52
C GLU A 323 0.14 -2.47 -17.74
N LEU A 324 0.48 -2.71 -18.99
CA LEU A 324 1.57 -3.64 -19.33
C LEU A 324 2.89 -3.18 -18.73
N ASP A 325 3.15 -1.89 -18.81
CA ASP A 325 4.41 -1.35 -18.30
C ASP A 325 4.55 -1.54 -16.79
N GLN A 326 3.45 -1.29 -16.08
CA GLN A 326 3.44 -1.47 -14.62
C GLN A 326 3.60 -2.94 -14.26
N LEU A 327 3.06 -3.82 -15.07
CA LEU A 327 3.21 -5.25 -14.85
C LEU A 327 4.66 -5.69 -15.06
N VAL A 328 5.29 -5.14 -16.09
CA VAL A 328 6.68 -5.46 -16.38
C VAL A 328 7.61 -4.92 -15.29
N GLU A 329 7.46 -3.64 -14.98
CA GLU A 329 8.31 -3.01 -13.98
C GLU A 329 8.22 -3.72 -12.64
N ALA A 330 7.01 -4.17 -12.29
CA ALA A 330 6.79 -4.88 -11.04
C ALA A 330 7.53 -6.22 -11.02
N ALA A 331 7.42 -6.96 -12.12
CA ALA A 331 8.04 -8.27 -12.24
C ALA A 331 9.58 -8.21 -12.16
N LEU A 332 10.15 -7.16 -12.74
CA LEU A 332 11.61 -7.00 -12.78
C LEU A 332 12.17 -6.66 -11.40
N ALA A 333 11.29 -6.27 -10.49
CA ALA A 333 11.70 -5.91 -9.13
C ALA A 333 11.75 -7.13 -8.23
N VAL A 334 11.32 -8.27 -8.77
CA VAL A 334 11.25 -9.50 -7.98
C VAL A 334 12.51 -10.35 -8.16
N PRO A 335 13.13 -10.74 -7.03
CA PRO A 335 14.32 -11.59 -7.08
C PRO A 335 14.04 -12.94 -7.73
N GLY A 336 14.92 -13.39 -8.60
CA GLY A 336 14.73 -14.66 -9.27
C GLY A 336 14.11 -14.52 -10.65
N VAL A 337 13.64 -13.32 -10.97
CA VAL A 337 13.11 -13.04 -12.29
C VAL A 337 14.25 -12.69 -13.26
N TYR A 338 14.33 -13.43 -14.36
CA TYR A 338 15.33 -13.20 -15.39
C TYR A 338 14.95 -12.05 -16.30
N GLY A 339 13.69 -12.04 -16.72
CA GLY A 339 13.21 -10.99 -17.60
C GLY A 339 11.70 -10.98 -17.70
N SER A 340 11.16 -9.88 -18.22
CA SER A 340 9.72 -9.74 -18.40
C SER A 340 9.43 -8.76 -19.52
N ARG A 341 8.33 -8.98 -20.22
CA ARG A 341 7.97 -8.18 -21.38
C ARG A 341 6.50 -8.40 -21.74
N MET A 342 5.88 -7.39 -22.36
CA MET A 342 4.56 -7.59 -22.95
C MET A 342 4.67 -8.68 -24.02
N THR A 343 3.58 -9.38 -24.26
CA THR A 343 3.58 -10.44 -25.26
C THR A 343 2.34 -10.30 -26.15
N GLY A 344 2.45 -10.72 -27.40
CA GLY A 344 1.34 -10.59 -28.34
C GLY A 344 1.27 -9.20 -28.96
N GLY A 345 0.07 -8.80 -29.37
CA GLY A 345 -0.12 -7.56 -30.11
C GLY A 345 0.10 -6.27 -29.33
N GLY A 346 -0.21 -6.30 -28.04
CA GLY A 346 -0.02 -5.13 -27.21
C GLY A 346 -1.31 -4.38 -26.89
N PHE A 347 -1.16 -3.18 -26.34
CA PHE A 347 -2.30 -2.34 -25.93
C PHE A 347 -3.23 -3.06 -24.95
N GLY A 348 -2.63 -3.93 -24.13
CA GLY A 348 -3.37 -4.76 -23.20
C GLY A 348 -2.91 -6.20 -23.35
N GLY A 349 -3.68 -7.12 -22.79
CA GLY A 349 -3.33 -8.53 -22.87
C GLY A 349 -2.34 -8.92 -21.79
N CYS A 350 -1.44 -9.84 -22.13
CA CYS A 350 -0.56 -10.44 -21.14
C CYS A 350 0.90 -9.99 -21.22
N THR A 351 1.61 -10.14 -20.10
CA THR A 351 3.06 -10.08 -20.12
C THR A 351 3.58 -11.50 -19.93
N VAL A 352 4.83 -11.73 -20.31
CA VAL A 352 5.46 -13.03 -20.11
C VAL A 352 6.73 -12.83 -19.28
N THR A 353 6.89 -13.67 -18.27
CA THR A 353 8.03 -13.54 -17.37
C THR A 353 8.82 -14.83 -17.29
N LEU A 354 10.13 -14.71 -17.43
CA LEU A 354 11.04 -15.83 -17.24
C LEU A 354 11.68 -15.69 -15.87
N LEU A 355 11.54 -16.71 -15.03
CA LEU A 355 11.99 -16.62 -13.65
C LEU A 355 12.34 -18.00 -13.09
N GLU A 356 13.12 -18.01 -12.02
CA GLU A 356 13.40 -19.24 -11.29
C GLU A 356 12.07 -19.80 -10.77
N ALA A 357 11.88 -21.11 -10.91
CA ALA A 357 10.63 -21.75 -10.54
C ALA A 357 10.22 -21.45 -9.11
N SER A 358 11.20 -21.42 -8.21
CA SER A 358 10.91 -21.18 -6.80
C SER A 358 10.42 -19.76 -6.55
N ALA A 359 10.69 -18.85 -7.48
CA ALA A 359 10.32 -17.45 -7.31
C ALA A 359 8.89 -17.16 -7.75
N ALA A 360 8.24 -18.12 -8.41
CA ALA A 360 6.90 -17.90 -8.97
C ALA A 360 5.84 -17.44 -7.96
N PRO A 361 5.76 -18.06 -6.77
CA PRO A 361 4.74 -17.58 -5.84
C PRO A 361 4.97 -16.16 -5.35
N HIS A 362 6.23 -15.80 -5.10
CA HIS A 362 6.57 -14.46 -4.63
C HIS A 362 6.42 -13.43 -5.75
N ALA A 363 6.61 -13.87 -6.99
CA ALA A 363 6.42 -12.98 -8.13
C ALA A 363 4.95 -12.61 -8.25
N MET A 364 4.07 -13.60 -8.10
CA MET A 364 2.64 -13.39 -8.25
C MET A 364 2.10 -12.43 -7.19
N ARG A 365 2.53 -12.61 -5.94
CA ARG A 365 2.09 -11.74 -4.86
C ARG A 365 2.47 -10.29 -5.09
N HIS A 366 3.75 -10.05 -5.43
CA HIS A 366 4.26 -8.71 -5.63
C HIS A 366 3.70 -8.02 -6.87
N ILE A 367 3.63 -8.75 -7.98
CA ILE A 367 3.06 -8.20 -9.21
C ILE A 367 1.62 -7.73 -8.97
N GLN A 368 0.84 -8.57 -8.29
CA GLN A 368 -0.54 -8.23 -7.98
C GLN A 368 -0.64 -7.01 -7.07
N GLU A 369 0.26 -6.92 -6.09
CA GLU A 369 0.24 -5.83 -5.11
C GLU A 369 0.63 -4.50 -5.75
N HIS A 370 1.45 -4.56 -6.78
CA HIS A 370 1.88 -3.34 -7.47
C HIS A 370 1.02 -3.02 -8.68
N TYR A 371 0.19 -3.97 -9.08
CA TYR A 371 -0.71 -3.74 -10.21
C TYR A 371 -1.99 -3.06 -9.74
N GLY A 372 -2.13 -1.78 -10.09
CA GLY A 372 -3.33 -1.03 -9.78
C GLY A 372 -4.50 -1.53 -10.63
N GLY A 373 -4.90 -2.77 -10.37
CA GLY A 373 -5.91 -3.44 -11.16
C GLY A 373 -5.94 -4.90 -10.76
N THR A 374 -6.61 -5.73 -11.56
CA THR A 374 -6.75 -7.14 -11.21
C THR A 374 -6.02 -8.04 -12.20
N ALA A 375 -4.86 -8.52 -11.79
CA ALA A 375 -4.08 -9.41 -12.65
C ALA A 375 -4.51 -10.85 -12.49
N THR A 376 -4.37 -11.61 -13.57
CA THR A 376 -4.61 -13.04 -13.58
C THR A 376 -3.31 -13.73 -13.98
N PHE A 377 -3.00 -14.85 -13.35
CA PHE A 377 -1.72 -15.53 -13.58
C PHE A 377 -1.89 -16.94 -14.15
N TYR A 378 -0.98 -17.30 -15.05
CA TYR A 378 -0.84 -18.68 -15.50
C TYR A 378 0.62 -19.10 -15.41
N LEU A 379 0.86 -20.28 -14.83
CA LEU A 379 2.17 -20.90 -14.88
C LEU A 379 2.12 -22.04 -15.87
N SER A 380 2.79 -21.89 -17.01
CA SER A 380 2.61 -22.86 -18.09
C SER A 380 3.89 -23.50 -18.57
N GLN A 381 3.84 -24.82 -18.76
CA GLN A 381 4.87 -25.55 -19.46
C GLN A 381 4.65 -25.41 -20.97
N ALA A 382 5.69 -25.65 -21.76
CA ALA A 382 5.55 -25.71 -23.21
C ALA A 382 4.69 -26.91 -23.58
N ALA A 383 3.64 -26.69 -24.35
CA ALA A 383 2.66 -27.74 -24.60
C ALA A 383 2.63 -28.22 -26.05
N ASP A 384 1.90 -29.31 -26.28
CA ASP A 384 1.72 -29.88 -27.61
C ASP A 384 0.93 -28.96 -28.52
N GLY A 385 1.06 -29.17 -29.83
CA GLY A 385 0.25 -28.46 -30.80
C GLY A 385 -1.10 -29.16 -30.99
N ALA A 386 -1.72 -28.94 -32.15
CA ALA A 386 -3.04 -29.51 -32.42
C ALA A 386 -3.00 -31.04 -32.45
N LYS A 387 -4.03 -31.66 -31.88
CA LYS A 387 -4.10 -33.11 -31.82
C LYS A 387 -5.50 -33.63 -32.15
N VAL A 388 -5.59 -34.94 -32.39
CA VAL A 388 -6.88 -35.57 -32.71
C VAL A 388 -7.11 -36.80 -31.84
N LEU A 389 -8.34 -36.98 -31.38
CA LEU A 389 -8.71 -38.21 -30.68
C LEU A 389 -10.02 -38.76 -31.23
N CYS A 390 -9.97 -40.01 -31.70
CA CYS A 390 -11.15 -40.68 -32.19
C CYS A 390 -11.97 -41.19 -31.02
N LEU A 391 -13.27 -40.89 -31.02
CA LEU A 391 -14.12 -41.24 -29.88
C LEU A 391 -14.93 -42.49 -30.17
N ALA B 1 8.22 0.45 -7.18
CA ALA B 1 8.53 -0.75 -7.96
C ALA B 1 9.16 -1.81 -7.08
N ALA B 2 10.34 -1.52 -6.56
CA ALA B 2 11.04 -2.46 -5.69
C ALA B 2 10.60 -2.26 -4.24
N LEU B 3 9.76 -1.26 -4.01
CA LEU B 3 9.27 -0.95 -2.67
C LEU B 3 8.04 -1.78 -2.29
N ARG B 4 8.11 -2.49 -1.18
CA ARG B 4 6.97 -3.26 -0.66
C ARG B 4 6.16 -2.41 0.31
N GLN B 5 4.83 -2.58 0.30
CA GLN B 5 3.93 -1.63 0.96
C GLN B 5 3.99 -1.62 2.50
N PRO B 6 3.70 -2.75 3.18
CA PRO B 6 3.14 -4.06 2.85
C PRO B 6 1.66 -4.10 3.22
N GLN B 7 1.21 -5.24 3.70
CA GLN B 7 -0.20 -5.42 4.03
C GLN B 7 -0.60 -4.73 5.33
N VAL B 8 -0.68 -5.53 6.40
CA VAL B 8 -1.41 -5.24 7.65
C VAL B 8 -2.86 -4.85 7.34
N ALA B 9 -3.77 -5.40 8.13
CA ALA B 9 -5.20 -5.47 7.81
C ALA B 9 -5.43 -6.44 6.65
N GLU B 10 -4.71 -6.24 5.55
CA GLU B 10 -4.75 -7.17 4.43
C GLU B 10 -4.11 -8.49 4.81
N LEU B 11 -3.07 -8.43 5.62
CA LEU B 11 -2.41 -9.62 6.15
C LEU B 11 -3.36 -10.36 7.10
N LEU B 12 -4.07 -9.59 7.92
CA LEU B 12 -5.00 -10.16 8.89
C LEU B 12 -6.21 -10.77 8.19
N ALA B 13 -6.75 -10.05 7.22
CA ALA B 13 -7.87 -10.53 6.42
C ALA B 13 -7.52 -11.85 5.73
N GLU B 14 -6.30 -11.93 5.20
CA GLU B 14 -5.82 -13.15 4.55
C GLU B 14 -5.74 -14.30 5.55
N ALA B 15 -5.32 -13.98 6.77
CA ALA B 15 -5.25 -14.98 7.83
C ALA B 15 -6.64 -15.49 8.22
N ARG B 16 -7.58 -14.56 8.35
CA ARG B 16 -8.93 -14.90 8.77
C ARG B 16 -9.70 -15.68 7.69
N ARG B 17 -9.53 -15.27 6.44
CA ARG B 17 -10.17 -15.96 5.32
C ARG B 17 -9.60 -17.36 5.12
N ALA B 18 -8.35 -17.56 5.54
CA ALA B 18 -7.70 -18.86 5.39
C ALA B 18 -8.06 -19.82 6.52
N PHE B 19 -8.22 -19.28 7.72
CA PHE B 19 -8.61 -20.08 8.88
C PHE B 19 -10.02 -20.64 8.69
N ARG B 20 -10.93 -19.78 8.22
CA ARG B 20 -12.32 -20.18 8.05
C ARG B 20 -12.46 -21.26 6.97
N GLU B 21 -11.70 -21.12 5.89
CA GLU B 21 -11.74 -22.11 4.82
C GLU B 21 -11.22 -23.45 5.31
N GLU B 22 -10.10 -23.43 6.05
CA GLU B 22 -9.45 -24.65 6.50
C GLU B 22 -10.18 -25.32 7.67
N PHE B 23 -10.63 -24.52 8.65
CA PHE B 23 -11.18 -25.08 9.88
C PHE B 23 -12.70 -24.95 9.99
N GLY B 24 -13.31 -24.27 9.03
CA GLY B 24 -14.76 -24.14 9.00
C GLY B 24 -15.29 -22.97 9.83
N ALA B 25 -14.84 -22.87 11.07
CA ALA B 25 -15.37 -21.87 11.99
C ALA B 25 -14.52 -20.60 12.00
N GLU B 26 -15.09 -19.55 12.58
CA GLU B 26 -14.40 -18.27 12.69
C GLU B 26 -13.39 -18.33 13.82
N PRO B 27 -12.18 -17.77 13.59
CA PRO B 27 -11.17 -17.76 14.64
C PRO B 27 -11.57 -16.86 15.81
N GLU B 28 -11.24 -17.29 17.02
CA GLU B 28 -11.58 -16.51 18.21
C GLU B 28 -10.54 -15.44 18.49
N LEU B 29 -9.34 -15.63 17.95
CA LEU B 29 -8.17 -14.89 18.39
C LEU B 29 -7.28 -14.38 17.27
N ALA B 30 -6.68 -13.23 17.49
CA ALA B 30 -5.67 -12.70 16.59
C ALA B 30 -4.51 -12.14 17.40
N VAL B 31 -3.29 -12.53 17.04
CA VAL B 31 -2.10 -11.95 17.65
C VAL B 31 -1.05 -11.68 16.59
N SER B 32 -0.17 -10.73 16.87
CA SER B 32 0.91 -10.41 15.95
C SER B 32 2.20 -10.12 16.70
N ALA B 33 3.32 -10.25 16.01
CA ALA B 33 4.63 -9.87 16.55
C ALA B 33 5.53 -9.45 15.39
N PRO B 34 6.18 -8.29 15.50
CA PRO B 34 6.93 -7.69 14.40
C PRO B 34 8.28 -8.34 14.10
N GLY B 35 8.74 -8.13 12.88
CA GLY B 35 10.13 -8.34 12.55
C GLY B 35 10.88 -7.11 13.06
N ARG B 36 12.17 -7.05 12.77
CA ARG B 36 12.99 -6.00 13.37
C ARG B 36 14.13 -5.53 12.48
N VAL B 37 14.52 -4.28 12.67
CA VAL B 37 15.77 -3.77 12.13
C VAL B 37 16.59 -3.25 13.30
N ASN B 38 17.89 -3.50 13.26
CA ASN B 38 18.80 -2.97 14.27
C ASN B 38 19.44 -1.70 13.73
N LEU B 39 19.20 -0.58 14.39
CA LEU B 39 19.71 0.70 13.90
C LEU B 39 21.23 0.71 14.05
N ILE B 40 21.70 0.16 15.16
CA ILE B 40 23.13 0.07 15.46
C ILE B 40 23.30 -0.78 16.72
N GLY B 41 24.48 -1.37 16.89
CA GLY B 41 24.74 -2.28 17.99
C GLY B 41 24.75 -3.72 17.51
N GLU B 42 25.66 -4.02 16.60
CA GLU B 42 25.66 -5.34 15.95
C GLU B 42 26.68 -6.28 16.58
N HIS B 43 26.26 -7.53 16.74
CA HIS B 43 27.08 -8.58 17.36
C HIS B 43 27.60 -8.14 18.72
N THR B 44 26.74 -7.43 19.45
CA THR B 44 27.05 -6.99 20.80
C THR B 44 26.16 -7.70 21.83
N ASP B 45 24.99 -8.16 21.38
CA ASP B 45 24.00 -8.62 22.34
C ASP B 45 24.47 -9.87 23.07
N TYR B 46 25.17 -10.77 22.38
CA TYR B 46 25.69 -11.95 23.07
C TYR B 46 27.02 -11.64 23.76
N ASN B 47 27.45 -10.39 23.69
CA ASN B 47 28.62 -9.93 24.44
C ASN B 47 28.22 -9.01 25.58
N GLN B 48 26.98 -9.15 26.04
CA GLN B 48 26.41 -8.35 27.11
C GLN B 48 26.54 -6.86 26.81
N GLY B 49 26.41 -6.50 25.54
CA GLY B 49 26.57 -5.11 25.13
C GLY B 49 25.27 -4.32 25.06
N LEU B 50 25.29 -3.30 24.21
CA LEU B 50 24.11 -2.48 23.96
C LEU B 50 23.66 -2.66 22.52
N VAL B 51 22.35 -2.80 22.32
CA VAL B 51 21.79 -2.87 20.98
C VAL B 51 20.70 -1.83 20.84
N LEU B 52 20.46 -1.35 19.62
CA LEU B 52 19.43 -0.35 19.42
C LEU B 52 18.50 -0.72 18.25
N PRO B 53 17.70 -1.78 18.44
CA PRO B 53 16.77 -2.19 17.38
C PRO B 53 15.47 -1.38 17.37
N MET B 54 14.70 -1.55 16.30
CA MET B 54 13.36 -0.99 16.21
C MET B 54 12.43 -1.96 15.50
N ALA B 55 11.19 -2.05 15.97
CA ALA B 55 10.26 -3.00 15.40
C ALA B 55 9.76 -2.49 14.05
N LEU B 56 9.47 -3.42 13.16
CA LEU B 56 9.01 -3.08 11.81
C LEU B 56 7.52 -3.26 11.63
N GLU B 57 7.01 -2.66 10.58
CA GLU B 57 5.60 -2.79 10.23
C GLU B 57 5.38 -4.17 9.61
N LEU B 58 6.46 -4.77 9.12
CA LEU B 58 6.43 -6.16 8.71
C LEU B 58 6.17 -7.04 9.93
N MET B 59 5.32 -8.04 9.80
CA MET B 59 4.94 -8.82 10.98
C MET B 59 4.45 -10.22 10.66
N THR B 60 4.41 -11.05 11.70
CA THR B 60 3.82 -12.38 11.63
C THR B 60 2.52 -12.36 12.43
N VAL B 61 1.45 -12.83 11.80
CA VAL B 61 0.15 -12.87 12.47
C VAL B 61 -0.28 -14.30 12.71
N LEU B 62 -0.73 -14.58 13.93
CA LEU B 62 -1.38 -15.85 14.23
C LEU B 62 -2.85 -15.62 14.52
N VAL B 63 -3.68 -16.38 13.84
CA VAL B 63 -5.12 -16.25 13.97
C VAL B 63 -5.68 -17.64 14.24
N GLY B 64 -6.35 -17.81 15.38
CA GLY B 64 -6.78 -19.12 15.80
C GLY B 64 -7.72 -19.21 16.99
N SER B 65 -7.87 -20.42 17.51
CA SER B 65 -8.85 -20.71 18.56
C SER B 65 -8.40 -21.87 19.45
N PRO B 66 -8.82 -21.86 20.73
CA PRO B 66 -8.52 -22.95 21.67
C PRO B 66 -9.14 -24.28 21.25
N ARG B 67 -8.74 -25.36 21.92
CA ARG B 67 -9.26 -26.69 21.62
C ARG B 67 -9.22 -27.59 22.85
N GLY B 70 -6.10 -32.15 22.94
CA GLY B 70 -4.74 -31.64 23.01
C GLY B 70 -4.04 -31.71 21.67
N LEU B 71 -4.76 -31.33 20.61
CA LEU B 71 -4.20 -31.35 19.27
C LEU B 71 -3.82 -29.94 18.79
N VAL B 72 -2.61 -29.81 18.28
CA VAL B 72 -2.15 -28.56 17.68
C VAL B 72 -2.23 -28.65 16.16
N SER B 73 -3.17 -27.92 15.57
CA SER B 73 -3.37 -27.93 14.12
C SER B 73 -2.93 -26.59 13.52
N LEU B 74 -2.00 -26.63 12.57
CA LEU B 74 -1.44 -25.42 12.00
C LEU B 74 -1.54 -25.36 10.48
N LEU B 75 -1.58 -24.14 9.95
CA LEU B 75 -1.56 -23.91 8.51
C LEU B 75 -0.95 -22.55 8.21
N THR B 76 0.01 -22.51 7.29
CA THR B 76 0.61 -21.24 6.88
C THR B 76 0.42 -21.01 5.39
N THR B 77 0.28 -19.75 5.01
CA THR B 77 0.13 -19.36 3.61
C THR B 77 1.22 -18.37 3.19
N SER B 78 2.37 -18.47 3.84
CA SER B 78 3.41 -17.45 3.71
C SER B 78 4.09 -17.40 2.35
N GLU B 79 4.22 -18.55 1.70
CA GLU B 79 5.04 -18.73 0.50
C GLU B 79 6.51 -18.43 0.84
N GLY B 80 7.31 -19.48 0.86
CA GLY B 80 8.66 -19.41 1.38
C GLY B 80 8.83 -20.51 2.42
N ALA B 81 7.78 -20.72 3.21
CA ALA B 81 7.75 -21.84 4.14
C ALA B 81 7.75 -23.14 3.35
N ASP B 82 8.42 -24.16 3.90
CA ASP B 82 8.55 -25.43 3.22
C ASP B 82 7.32 -26.32 3.41
N GLU B 83 7.34 -27.48 2.79
CA GLU B 83 6.21 -28.41 2.84
C GLU B 83 6.35 -29.40 4.01
N PRO B 84 5.22 -29.80 4.60
CA PRO B 84 3.87 -29.33 4.29
C PRO B 84 3.54 -28.00 4.96
N GLN B 85 2.70 -27.19 4.32
CA GLN B 85 2.28 -25.92 4.90
C GLN B 85 1.06 -26.14 5.80
N ARG B 86 0.60 -27.38 5.88
CA ARG B 86 -0.44 -27.77 6.81
C ARG B 86 0.09 -28.86 7.73
N LEU B 87 -0.30 -28.82 9.00
CA LEU B 87 0.29 -29.73 9.99
C LEU B 87 -0.59 -29.96 11.21
N GLN B 88 -0.50 -31.16 11.78
CA GLN B 88 -1.21 -31.51 13.00
C GLN B 88 -0.35 -32.43 13.86
N PHE B 89 -0.23 -32.10 15.14
CA PHE B 89 0.58 -32.91 16.06
C PHE B 89 0.12 -32.74 17.50
N PRO B 90 0.29 -33.78 18.32
CA PRO B 90 -0.16 -33.72 19.72
C PRO B 90 0.73 -32.85 20.60
N LEU B 91 0.18 -32.39 21.72
CA LEU B 91 0.94 -31.59 22.69
C LEU B 91 1.92 -32.48 23.46
N PRO B 92 3.06 -31.90 23.88
CA PRO B 92 4.08 -32.65 24.63
C PRO B 92 3.61 -33.03 26.04
N THR B 93 4.00 -34.22 26.49
CA THR B 93 3.68 -34.66 27.83
C THR B 93 4.73 -34.20 28.82
N ALA B 94 4.83 -34.87 29.96
CA ALA B 94 5.85 -34.58 30.95
C ALA B 94 7.01 -35.54 30.79
N GLN B 95 6.79 -36.60 30.02
CA GLN B 95 7.82 -37.61 29.78
C GLN B 95 8.11 -37.72 28.28
N ARG B 96 7.23 -37.19 27.46
CA ARG B 96 7.41 -37.19 26.01
C ARG B 96 7.50 -35.78 25.46
N SER B 97 8.72 -35.29 25.29
CA SER B 97 8.95 -33.94 24.80
C SER B 97 8.70 -33.85 23.30
N LEU B 98 8.68 -32.63 22.78
CA LEU B 98 8.61 -32.41 21.34
C LEU B 98 10.03 -32.29 20.80
N GLU B 99 10.21 -32.66 19.54
CA GLU B 99 11.53 -32.59 18.91
C GLU B 99 11.45 -31.90 17.56
N PRO B 100 12.52 -31.17 17.18
CA PRO B 100 12.52 -30.49 15.88
C PRO B 100 12.54 -31.49 14.73
N GLY B 101 11.99 -31.11 13.58
CA GLY B 101 11.96 -31.99 12.43
C GLY B 101 11.52 -31.29 11.15
N THR B 102 10.49 -31.84 10.53
CA THR B 102 10.00 -31.36 9.24
C THR B 102 8.51 -31.08 9.34
N PRO B 103 8.05 -29.91 8.81
CA PRO B 103 8.81 -28.86 8.12
C PRO B 103 9.62 -27.98 9.06
N ARG B 104 10.52 -27.19 8.48
CA ARG B 104 11.43 -26.36 9.27
C ARG B 104 10.70 -25.20 9.95
N TRP B 105 9.68 -24.66 9.28
CA TRP B 105 8.97 -23.49 9.80
C TRP B 105 8.18 -23.82 11.05
N ALA B 106 7.76 -25.07 11.19
CA ALA B 106 6.97 -25.48 12.34
C ALA B 106 7.85 -25.71 13.57
N ASN B 107 9.16 -25.80 13.36
CA ASN B 107 10.10 -25.96 14.46
C ASN B 107 10.04 -24.79 15.42
N TYR B 108 9.77 -23.60 14.89
CA TYR B 108 9.68 -22.40 15.70
C TYR B 108 8.47 -22.43 16.61
N VAL B 109 7.34 -22.87 16.07
CA VAL B 109 6.10 -22.97 16.84
C VAL B 109 6.22 -24.09 17.87
N LYS B 110 6.68 -25.26 17.42
CA LYS B 110 6.84 -26.40 18.30
C LYS B 110 7.83 -26.09 19.44
N GLY B 111 8.88 -25.34 19.10
CA GLY B 111 9.89 -24.97 20.08
C GLY B 111 9.37 -24.12 21.20
N VAL B 112 8.54 -23.14 20.88
CA VAL B 112 7.93 -22.27 21.87
C VAL B 112 6.95 -23.04 22.76
N ILE B 113 6.17 -23.94 22.15
CA ILE B 113 5.23 -24.78 22.88
C ILE B 113 5.97 -25.62 23.92
N GLN B 114 7.07 -26.23 23.49
CA GLN B 114 7.87 -27.10 24.34
C GLN B 114 8.40 -26.42 25.60
N TYR B 115 8.79 -25.16 25.49
CA TYR B 115 9.40 -24.45 26.61
C TYR B 115 8.46 -23.46 27.27
N TYR B 116 7.19 -23.51 26.93
CA TYR B 116 6.21 -22.60 27.54
C TYR B 116 6.05 -22.94 29.02
N PRO B 117 6.30 -21.95 29.89
CA PRO B 117 6.48 -22.14 31.34
C PRO B 117 5.19 -22.35 32.13
N ALA B 118 4.04 -22.01 31.57
CA ALA B 118 2.78 -22.10 32.32
C ALA B 118 1.92 -23.27 31.85
N ALA B 119 0.98 -23.65 32.71
CA ALA B 119 0.10 -24.79 32.47
C ALA B 119 -1.25 -24.55 33.15
N PRO B 120 -2.31 -25.23 32.68
CA PRO B 120 -2.37 -26.18 31.57
C PRO B 120 -2.51 -25.51 30.21
N LEU B 121 -1.63 -25.87 29.29
CA LEU B 121 -1.71 -25.37 27.92
C LEU B 121 -2.56 -26.29 27.06
N PRO B 122 -3.67 -25.76 26.54
CA PRO B 122 -4.59 -26.56 25.73
C PRO B 122 -4.08 -26.76 24.31
N GLY B 123 -4.88 -27.45 23.49
CA GLY B 123 -4.58 -27.56 22.07
C GLY B 123 -5.20 -26.38 21.36
N PHE B 124 -4.88 -26.21 20.08
CA PHE B 124 -5.42 -25.07 19.34
C PHE B 124 -5.29 -25.24 17.83
N SER B 125 -6.20 -24.58 17.11
CA SER B 125 -6.10 -24.46 15.66
C SER B 125 -5.63 -23.04 15.34
N ALA B 126 -4.75 -22.90 14.36
CA ALA B 126 -4.19 -21.59 14.04
C ALA B 126 -3.70 -21.49 12.60
N VAL B 127 -3.88 -20.32 12.00
CA VAL B 127 -3.31 -20.02 10.70
C VAL B 127 -2.20 -18.98 10.86
N VAL B 128 -1.05 -19.26 10.26
CA VAL B 128 0.13 -18.40 10.38
C VAL B 128 0.44 -17.67 9.07
N VAL B 129 0.49 -16.35 9.14
CA VAL B 129 0.88 -15.53 7.99
C VAL B 129 1.99 -14.58 8.41
N SER B 130 2.77 -14.11 7.44
CA SER B 130 3.84 -13.17 7.75
C SER B 130 4.19 -12.31 6.54
N SER B 131 4.61 -11.09 6.81
CA SER B 131 5.10 -10.19 5.77
C SER B 131 6.61 -9.94 5.95
N VAL B 132 7.18 -10.56 6.97
CA VAL B 132 8.62 -10.49 7.17
C VAL B 132 9.28 -11.43 6.17
N PRO B 133 10.23 -10.91 5.37
CA PRO B 133 10.89 -11.77 4.39
C PRO B 133 11.57 -12.96 5.09
N LEU B 134 11.09 -14.17 4.82
CA LEU B 134 11.53 -15.36 5.53
C LEU B 134 13.04 -15.59 5.38
N GLY B 135 13.78 -15.35 6.45
CA GLY B 135 15.22 -15.52 6.46
C GLY B 135 15.96 -14.43 5.70
N GLY B 136 15.44 -13.21 5.72
CA GLY B 136 16.04 -12.10 5.01
C GLY B 136 16.85 -11.17 5.87
N GLY B 137 17.02 -11.53 7.14
CA GLY B 137 17.81 -10.73 8.06
C GLY B 137 16.98 -9.77 8.91
N LEU B 138 15.66 -9.90 8.87
CA LEU B 138 14.77 -9.03 9.63
C LEU B 138 14.05 -9.79 10.74
N SER B 139 14.61 -10.93 11.14
CA SER B 139 14.14 -11.74 12.27
C SER B 139 12.72 -12.29 12.08
N SER B 140 12.47 -12.92 10.94
CA SER B 140 11.19 -13.56 10.69
C SER B 140 10.89 -14.63 11.74
N SER B 141 11.92 -15.41 12.09
CA SER B 141 11.75 -16.50 13.06
C SER B 141 11.41 -15.97 14.44
N ALA B 142 12.06 -14.88 14.85
CA ALA B 142 11.74 -14.26 16.13
C ALA B 142 10.30 -13.76 16.17
N SER B 143 9.84 -13.23 15.04
CA SER B 143 8.46 -12.77 14.95
C SER B 143 7.53 -13.96 15.12
N LEU B 144 7.87 -15.08 14.45
CA LEU B 144 7.08 -16.30 14.55
C LEU B 144 7.08 -16.85 15.97
N GLU B 145 8.25 -16.86 16.61
CA GLU B 145 8.37 -17.34 17.98
C GLU B 145 7.54 -16.51 18.96
N VAL B 146 7.74 -15.19 18.92
CA VAL B 146 7.05 -14.29 19.83
C VAL B 146 5.54 -14.29 19.60
N ALA B 147 5.13 -14.32 18.34
CA ALA B 147 3.71 -14.36 18.02
C ALA B 147 3.08 -15.64 18.58
N THR B 148 3.82 -16.74 18.45
CA THR B 148 3.37 -18.02 19.00
C THR B 148 3.25 -17.93 20.52
N TYR B 149 4.27 -17.38 21.16
CA TYR B 149 4.26 -17.22 22.62
C TYR B 149 3.08 -16.35 23.04
N THR B 150 2.88 -15.25 22.32
CA THR B 150 1.80 -14.31 22.61
C THR B 150 0.44 -15.00 22.52
N PHE B 151 0.29 -15.85 21.52
CA PHE B 151 -0.94 -16.61 21.32
C PHE B 151 -1.18 -17.58 22.48
N LEU B 152 -0.12 -18.27 22.91
CA LEU B 152 -0.21 -19.24 24.00
C LEU B 152 -0.62 -18.55 25.29
N GLN B 153 -0.21 -17.28 25.44
CA GLN B 153 -0.56 -16.49 26.60
C GLN B 153 -2.06 -16.33 26.77
N GLN B 154 -2.78 -16.26 25.65
CA GLN B 154 -4.22 -16.14 25.71
C GLN B 154 -4.85 -17.48 26.04
N LEU B 155 -4.20 -18.56 25.60
CA LEU B 155 -4.67 -19.90 25.92
C LEU B 155 -4.35 -20.24 27.37
N CYS B 156 -3.15 -19.89 27.83
CA CYS B 156 -2.75 -20.14 29.20
C CYS B 156 -1.77 -19.07 29.68
N PRO B 157 -2.31 -18.01 30.31
CA PRO B 157 -1.55 -16.85 30.78
C PRO B 157 -0.39 -17.24 31.69
N ASP B 158 0.81 -16.77 31.38
CA ASP B 158 1.95 -16.99 32.26
C ASP B 158 1.92 -15.96 33.38
N SER B 159 2.84 -16.07 34.32
CA SER B 159 2.96 -15.06 35.36
C SER B 159 4.39 -14.56 35.36
N GLY B 160 4.95 -14.42 34.16
CA GLY B 160 6.35 -14.13 34.01
C GLY B 160 6.70 -12.74 33.53
N THR B 161 8.00 -12.54 33.31
CA THR B 161 8.55 -11.26 32.90
C THR B 161 8.88 -11.25 31.41
N ILE B 162 9.13 -10.06 30.88
CA ILE B 162 9.46 -9.91 29.47
C ILE B 162 10.75 -10.62 29.10
N ALA B 163 11.73 -10.63 30.00
CA ALA B 163 12.99 -11.31 29.72
C ALA B 163 12.80 -12.82 29.70
N ALA B 164 11.93 -13.32 30.58
CA ALA B 164 11.64 -14.74 30.63
C ALA B 164 10.99 -15.21 29.33
N ARG B 165 10.08 -14.40 28.81
CA ARG B 165 9.40 -14.73 27.55
C ARG B 165 10.38 -14.79 26.39
N ALA B 166 11.29 -13.81 26.33
CA ALA B 166 12.30 -13.75 25.27
C ALA B 166 13.29 -14.91 25.37
N GLN B 167 13.61 -15.31 26.60
CA GLN B 167 14.51 -16.44 26.82
C GLN B 167 13.87 -17.74 26.30
N VAL B 168 12.56 -17.88 26.49
CA VAL B 168 11.84 -19.04 25.98
C VAL B 168 11.89 -19.10 24.46
N CYS B 169 11.60 -17.98 23.81
CA CYS B 169 11.66 -17.90 22.36
C CYS B 169 13.09 -18.08 21.86
N GLN B 170 14.05 -17.58 22.63
CA GLN B 170 15.46 -17.71 22.29
C GLN B 170 15.91 -19.17 22.30
N GLN B 171 15.49 -19.90 23.32
CA GLN B 171 15.84 -21.32 23.46
C GLN B 171 15.18 -22.13 22.37
N ALA B 172 14.03 -21.67 21.90
CA ALA B 172 13.36 -22.29 20.77
C ALA B 172 14.22 -22.14 19.52
N GLU B 173 14.78 -20.95 19.33
CA GLU B 173 15.69 -20.70 18.21
C GLU B 173 16.94 -21.56 18.34
N HIS B 174 17.49 -21.64 19.56
CA HIS B 174 18.68 -22.43 19.83
C HIS B 174 18.48 -23.92 19.58
N SER B 175 17.45 -24.48 20.23
CA SER B 175 17.29 -25.93 20.29
C SER B 175 16.48 -26.53 19.14
N PHE B 176 15.56 -25.76 18.58
CA PHE B 176 14.69 -26.28 17.52
C PHE B 176 15.06 -25.76 16.14
N ALA B 177 15.88 -24.71 16.09
CA ALA B 177 16.28 -24.12 14.81
C ALA B 177 17.79 -24.17 14.61
N GLY B 178 18.52 -24.58 15.64
CA GLY B 178 19.96 -24.74 15.56
C GLY B 178 20.76 -23.45 15.48
N MET B 179 20.10 -22.31 15.73
CA MET B 179 20.76 -21.02 15.66
C MET B 179 20.94 -20.37 17.04
N PRO B 180 22.18 -20.32 17.53
CA PRO B 180 22.50 -19.82 18.87
C PRO B 180 22.49 -18.28 18.97
N CYS B 181 21.33 -17.69 18.77
CA CYS B 181 21.20 -16.23 18.74
C CYS B 181 21.32 -15.57 20.11
N GLY B 182 21.61 -14.27 20.11
CA GLY B 182 21.50 -13.47 21.31
C GLY B 182 20.05 -13.12 21.60
N ILE B 183 19.83 -12.15 22.49
CA ILE B 183 18.48 -11.84 22.95
C ILE B 183 17.78 -10.72 22.18
N MET B 184 18.51 -10.02 21.32
CA MET B 184 17.96 -8.82 20.69
C MET B 184 16.65 -9.02 19.95
N ASP B 185 16.63 -9.96 19.00
CA ASP B 185 15.51 -10.11 18.08
C ASP B 185 14.21 -10.44 18.83
N GLN B 186 14.29 -11.31 19.84
CA GLN B 186 13.12 -11.66 20.62
C GLN B 186 12.65 -10.49 21.48
N PHE B 187 13.58 -9.81 22.13
CA PHE B 187 13.27 -8.68 22.99
C PHE B 187 12.54 -7.56 22.25
N ILE B 188 13.04 -7.20 21.08
CA ILE B 188 12.44 -6.11 20.31
C ILE B 188 11.06 -6.52 19.78
N SER B 189 10.91 -7.79 19.40
CA SER B 189 9.64 -8.26 18.88
C SER B 189 8.58 -8.23 19.97
N LEU B 190 8.99 -8.57 21.19
CA LEU B 190 8.12 -8.50 22.35
C LEU B 190 7.83 -7.06 22.79
N MET B 191 8.87 -6.22 22.83
CA MET B 191 8.78 -4.95 23.55
C MET B 191 8.78 -3.69 22.68
N GLY B 192 8.78 -3.85 21.37
CA GLY B 192 8.70 -2.70 20.49
C GLY B 192 7.47 -1.86 20.75
N GLN B 193 7.57 -0.56 20.51
CA GLN B 193 6.41 0.33 20.57
C GLN B 193 6.46 1.28 19.40
N LYS B 194 5.29 1.62 18.85
CA LYS B 194 5.20 2.54 17.73
C LYS B 194 5.85 3.88 18.07
N GLY B 195 6.65 4.39 17.14
CA GLY B 195 7.30 5.67 17.34
C GLY B 195 8.45 5.64 18.33
N HIS B 196 8.97 4.45 18.61
CA HIS B 196 10.13 4.33 19.49
C HIS B 196 11.15 3.30 19.00
N ALA B 197 12.43 3.59 19.25
CA ALA B 197 13.47 2.58 19.18
C ALA B 197 13.69 2.03 20.59
N LEU B 198 14.22 0.81 20.68
CA LEU B 198 14.45 0.19 21.97
C LEU B 198 15.94 0.06 22.27
N LEU B 199 16.41 0.79 23.28
CA LEU B 199 17.79 0.63 23.73
C LEU B 199 17.85 -0.50 24.74
N ILE B 200 18.48 -1.61 24.37
CA ILE B 200 18.57 -2.77 25.25
C ILE B 200 19.97 -2.95 25.82
N ASP B 201 20.07 -2.90 27.14
CA ASP B 201 21.31 -3.25 27.82
C ASP B 201 21.29 -4.75 28.05
N CYS B 202 22.04 -5.49 27.25
CA CYS B 202 22.00 -6.94 27.30
C CYS B 202 22.79 -7.51 28.48
N ARG B 203 23.28 -6.65 29.36
CA ARG B 203 23.87 -7.10 30.61
C ARG B 203 22.86 -7.03 31.75
N SER B 204 22.35 -5.83 32.02
CA SER B 204 21.41 -5.61 33.10
C SER B 204 19.97 -5.93 32.70
N LEU B 205 19.77 -6.13 31.40
CA LEU B 205 18.44 -6.38 30.82
C LEU B 205 17.49 -5.22 31.07
N GLU B 206 18.06 -4.03 31.28
CA GLU B 206 17.28 -2.80 31.30
C GLU B 206 16.99 -2.38 29.86
N THR B 207 15.78 -1.91 29.61
CA THR B 207 15.42 -1.44 28.28
C THR B 207 14.85 -0.03 28.35
N SER B 208 15.26 0.80 27.39
CA SER B 208 14.73 2.15 27.30
C SER B 208 14.00 2.36 25.98
N LEU B 209 12.80 2.91 26.07
CA LEU B 209 12.03 3.25 24.87
C LEU B 209 12.41 4.65 24.43
N VAL B 210 13.18 4.73 23.36
CA VAL B 210 13.68 6.01 22.87
C VAL B 210 12.78 6.56 21.78
N PRO B 211 12.18 7.74 22.03
CA PRO B 211 11.29 8.41 21.07
C PRO B 211 11.93 8.55 19.70
N LEU B 212 11.28 7.99 18.70
CA LEU B 212 11.77 8.02 17.33
C LEU B 212 10.64 8.49 16.43
N SER B 213 10.24 9.74 16.62
CA SER B 213 9.11 10.30 15.91
C SER B 213 9.44 11.63 15.27
N ASP B 214 9.96 11.56 14.05
CA ASP B 214 10.21 12.75 13.25
C ASP B 214 9.82 12.44 11.82
N PRO B 215 8.70 13.02 11.36
CA PRO B 215 8.18 12.75 10.02
C PRO B 215 9.15 13.17 8.93
N LYS B 216 10.07 14.07 9.26
CA LYS B 216 11.10 14.51 8.32
C LYS B 216 12.21 13.47 8.20
N LEU B 217 12.17 12.46 9.07
CA LEU B 217 13.19 11.41 9.09
C LEU B 217 12.61 10.09 8.62
N ALA B 218 13.39 9.33 7.87
CA ALA B 218 12.95 8.04 7.36
C ALA B 218 13.98 6.96 7.62
N VAL B 219 13.51 5.72 7.72
CA VAL B 219 14.40 4.57 7.82
C VAL B 219 14.16 3.66 6.62
N LEU B 220 15.17 3.54 5.77
CA LEU B 220 15.04 2.70 4.57
C LEU B 220 15.77 1.39 4.74
N ILE B 221 15.02 0.30 4.63
CA ILE B 221 15.59 -1.05 4.70
C ILE B 221 15.76 -1.58 3.28
N THR B 222 16.98 -1.98 2.94
CA THR B 222 17.25 -2.54 1.62
C THR B 222 17.72 -3.99 1.73
N ASN B 223 16.92 -4.90 1.18
CA ASN B 223 17.26 -6.31 1.15
C ASN B 223 18.14 -6.62 -0.07
N SER B 224 19.32 -7.17 0.19
CA SER B 224 20.25 -7.55 -0.86
C SER B 224 19.74 -8.78 -1.61
N ASN B 225 18.81 -9.49 -0.96
CA ASN B 225 18.26 -10.73 -1.51
C ASN B 225 19.34 -11.76 -1.83
N VAL B 226 20.41 -11.76 -1.03
CA VAL B 226 21.41 -12.82 -1.09
C VAL B 226 21.64 -13.38 0.31
N ARG B 227 22.16 -14.60 0.38
CA ARG B 227 22.50 -15.24 1.65
C ARG B 227 23.64 -16.22 1.44
N HIS B 228 24.87 -15.77 1.70
CA HIS B 228 26.05 -16.59 1.49
C HIS B 228 26.27 -17.56 2.66
N SER B 233 26.57 -20.41 10.31
CA SER B 233 27.85 -21.09 10.12
C SER B 233 28.98 -20.35 10.81
N GLU B 234 29.20 -19.09 10.41
CA GLU B 234 30.25 -18.27 11.01
C GLU B 234 29.73 -17.51 12.22
N TYR B 235 28.42 -17.56 12.45
CA TYR B 235 27.84 -16.91 13.62
C TYR B 235 28.36 -17.54 14.93
N PRO B 236 28.29 -18.88 15.08
CA PRO B 236 28.83 -19.41 16.33
C PRO B 236 30.35 -19.34 16.40
N VAL B 237 31.00 -19.18 15.26
CA VAL B 237 32.44 -19.00 15.22
C VAL B 237 32.81 -17.67 15.88
N ARG B 238 32.14 -16.60 15.46
CA ARG B 238 32.34 -15.28 16.06
C ARG B 238 32.08 -15.31 17.57
N ARG B 239 30.98 -15.95 17.97
CA ARG B 239 30.64 -16.08 19.38
C ARG B 239 31.78 -16.74 20.15
N ARG B 240 32.30 -17.84 19.61
CA ARG B 240 33.40 -18.55 20.24
C ARG B 240 34.65 -17.67 20.33
N GLN B 241 34.94 -16.94 19.26
CA GLN B 241 36.12 -16.05 19.22
C GLN B 241 36.04 -14.97 20.29
N CYS B 242 34.86 -14.38 20.45
CA CYS B 242 34.64 -13.36 21.48
C CYS B 242 34.86 -13.93 22.88
N GLU B 243 34.42 -15.17 23.07
CA GLU B 243 34.61 -15.86 24.35
C GLU B 243 36.08 -16.12 24.61
N GLU B 244 36.86 -16.34 23.55
CA GLU B 244 38.28 -16.61 23.68
C GLU B 244 39.04 -15.38 24.19
N VAL B 245 38.82 -14.23 23.55
CA VAL B 245 39.49 -12.99 23.94
C VAL B 245 39.09 -12.56 25.35
N ALA B 246 37.79 -12.70 25.64
CA ALA B 246 37.28 -12.42 26.98
C ALA B 246 38.07 -13.19 28.04
N ARG B 247 38.36 -14.46 27.75
CA ARG B 247 39.10 -15.31 28.67
C ARG B 247 40.56 -14.87 28.76
N ALA B 248 41.10 -14.43 27.63
CA ALA B 248 42.50 -14.01 27.56
C ALA B 248 42.76 -12.71 28.33
N LEU B 249 41.69 -11.99 28.63
CA LEU B 249 41.83 -10.69 29.28
C LEU B 249 41.27 -10.68 30.71
N GLY B 250 40.84 -11.85 31.18
CA GLY B 250 40.33 -11.98 32.52
C GLY B 250 39.13 -11.09 32.80
N ALA B 251 38.14 -11.14 31.92
CA ALA B 251 36.92 -10.37 32.10
C ALA B 251 35.71 -11.25 31.79
N ALA B 252 34.59 -10.98 32.44
CA ALA B 252 33.39 -11.78 32.25
C ALA B 252 32.92 -11.73 30.81
N SER B 253 32.92 -10.53 30.23
CA SER B 253 32.56 -10.35 28.84
C SER B 253 33.22 -9.09 28.30
N LEU B 254 33.14 -8.90 26.98
CA LEU B 254 33.74 -7.73 26.35
C LEU B 254 33.05 -6.43 26.79
N ARG B 255 31.88 -6.55 27.41
CA ARG B 255 31.22 -5.40 28.02
C ARG B 255 32.12 -4.82 29.11
N GLU B 256 32.90 -5.70 29.74
CA GLU B 256 33.78 -5.29 30.85
C GLU B 256 35.10 -4.73 30.35
N VAL B 257 35.38 -4.91 29.06
CA VAL B 257 36.65 -4.50 28.47
C VAL B 257 36.59 -3.07 27.92
N GLN B 258 37.56 -2.25 28.32
CA GLN B 258 37.65 -0.87 27.87
C GLN B 258 38.47 -0.78 26.57
N LEU B 259 38.05 0.10 25.66
CA LEU B 259 38.64 0.19 24.34
C LEU B 259 40.12 0.56 24.36
N GLU B 260 40.45 1.58 25.13
CA GLU B 260 41.84 2.04 25.22
C GLU B 260 42.71 0.94 25.83
N GLU B 261 42.20 0.28 26.86
CA GLU B 261 42.95 -0.81 27.51
C GLU B 261 43.15 -1.99 26.58
N LEU B 262 42.15 -2.26 25.75
CA LEU B 262 42.24 -3.32 24.75
C LEU B 262 43.37 -3.09 23.75
N GLU B 263 43.49 -1.86 23.28
CA GLU B 263 44.43 -1.52 22.21
C GLU B 263 45.87 -1.65 22.68
N ALA B 264 46.07 -1.69 24.00
CA ALA B 264 47.39 -1.88 24.57
C ALA B 264 47.60 -3.33 25.00
N ALA B 265 46.69 -4.21 24.59
CA ALA B 265 46.75 -5.61 24.99
C ALA B 265 46.98 -6.55 23.81
N ARG B 266 47.57 -6.03 22.74
CA ARG B 266 47.82 -6.80 21.52
C ARG B 266 48.64 -8.08 21.74
N ASP B 267 49.57 -8.05 22.71
CA ASP B 267 50.42 -9.21 22.93
C ASP B 267 49.73 -10.28 23.78
N LEU B 268 48.55 -9.97 24.29
CA LEU B 268 47.79 -10.94 25.10
C LEU B 268 46.91 -11.84 24.24
N VAL B 269 46.54 -11.37 23.05
CA VAL B 269 45.53 -12.06 22.25
C VAL B 269 45.93 -12.26 20.79
N SER B 270 45.25 -13.19 20.12
CA SER B 270 45.48 -13.44 18.69
C SER B 270 45.20 -12.19 17.86
N LYS B 271 45.78 -12.14 16.67
CA LYS B 271 45.54 -11.02 15.76
C LYS B 271 44.08 -10.93 15.36
N GLU B 272 43.48 -12.05 15.01
CA GLU B 272 42.07 -12.09 14.65
C GLU B 272 41.21 -11.75 15.85
N GLY B 273 41.54 -12.32 17.00
CA GLY B 273 40.80 -12.08 18.23
C GLY B 273 40.75 -10.62 18.64
N PHE B 274 41.86 -9.92 18.43
CA PHE B 274 41.96 -8.51 18.76
C PHE B 274 41.01 -7.66 17.91
N ARG B 275 40.94 -7.98 16.63
CA ARG B 275 40.10 -7.24 15.70
C ARG B 275 38.61 -7.50 15.99
N ARG B 276 38.28 -8.73 16.37
CA ARG B 276 36.91 -9.06 16.76
C ARG B 276 36.52 -8.28 18.00
N ALA B 277 37.41 -8.26 18.98
CA ALA B 277 37.15 -7.57 20.24
C ALA B 277 37.09 -6.06 20.04
N ARG B 278 37.89 -5.55 19.11
CA ARG B 278 37.89 -4.13 18.83
C ARG B 278 36.55 -3.70 18.23
N HIS B 279 36.01 -4.50 17.31
CA HIS B 279 34.68 -4.21 16.81
C HIS B 279 33.67 -4.16 17.95
N VAL B 280 33.61 -5.24 18.73
CA VAL B 280 32.60 -5.38 19.77
C VAL B 280 32.69 -4.26 20.81
N VAL B 281 33.90 -3.99 21.31
CA VAL B 281 34.08 -2.97 22.33
C VAL B 281 33.79 -1.58 21.78
N GLY B 282 34.25 -1.33 20.55
CA GLY B 282 33.94 -0.08 19.89
C GLY B 282 32.46 0.06 19.56
N GLU B 283 31.81 -1.03 19.18
CA GLU B 283 30.40 -0.98 18.81
C GLU B 283 29.51 -0.64 20.01
N ILE B 284 29.83 -1.23 21.17
CA ILE B 284 29.12 -0.92 22.42
C ILE B 284 29.20 0.58 22.72
N ARG B 285 30.39 1.13 22.56
CA ARG B 285 30.61 2.57 22.75
C ARG B 285 29.81 3.36 21.72
N ARG B 286 29.86 2.92 20.46
CA ARG B 286 29.17 3.64 19.40
C ARG B 286 27.66 3.65 19.64
N THR B 287 27.13 2.56 20.20
CA THR B 287 25.69 2.41 20.42
C THR B 287 25.20 3.33 21.53
N ALA B 288 26.00 3.47 22.60
CA ALA B 288 25.68 4.42 23.65
C ALA B 288 25.65 5.83 23.08
N GLN B 289 26.65 6.15 22.27
CA GLN B 289 26.76 7.46 21.65
C GLN B 289 25.64 7.69 20.62
N ALA B 290 25.23 6.63 19.95
CA ALA B 290 24.16 6.70 18.96
C ALA B 290 22.81 7.01 19.61
N ALA B 291 22.54 6.37 20.75
CA ALA B 291 21.30 6.62 21.48
C ALA B 291 21.27 8.06 21.96
N ALA B 292 22.42 8.56 22.42
CA ALA B 292 22.53 9.93 22.89
C ALA B 292 22.28 10.93 21.76
N ALA B 293 22.75 10.59 20.57
CA ALA B 293 22.53 11.43 19.39
C ALA B 293 21.07 11.40 18.96
N LEU B 294 20.42 10.27 19.18
CA LEU B 294 19.01 10.12 18.81
C LEU B 294 18.14 11.04 19.67
N ARG B 295 18.52 11.21 20.92
CA ARG B 295 17.75 12.01 21.87
C ARG B 295 17.74 13.51 21.54
N ARG B 296 18.88 14.04 21.10
CA ARG B 296 18.95 15.45 20.72
C ARG B 296 18.63 15.66 19.25
N GLY B 297 18.22 14.58 18.57
CA GLY B 297 17.83 14.66 17.18
C GLY B 297 19.00 14.93 16.24
N ASP B 298 20.21 14.59 16.68
CA ASP B 298 21.39 14.74 15.84
C ASP B 298 21.51 13.58 14.87
N TYR B 299 20.79 13.66 13.77
CA TYR B 299 20.75 12.58 12.79
C TYR B 299 22.07 12.41 12.04
N ARG B 300 22.72 13.53 11.75
CA ARG B 300 23.98 13.52 11.03
C ARG B 300 25.07 12.78 11.81
N ALA B 301 25.04 12.90 13.13
CA ALA B 301 26.01 12.20 13.98
C ALA B 301 25.62 10.74 14.11
N PHE B 302 24.32 10.48 14.17
CA PHE B 302 23.83 9.11 14.23
C PHE B 302 24.29 8.37 12.98
N GLY B 303 24.12 9.02 11.83
CA GLY B 303 24.50 8.44 10.55
C GLY B 303 25.98 8.14 10.44
N ARG B 304 26.80 9.03 11.00
CA ARG B 304 28.24 8.81 10.99
C ARG B 304 28.59 7.55 11.78
N LEU B 305 27.92 7.37 12.91
CA LEU B 305 28.14 6.20 13.76
C LEU B 305 27.72 4.91 13.08
N MET B 306 26.63 4.97 12.31
CA MET B 306 26.20 3.82 11.53
C MET B 306 27.28 3.41 10.53
N VAL B 307 27.84 4.39 9.82
CA VAL B 307 28.87 4.12 8.83
C VAL B 307 30.09 3.51 9.50
N GLU B 308 30.47 4.07 10.65
CA GLU B 308 31.58 3.52 11.42
C GLU B 308 31.30 2.08 11.85
N SER B 309 30.05 1.82 12.24
CA SER B 309 29.62 0.47 12.58
C SER B 309 29.78 -0.48 11.40
N HIS B 310 29.39 -0.02 10.21
CA HIS B 310 29.50 -0.87 9.03
C HIS B 310 30.95 -1.19 8.68
N ARG B 311 31.80 -0.17 8.71
CA ARG B 311 33.22 -0.37 8.41
C ARG B 311 33.83 -1.35 9.40
N SER B 312 33.44 -1.21 10.67
CA SER B 312 33.93 -2.09 11.72
C SER B 312 33.45 -3.53 11.51
N LEU B 313 32.19 -3.69 11.14
CA LEU B 313 31.64 -5.01 10.84
C LEU B 313 32.30 -5.61 9.60
N ARG B 314 32.51 -4.78 8.58
CA ARG B 314 33.12 -5.22 7.34
C ARG B 314 34.58 -5.63 7.52
N ASP B 315 35.35 -4.79 8.21
CA ASP B 315 36.80 -4.97 8.27
C ASP B 315 37.32 -5.73 9.50
N ASP B 316 36.76 -5.43 10.68
CA ASP B 316 37.25 -6.05 11.91
C ASP B 316 36.52 -7.36 12.25
N TYR B 317 35.21 -7.37 12.11
CA TYR B 317 34.43 -8.54 12.49
C TYR B 317 34.23 -9.47 11.29
N GLU B 318 34.38 -8.91 10.10
CA GLU B 318 34.22 -9.65 8.85
C GLU B 318 32.91 -10.44 8.78
N VAL B 319 31.79 -9.72 8.79
CA VAL B 319 30.49 -10.38 8.63
C VAL B 319 29.67 -9.70 7.56
N SER B 320 30.30 -8.81 6.79
CA SER B 320 29.61 -8.21 5.65
C SER B 320 29.84 -9.05 4.40
N CYS B 321 29.43 -8.53 3.26
CA CYS B 321 29.66 -9.20 1.98
C CYS B 321 29.69 -8.14 0.89
N PRO B 322 30.23 -8.48 -0.30
CA PRO B 322 30.30 -7.48 -1.38
C PRO B 322 28.97 -6.82 -1.66
N GLU B 323 27.89 -7.60 -1.62
CA GLU B 323 26.54 -7.08 -1.85
C GLU B 323 26.19 -5.99 -0.84
N LEU B 324 26.26 -6.32 0.44
CA LEU B 324 26.01 -5.35 1.50
C LEU B 324 26.91 -4.11 1.37
N ASP B 325 28.18 -4.33 1.09
CA ASP B 325 29.13 -3.23 0.95
C ASP B 325 28.72 -2.30 -0.18
N GLN B 326 28.38 -2.89 -1.33
CA GLN B 326 27.98 -2.10 -2.48
C GLN B 326 26.69 -1.33 -2.21
N LEU B 327 25.75 -1.96 -1.49
CA LEU B 327 24.51 -1.29 -1.12
C LEU B 327 24.76 -0.10 -0.20
N VAL B 328 25.69 -0.26 0.74
CA VAL B 328 26.01 0.79 1.69
C VAL B 328 26.65 1.99 0.99
N GLU B 329 27.62 1.72 0.11
CA GLU B 329 28.28 2.77 -0.65
C GLU B 329 27.30 3.50 -1.55
N ALA B 330 26.41 2.76 -2.20
CA ALA B 330 25.41 3.36 -3.08
C ALA B 330 24.54 4.35 -2.33
N ALA B 331 24.06 3.94 -1.16
CA ALA B 331 23.19 4.77 -0.33
C ALA B 331 23.90 6.04 0.15
N LEU B 332 25.17 5.90 0.53
CA LEU B 332 25.95 7.02 1.03
C LEU B 332 26.19 8.10 -0.02
N ALA B 333 26.13 7.70 -1.29
CA ALA B 333 26.31 8.66 -2.38
C ALA B 333 25.06 9.53 -2.58
N VAL B 334 23.94 9.12 -1.98
CA VAL B 334 22.67 9.81 -2.17
C VAL B 334 22.48 10.98 -1.20
N PRO B 335 22.20 12.17 -1.75
CA PRO B 335 21.93 13.36 -0.92
C PRO B 335 20.69 13.15 -0.05
N GLY B 336 20.78 13.50 1.22
CA GLY B 336 19.69 13.28 2.16
C GLY B 336 19.93 12.09 3.08
N VAL B 337 20.83 11.19 2.65
CA VAL B 337 21.18 10.02 3.45
C VAL B 337 22.14 10.39 4.58
N TYR B 338 21.73 10.14 5.81
CA TYR B 338 22.56 10.44 6.98
C TYR B 338 23.63 9.37 7.20
N GLY B 339 23.24 8.12 7.01
CA GLY B 339 24.16 7.02 7.19
C GLY B 339 23.55 5.71 6.73
N SER B 340 24.37 4.70 6.55
CA SER B 340 23.86 3.39 6.16
C SER B 340 24.83 2.31 6.64
N ARG B 341 24.31 1.10 6.82
CA ARG B 341 25.09 0.00 7.37
C ARG B 341 24.35 -1.30 7.16
N MET B 342 25.08 -2.41 7.09
CA MET B 342 24.46 -3.72 7.16
C MET B 342 23.73 -3.85 8.49
N THR B 343 22.65 -4.60 8.52
CA THR B 343 21.91 -4.83 9.75
C THR B 343 21.74 -6.32 9.98
N GLY B 344 21.63 -6.73 11.23
CA GLY B 344 21.50 -8.14 11.56
C GLY B 344 22.81 -8.91 11.57
N GLY B 345 22.73 -10.22 11.38
CA GLY B 345 23.90 -11.09 11.48
C GLY B 345 25.00 -10.86 10.45
N GLY B 346 24.59 -10.59 9.21
CA GLY B 346 25.56 -10.35 8.15
C GLY B 346 25.56 -11.44 7.08
N PHE B 347 26.57 -11.40 6.22
CA PHE B 347 26.75 -12.35 5.13
C PHE B 347 25.56 -12.33 4.17
N GLY B 348 24.94 -11.17 4.05
CA GLY B 348 23.76 -11.02 3.23
C GLY B 348 22.67 -10.33 4.02
N GLY B 349 21.42 -10.46 3.57
CA GLY B 349 20.32 -9.83 4.27
C GLY B 349 20.24 -8.36 3.94
N CYS B 350 19.94 -7.55 4.95
CA CYS B 350 19.56 -6.15 4.70
C CYS B 350 20.53 -5.11 5.21
N THR B 351 20.45 -3.93 4.59
CA THR B 351 21.08 -2.73 5.11
C THR B 351 20.00 -1.83 5.67
N VAL B 352 20.36 -1.00 6.64
CA VAL B 352 19.45 0.01 7.15
C VAL B 352 20.03 1.38 6.85
N THR B 353 19.18 2.29 6.39
CA THR B 353 19.63 3.61 6.00
C THR B 353 18.77 4.67 6.68
N LEU B 354 19.43 5.64 7.29
CA LEU B 354 18.74 6.77 7.91
C LEU B 354 18.84 7.96 6.97
N LEU B 355 17.70 8.56 6.63
CA LEU B 355 17.70 9.60 5.61
C LEU B 355 16.50 10.54 5.72
N GLU B 356 16.64 11.71 5.11
CA GLU B 356 15.52 12.64 5.00
C GLU B 356 14.40 11.98 4.20
N ALA B 357 13.16 12.14 4.67
CA ALA B 357 12.01 11.50 4.03
C ALA B 357 11.90 11.86 2.55
N SER B 358 12.22 13.11 2.24
CA SER B 358 12.12 13.62 0.87
C SER B 358 12.99 12.84 -0.11
N ALA B 359 14.10 12.31 0.41
CA ALA B 359 15.13 11.72 -0.44
C ALA B 359 14.93 10.23 -0.70
N ALA B 360 13.90 9.65 -0.09
CA ALA B 360 13.67 8.21 -0.22
C ALA B 360 13.45 7.74 -1.66
N PRO B 361 12.68 8.48 -2.47
CA PRO B 361 12.53 7.97 -3.85
C PRO B 361 13.82 8.09 -4.67
N HIS B 362 14.58 9.15 -4.46
CA HIS B 362 15.88 9.31 -5.09
C HIS B 362 16.82 8.19 -4.65
N ALA B 363 16.82 7.92 -3.34
CA ALA B 363 17.68 6.91 -2.76
C ALA B 363 17.41 5.53 -3.36
N MET B 364 16.13 5.13 -3.39
CA MET B 364 15.75 3.83 -3.92
C MET B 364 16.15 3.69 -5.40
N ARG B 365 15.86 4.71 -6.19
CA ARG B 365 16.20 4.69 -7.61
C ARG B 365 17.70 4.54 -7.82
N HIS B 366 18.47 5.27 -7.02
CA HIS B 366 19.92 5.26 -7.14
C HIS B 366 20.52 3.93 -6.68
N ILE B 367 20.02 3.42 -5.56
CA ILE B 367 20.52 2.18 -4.99
C ILE B 367 20.30 1.00 -5.94
N GLN B 368 19.12 0.92 -6.52
CA GLN B 368 18.79 -0.21 -7.39
C GLN B 368 19.60 -0.19 -8.69
N GLU B 369 19.88 1.01 -9.18
CA GLU B 369 20.63 1.15 -10.44
C GLU B 369 22.12 0.89 -10.23
N HIS B 370 22.62 1.19 -9.04
CA HIS B 370 24.05 1.05 -8.76
C HIS B 370 24.33 -0.25 -8.00
N TYR B 371 23.33 -1.13 -7.93
CA TYR B 371 23.49 -2.43 -7.28
C TYR B 371 23.42 -3.56 -8.31
N GLY B 372 24.38 -4.48 -8.23
CA GLY B 372 24.47 -5.56 -9.20
C GLY B 372 23.31 -6.54 -9.16
N GLY B 373 22.73 -6.72 -8.00
CA GLY B 373 21.64 -7.68 -7.84
C GLY B 373 20.28 -7.03 -7.93
N THR B 374 19.29 -7.71 -7.36
CA THR B 374 17.93 -7.20 -7.28
C THR B 374 17.62 -6.77 -5.85
N ALA B 375 17.43 -5.48 -5.65
CA ALA B 375 17.17 -4.93 -4.33
C ALA B 375 15.68 -4.85 -4.03
N THR B 376 15.33 -5.08 -2.76
CA THR B 376 13.98 -4.85 -2.29
C THR B 376 14.02 -3.77 -1.20
N PHE B 377 13.09 -2.83 -1.25
CA PHE B 377 13.06 -1.73 -0.28
C PHE B 377 11.84 -1.79 0.63
N TYR B 378 12.07 -1.47 1.91
CA TYR B 378 11.00 -1.20 2.86
C TYR B 378 11.22 0.16 3.50
N LEU B 379 10.20 1.00 3.44
CA LEU B 379 10.18 2.22 4.25
C LEU B 379 9.36 1.96 5.49
N SER B 380 9.98 1.91 6.65
CA SER B 380 9.23 1.52 7.84
C SER B 380 9.24 2.55 8.97
N GLN B 381 8.06 2.71 9.57
CA GLN B 381 7.91 3.41 10.83
C GLN B 381 8.41 2.52 11.97
N ALA B 382 8.83 3.14 13.06
CA ALA B 382 8.99 2.41 14.31
C ALA B 382 7.62 1.84 14.69
N ALA B 383 7.53 0.51 14.84
CA ALA B 383 6.24 -0.14 15.03
C ALA B 383 6.06 -0.76 16.41
N ASP B 384 4.84 -1.20 16.70
CA ASP B 384 4.51 -1.88 17.95
C ASP B 384 5.20 -3.24 18.05
N GLY B 385 5.41 -3.70 19.29
CA GLY B 385 5.77 -5.08 19.53
C GLY B 385 4.55 -5.98 19.47
N ALA B 386 4.62 -7.10 20.19
CA ALA B 386 3.55 -8.10 20.15
C ALA B 386 2.23 -7.57 20.69
N LYS B 387 1.13 -7.85 20.00
CA LYS B 387 -0.17 -7.44 20.50
C LYS B 387 -1.27 -8.46 20.22
N VAL B 388 -2.44 -8.20 20.81
CA VAL B 388 -3.58 -9.10 20.73
C VAL B 388 -4.83 -8.37 20.26
N LEU B 389 -5.60 -9.02 19.40
CA LEU B 389 -6.93 -8.52 19.04
C LEU B 389 -7.94 -9.65 19.18
N CYS B 390 -8.90 -9.47 20.08
CA CYS B 390 -9.97 -10.45 20.27
C CYS B 390 -10.95 -10.38 19.10
N LEU B 391 -11.27 -11.53 18.53
CA LEU B 391 -12.17 -11.57 17.38
C LEU B 391 -13.55 -12.10 17.78
N ALA C 1 -3.30 -9.66 59.66
CA ALA C 1 -4.71 -9.30 59.52
C ALA C 1 -4.89 -7.96 58.84
N ALA C 2 -3.92 -7.07 58.99
CA ALA C 2 -3.97 -5.77 58.36
C ALA C 2 -3.41 -5.81 56.93
N LEU C 3 -3.07 -7.02 56.47
CA LEU C 3 -2.51 -7.20 55.14
C LEU C 3 -3.58 -7.59 54.13
N ARG C 4 -3.75 -6.76 53.11
CA ARG C 4 -4.68 -7.07 52.03
C ARG C 4 -3.95 -7.80 50.91
N GLN C 5 -4.47 -8.97 50.54
CA GLN C 5 -3.91 -9.74 49.44
C GLN C 5 -4.62 -9.36 48.14
N PRO C 6 -3.85 -9.25 47.03
CA PRO C 6 -4.36 -8.79 45.73
C PRO C 6 -5.60 -9.57 45.23
N GLN C 7 -5.60 -10.89 45.39
CA GLN C 7 -6.72 -11.73 44.95
C GLN C 7 -7.13 -11.45 43.50
N VAL C 8 -6.15 -11.50 42.59
CA VAL C 8 -6.37 -11.11 41.21
C VAL C 8 -7.35 -12.02 40.48
N ALA C 9 -7.18 -13.34 40.63
CA ALA C 9 -8.03 -14.30 39.95
C ALA C 9 -9.50 -14.17 40.38
N GLU C 10 -9.71 -13.98 41.67
CA GLU C 10 -11.07 -13.81 42.22
C GLU C 10 -11.74 -12.58 41.62
N LEU C 11 -10.97 -11.52 41.43
CA LEU C 11 -11.48 -10.27 40.87
C LEU C 11 -12.06 -10.49 39.49
N LEU C 12 -11.32 -11.23 38.65
CA LEU C 12 -11.76 -11.54 37.30
C LEU C 12 -13.03 -12.39 37.30
N ALA C 13 -13.06 -13.40 38.16
CA ALA C 13 -14.18 -14.31 38.26
C ALA C 13 -15.45 -13.58 38.68
N GLU C 14 -15.32 -12.72 39.68
CA GLU C 14 -16.43 -11.93 40.18
C GLU C 14 -17.00 -11.05 39.08
N ALA C 15 -16.11 -10.43 38.30
CA ALA C 15 -16.53 -9.57 37.20
C ALA C 15 -17.30 -10.34 36.14
N ARG C 16 -16.85 -11.56 35.85
CA ARG C 16 -17.48 -12.38 34.82
C ARG C 16 -18.84 -12.89 35.28
N ARG C 17 -18.90 -13.30 36.54
CA ARG C 17 -20.16 -13.74 37.14
C ARG C 17 -21.18 -12.61 37.13
N ALA C 18 -20.76 -11.43 37.56
CA ALA C 18 -21.65 -10.27 37.59
C ALA C 18 -22.14 -9.91 36.19
N PHE C 19 -21.27 -10.00 35.19
CA PHE C 19 -21.67 -9.66 33.82
C PHE C 19 -22.75 -10.59 33.31
N ARG C 20 -22.56 -11.89 33.53
CA ARG C 20 -23.51 -12.89 33.06
C ARG C 20 -24.90 -12.66 33.65
N GLU C 21 -24.94 -12.32 34.93
CA GLU C 21 -26.21 -12.08 35.61
C GLU C 21 -26.86 -10.79 35.15
N GLU C 22 -26.06 -9.75 34.96
CA GLU C 22 -26.58 -8.44 34.62
C GLU C 22 -27.07 -8.35 33.17
N PHE C 23 -26.36 -9.01 32.25
CA PHE C 23 -26.66 -8.86 30.84
C PHE C 23 -27.19 -10.13 30.18
N GLY C 24 -27.21 -11.24 30.93
CA GLY C 24 -27.83 -12.46 30.46
C GLY C 24 -27.01 -13.26 29.46
N ALA C 25 -25.73 -12.92 29.33
CA ALA C 25 -24.83 -13.64 28.43
C ALA C 25 -23.39 -13.53 28.91
N GLU C 26 -22.53 -14.40 28.38
CA GLU C 26 -21.10 -14.36 28.70
C GLU C 26 -20.41 -13.18 28.04
N PRO C 27 -19.50 -12.51 28.77
CA PRO C 27 -18.70 -11.42 28.21
C PRO C 27 -17.71 -11.94 27.18
N GLU C 28 -17.41 -11.12 26.17
CA GLU C 28 -16.56 -11.54 25.06
C GLU C 28 -15.07 -11.34 25.34
N LEU C 29 -14.74 -10.38 26.20
CA LEU C 29 -13.35 -10.15 26.52
C LEU C 29 -13.16 -9.52 27.90
N ALA C 30 -11.92 -9.59 28.38
CA ALA C 30 -11.52 -9.00 29.65
C ALA C 30 -10.27 -8.16 29.46
N VAL C 31 -10.21 -7.03 30.15
CA VAL C 31 -8.98 -6.25 30.24
C VAL C 31 -8.73 -5.84 31.68
N SER C 32 -7.49 -5.44 31.95
CA SER C 32 -7.13 -4.93 33.26
C SER C 32 -6.10 -3.82 33.13
N ALA C 33 -6.06 -2.94 34.11
CA ALA C 33 -5.01 -1.94 34.24
C ALA C 33 -4.81 -1.67 35.71
N PRO C 34 -3.55 -1.63 36.14
CA PRO C 34 -3.19 -1.57 37.56
C PRO C 34 -3.24 -0.18 38.17
N GLY C 35 -3.35 -0.12 39.48
CA GLY C 35 -3.06 1.09 40.22
C GLY C 35 -1.55 1.20 40.33
N ARG C 36 -1.05 2.22 41.04
CA ARG C 36 0.40 2.46 41.09
C ARG C 36 0.89 2.88 42.47
N VAL C 37 2.18 2.67 42.70
CA VAL C 37 2.90 3.36 43.77
C VAL C 37 4.05 4.15 43.12
N ASN C 38 4.34 5.34 43.63
CA ASN C 38 5.48 6.09 43.13
C ASN C 38 6.64 6.00 44.11
N LEU C 39 7.70 5.31 43.70
CA LEU C 39 8.86 5.11 44.57
C LEU C 39 9.50 6.44 44.96
N ILE C 40 9.64 7.31 43.97
CA ILE C 40 10.26 8.62 44.17
C ILE C 40 9.97 9.50 42.98
N GLY C 41 9.95 10.81 43.20
CA GLY C 41 9.71 11.77 42.13
C GLY C 41 8.31 12.32 42.20
N GLU C 42 8.00 12.95 43.32
CA GLU C 42 6.65 13.44 43.56
C GLU C 42 6.47 14.88 43.10
N HIS C 43 5.31 15.15 42.50
CA HIS C 43 4.97 16.47 42.02
C HIS C 43 6.02 17.01 41.06
N THR C 44 6.57 16.13 40.25
CA THR C 44 7.54 16.50 39.24
C THR C 44 7.01 16.28 37.84
N ASP C 45 6.00 15.43 37.70
CA ASP C 45 5.58 15.03 36.35
C ASP C 45 5.00 16.21 35.58
N TYR C 46 4.24 17.08 36.26
CA TYR C 46 3.66 18.26 35.60
C TYR C 46 4.64 19.45 35.55
N ASN C 47 5.86 19.24 36.03
CA ASN C 47 6.96 20.18 35.82
C ASN C 47 7.96 19.59 34.83
N GLN C 48 7.48 18.64 34.03
CA GLN C 48 8.29 17.96 33.03
C GLN C 48 9.53 17.31 33.63
N GLY C 49 9.38 16.79 34.84
CA GLY C 49 10.50 16.20 35.56
C GLY C 49 10.66 14.70 35.38
N LEU C 50 11.14 14.04 36.43
CA LEU C 50 11.36 12.60 36.42
C LEU C 50 10.53 11.94 37.51
N VAL C 51 9.96 10.78 37.20
CA VAL C 51 9.23 10.01 38.19
C VAL C 51 9.66 8.55 38.10
N LEU C 52 9.51 7.82 39.21
CA LEU C 52 9.87 6.41 39.23
C LEU C 52 8.77 5.57 39.88
N PRO C 53 7.63 5.40 39.19
CA PRO C 53 6.57 4.56 39.75
C PRO C 53 6.76 3.09 39.41
N MET C 54 6.01 2.23 40.08
CA MET C 54 5.88 0.85 39.63
C MET C 54 4.41 0.45 39.70
N ALA C 55 3.99 -0.45 38.83
CA ALA C 55 2.60 -0.90 38.77
C ALA C 55 2.32 -1.90 39.88
N LEU C 56 1.07 -1.95 40.32
CA LEU C 56 0.67 -2.82 41.41
C LEU C 56 -0.14 -4.02 40.94
N GLU C 57 -0.30 -5.00 41.82
CA GLU C 57 -1.18 -6.13 41.54
C GLU C 57 -2.62 -5.73 41.84
N LEU C 58 -2.78 -4.57 42.48
CA LEU C 58 -4.10 -3.97 42.63
C LEU C 58 -4.46 -3.35 41.28
N MET C 59 -5.67 -3.63 40.81
CA MET C 59 -6.01 -3.29 39.43
C MET C 59 -7.51 -3.04 39.23
N THR C 60 -7.85 -2.50 38.06
CA THR C 60 -9.23 -2.38 37.64
C THR C 60 -9.45 -3.30 36.45
N VAL C 61 -10.54 -4.06 36.49
CA VAL C 61 -10.86 -5.00 35.43
C VAL C 61 -12.16 -4.63 34.74
N LEU C 62 -12.13 -4.56 33.41
CA LEU C 62 -13.36 -4.46 32.64
C LEU C 62 -13.59 -5.77 31.93
N VAL C 63 -14.84 -6.21 31.99
CA VAL C 63 -15.27 -7.41 31.31
C VAL C 63 -16.52 -7.02 30.52
N GLY C 64 -16.57 -7.38 29.24
CA GLY C 64 -17.64 -6.88 28.39
C GLY C 64 -17.74 -7.40 26.97
N SER C 65 -18.70 -6.83 26.24
CA SER C 65 -18.99 -7.23 24.86
C SER C 65 -19.50 -6.03 24.07
N PRO C 66 -19.20 -5.99 22.77
CA PRO C 66 -19.68 -4.89 21.94
C PRO C 66 -21.20 -4.95 21.77
N ARG C 67 -21.84 -3.79 21.61
CA ARG C 67 -23.27 -3.74 21.30
C ARG C 67 -23.47 -3.26 19.87
N LYS C 68 -24.68 -3.42 19.35
CA LYS C 68 -24.96 -3.02 17.99
C LYS C 68 -25.79 -1.75 17.93
N ASP C 69 -26.23 -1.28 19.10
CA ASP C 69 -27.20 -0.19 19.14
C ASP C 69 -26.59 1.17 19.51
N GLY C 70 -25.27 1.21 19.59
CA GLY C 70 -24.58 2.47 19.85
C GLY C 70 -24.81 3.00 21.26
N LEU C 71 -25.15 2.09 22.18
CA LEU C 71 -25.33 2.47 23.57
C LEU C 71 -24.24 1.88 24.43
N VAL C 72 -23.87 2.59 25.50
CA VAL C 72 -22.95 2.08 26.49
C VAL C 72 -23.72 1.75 27.76
N SER C 73 -23.55 0.53 28.26
CA SER C 73 -24.27 0.10 29.46
C SER C 73 -23.29 -0.44 30.49
N LEU C 74 -23.21 0.25 31.64
CA LEU C 74 -22.19 -0.07 32.63
C LEU C 74 -22.76 -0.55 33.94
N LEU C 75 -22.03 -1.46 34.57
CA LEU C 75 -22.29 -1.87 35.95
C LEU C 75 -20.97 -1.93 36.71
N THR C 76 -20.91 -1.28 37.86
CA THR C 76 -19.77 -1.46 38.72
C THR C 76 -20.20 -2.16 39.99
N THR C 77 -19.34 -3.05 40.49
CA THR C 77 -19.60 -3.74 41.75
C THR C 77 -18.55 -3.34 42.77
N SER C 78 -17.75 -2.34 42.42
CA SER C 78 -16.74 -1.85 43.35
C SER C 78 -17.40 -1.18 44.55
N GLU C 79 -17.28 -1.80 45.71
CA GLU C 79 -17.74 -1.19 46.95
C GLU C 79 -16.96 0.11 47.13
N GLY C 80 -17.67 1.18 47.44
CA GLY C 80 -17.05 2.49 47.54
C GLY C 80 -17.54 3.42 46.44
N ALA C 81 -17.79 2.86 45.27
CA ALA C 81 -18.34 3.63 44.15
C ALA C 81 -19.68 4.26 44.55
N ASP C 82 -19.91 5.50 44.12
CA ASP C 82 -21.14 6.21 44.47
C ASP C 82 -22.32 5.74 43.60
N GLU C 83 -23.53 5.99 44.09
CA GLU C 83 -24.75 5.48 43.45
C GLU C 83 -25.20 6.38 42.29
N PRO C 84 -25.85 5.77 41.28
CA PRO C 84 -26.17 4.34 41.16
C PRO C 84 -24.99 3.53 40.65
N GLN C 85 -25.02 2.21 40.87
CA GLN C 85 -23.95 1.34 40.41
C GLN C 85 -24.05 1.08 38.90
N ARG C 86 -25.08 1.62 38.28
CA ARG C 86 -25.29 1.44 36.84
C ARG C 86 -25.48 2.78 36.14
N LEU C 87 -25.04 2.83 34.88
CA LEU C 87 -25.29 4.00 34.04
C LEU C 87 -25.32 3.59 32.57
N GLN C 88 -26.27 4.15 31.83
CA GLN C 88 -26.32 3.94 30.39
C GLN C 88 -26.34 5.28 29.68
N PHE C 89 -25.69 5.33 28.52
CA PHE C 89 -25.66 6.55 27.72
C PHE C 89 -25.35 6.22 26.27
N PRO C 90 -25.88 7.02 25.35
CA PRO C 90 -25.50 6.82 23.94
C PRO C 90 -24.04 7.21 23.73
N LEU C 91 -23.40 6.62 22.73
CA LEU C 91 -22.08 7.08 22.30
C LEU C 91 -22.16 8.54 21.92
N PRO C 92 -21.08 9.29 22.17
CA PRO C 92 -21.05 10.70 21.75
C PRO C 92 -21.07 10.85 20.22
N THR C 93 -21.57 11.97 19.76
CA THR C 93 -21.57 12.29 18.33
C THR C 93 -21.12 13.73 18.14
N ALA C 94 -21.01 14.16 16.89
CA ALA C 94 -20.73 15.56 16.60
C ALA C 94 -21.90 16.39 17.09
N GLN C 95 -23.09 15.80 17.07
CA GLN C 95 -24.30 16.47 17.54
C GLN C 95 -24.32 16.58 19.05
N ARG C 96 -23.97 15.50 19.74
CA ARG C 96 -24.00 15.48 21.21
C ARG C 96 -22.74 14.85 21.81
N SER C 97 -22.09 15.60 22.71
CA SER C 97 -20.94 15.07 23.44
C SER C 97 -21.35 14.66 24.84
N LEU C 98 -20.67 13.66 25.38
CA LEU C 98 -20.91 13.23 26.77
C LEU C 98 -20.56 14.35 27.73
N GLU C 99 -21.08 14.27 28.94
CA GLU C 99 -20.82 15.30 29.94
C GLU C 99 -20.65 14.64 31.31
N PRO C 100 -19.83 15.25 32.17
CA PRO C 100 -19.66 14.68 33.52
C PRO C 100 -20.87 14.92 34.39
N GLY C 101 -21.08 14.05 35.38
CA GLY C 101 -22.18 14.21 36.31
C GLY C 101 -22.28 13.05 37.30
N THR C 102 -23.50 12.56 37.49
CA THR C 102 -23.79 11.49 38.43
C THR C 102 -23.99 10.18 37.68
N PRO C 103 -23.38 9.09 38.17
CA PRO C 103 -22.46 9.03 39.30
C PRO C 103 -21.03 9.36 38.89
N ARG C 104 -20.19 9.70 39.86
CA ARG C 104 -18.84 10.20 39.59
C ARG C 104 -17.93 9.14 38.96
N TRP C 105 -18.07 7.89 39.38
CA TRP C 105 -17.19 6.83 38.89
C TRP C 105 -17.31 6.67 37.38
N ALA C 106 -18.49 6.99 36.85
CA ALA C 106 -18.74 6.82 35.43
C ALA C 106 -18.09 7.93 34.59
N ASN C 107 -17.76 9.04 35.23
CA ASN C 107 -17.14 10.16 34.53
C ASN C 107 -15.80 9.80 33.89
N TYR C 108 -15.08 8.89 34.54
CA TYR C 108 -13.79 8.45 34.02
C TYR C 108 -13.99 7.66 32.73
N VAL C 109 -14.99 6.80 32.71
CA VAL C 109 -15.28 6.01 31.52
C VAL C 109 -15.79 6.91 30.41
N LYS C 110 -16.73 7.79 30.76
CA LYS C 110 -17.25 8.78 29.82
C LYS C 110 -16.14 9.60 29.16
N GLY C 111 -15.19 10.05 29.95
CA GLY C 111 -14.12 10.91 29.46
C GLY C 111 -13.24 10.23 28.44
N VAL C 112 -12.81 9.03 28.76
CA VAL C 112 -12.00 8.23 27.85
C VAL C 112 -12.74 7.96 26.54
N ILE C 113 -14.02 7.59 26.65
CA ILE C 113 -14.86 7.40 25.47
C ILE C 113 -14.94 8.67 24.63
N GLN C 114 -15.18 9.79 25.30
CA GLN C 114 -15.32 11.09 24.64
C GLN C 114 -14.08 11.49 23.86
N TYR C 115 -12.91 11.17 24.39
CA TYR C 115 -11.67 11.60 23.77
C TYR C 115 -10.95 10.46 23.05
N TYR C 116 -11.61 9.32 22.89
CA TYR C 116 -11.01 8.21 22.16
C TYR C 116 -10.79 8.62 20.70
N PRO C 117 -9.55 8.44 20.20
CA PRO C 117 -9.14 8.96 18.88
C PRO C 117 -9.59 8.16 17.66
N ALA C 118 -9.93 6.89 17.82
CA ALA C 118 -10.22 6.05 16.66
C ALA C 118 -11.72 5.84 16.44
N ALA C 119 -12.08 5.51 15.21
CA ALA C 119 -13.46 5.32 14.80
C ALA C 119 -13.52 4.21 13.74
N PRO C 120 -14.66 3.49 13.65
CA PRO C 120 -15.89 3.67 14.44
C PRO C 120 -15.88 2.88 15.75
N LEU C 121 -16.20 3.58 16.82
CA LEU C 121 -16.35 2.97 18.14
C LEU C 121 -17.79 2.50 18.34
N PRO C 122 -18.00 1.18 18.47
CA PRO C 122 -19.35 0.66 18.71
C PRO C 122 -19.74 0.83 20.17
N GLY C 123 -21.01 0.62 20.48
CA GLY C 123 -21.44 0.62 21.88
C GLY C 123 -20.95 -0.64 22.56
N PHE C 124 -21.13 -0.74 23.87
CA PHE C 124 -20.73 -1.94 24.58
C PHE C 124 -21.40 -2.06 25.94
N SER C 125 -21.42 -3.28 26.44
CA SER C 125 -21.84 -3.55 27.81
C SER C 125 -20.62 -3.97 28.60
N ALA C 126 -20.49 -3.49 29.82
CA ALA C 126 -19.32 -3.80 30.62
C ALA C 126 -19.60 -3.80 32.11
N VAL C 127 -18.90 -4.68 32.81
CA VAL C 127 -18.84 -4.64 34.26
C VAL C 127 -17.48 -4.10 34.68
N VAL C 128 -17.49 -3.17 35.64
CA VAL C 128 -16.27 -2.57 36.15
C VAL C 128 -16.04 -3.02 37.59
N VAL C 129 -14.86 -3.57 37.85
CA VAL C 129 -14.45 -3.93 39.21
C VAL C 129 -13.03 -3.45 39.47
N SER C 130 -12.67 -3.29 40.74
CA SER C 130 -11.34 -2.82 41.07
C SER C 130 -10.91 -3.24 42.49
N SER C 131 -9.63 -3.58 42.63
CA SER C 131 -9.04 -3.90 43.93
C SER C 131 -8.18 -2.74 44.42
N VAL C 132 -8.09 -1.69 43.60
CA VAL C 132 -7.41 -0.47 44.01
C VAL C 132 -8.32 0.30 44.96
N PRO C 133 -7.83 0.62 46.18
CA PRO C 133 -8.62 1.39 47.14
C PRO C 133 -9.07 2.70 46.54
N LEU C 134 -10.38 2.89 46.42
CA LEU C 134 -10.94 4.03 45.68
C LEU C 134 -10.55 5.35 46.33
N GLY C 135 -9.82 6.18 45.58
CA GLY C 135 -9.36 7.45 46.10
C GLY C 135 -8.42 7.26 47.29
N GLY C 136 -7.62 6.21 47.25
CA GLY C 136 -6.72 5.88 48.34
C GLY C 136 -5.27 6.24 48.12
N GLY C 137 -4.98 6.86 46.97
CA GLY C 137 -3.64 7.37 46.70
C GLY C 137 -2.81 6.48 45.78
N LEU C 138 -3.46 5.48 45.20
CA LEU C 138 -2.76 4.52 44.35
C LEU C 138 -3.29 4.51 42.92
N SER C 139 -3.85 5.64 42.51
CA SER C 139 -4.36 5.85 41.15
C SER C 139 -5.49 4.89 40.76
N SER C 140 -6.54 4.81 41.57
CA SER C 140 -7.72 4.04 41.19
C SER C 140 -8.30 4.56 39.88
N SER C 141 -8.41 5.88 39.78
CA SER C 141 -9.01 6.49 38.61
C SER C 141 -8.14 6.32 37.36
N ALA C 142 -6.82 6.43 37.51
CA ALA C 142 -5.93 6.19 36.37
C ALA C 142 -6.12 4.76 35.87
N SER C 143 -6.24 3.81 36.79
CA SER C 143 -6.41 2.41 36.40
C SER C 143 -7.75 2.21 35.68
N LEU C 144 -8.79 2.93 36.10
CA LEU C 144 -10.09 2.82 35.45
C LEU C 144 -10.03 3.45 34.06
N GLU C 145 -9.38 4.61 33.97
CA GLU C 145 -9.20 5.29 32.70
C GLU C 145 -8.47 4.40 31.70
N VAL C 146 -7.37 3.78 32.14
CA VAL C 146 -6.55 2.98 31.24
C VAL C 146 -7.19 1.63 30.92
N ALA C 147 -7.86 1.03 31.90
CA ALA C 147 -8.65 -0.17 31.65
C ALA C 147 -9.74 0.10 30.61
N THR C 148 -10.38 1.27 30.72
CA THR C 148 -11.39 1.66 29.76
C THR C 148 -10.77 1.84 28.39
N TYR C 149 -9.64 2.55 28.34
CA TYR C 149 -8.95 2.77 27.07
C TYR C 149 -8.59 1.44 26.43
N THR C 150 -7.95 0.57 27.20
CA THR C 150 -7.55 -0.75 26.73
C THR C 150 -8.75 -1.54 26.18
N PHE C 151 -9.90 -1.37 26.81
CA PHE C 151 -11.13 -2.01 26.34
C PHE C 151 -11.54 -1.47 24.97
N LEU C 152 -11.61 -0.15 24.83
CA LEU C 152 -11.99 0.46 23.55
C LEU C 152 -11.07 0.06 22.39
N GLN C 153 -9.78 -0.13 22.66
CA GLN C 153 -8.82 -0.58 21.65
C GLN C 153 -9.22 -1.92 21.05
N GLN C 154 -9.76 -2.80 21.91
CA GLN C 154 -10.26 -4.08 21.43
C GLN C 154 -11.52 -3.88 20.59
N LEU C 155 -12.28 -2.83 20.90
CA LEU C 155 -13.50 -2.55 20.14
C LEU C 155 -13.15 -1.85 18.84
N CYS C 156 -12.07 -1.08 18.87
CA CYS C 156 -11.69 -0.27 17.72
C CYS C 156 -10.23 0.20 17.85
N PRO C 157 -9.30 -0.63 17.36
CA PRO C 157 -7.84 -0.37 17.44
C PRO C 157 -7.49 1.06 17.05
N ASP C 158 -6.59 1.70 17.80
CA ASP C 158 -6.36 3.13 17.64
C ASP C 158 -5.12 3.50 16.81
N SER C 159 -4.34 2.51 16.41
CA SER C 159 -3.13 2.74 15.62
C SER C 159 -2.25 3.88 16.17
N GLY C 160 -2.26 4.06 17.48
CA GLY C 160 -1.59 5.18 18.11
C GLY C 160 -0.36 4.82 18.93
N THR C 161 0.11 5.79 19.71
CA THR C 161 1.31 5.61 20.52
C THR C 161 0.96 5.64 22.01
N ILE C 162 1.89 5.16 22.84
CA ILE C 162 1.66 5.08 24.28
C ILE C 162 1.39 6.45 24.89
N ALA C 163 2.15 7.46 24.45
CA ALA C 163 1.99 8.81 24.96
C ALA C 163 0.59 9.37 24.66
N ALA C 164 0.12 9.13 23.44
CA ALA C 164 -1.19 9.63 23.04
C ALA C 164 -2.28 9.04 23.93
N ARG C 165 -2.18 7.73 24.20
CA ARG C 165 -3.15 7.05 25.05
C ARG C 165 -3.17 7.64 26.46
N ALA C 166 -1.98 7.83 27.02
CA ALA C 166 -1.85 8.46 28.33
C ALA C 166 -2.50 9.83 28.37
N GLN C 167 -2.29 10.60 27.31
CA GLN C 167 -2.86 11.95 27.23
C GLN C 167 -4.38 11.93 27.09
N VAL C 168 -4.91 10.91 26.43
CA VAL C 168 -6.36 10.75 26.34
C VAL C 168 -6.94 10.55 27.74
N CYS C 169 -6.33 9.64 28.50
CA CYS C 169 -6.84 9.32 29.83
C CYS C 169 -6.63 10.50 30.78
N GLN C 170 -5.52 11.20 30.58
CA GLN C 170 -5.21 12.40 31.35
C GLN C 170 -6.27 13.48 31.11
N GLN C 171 -6.65 13.64 29.85
CA GLN C 171 -7.68 14.62 29.48
C GLN C 171 -9.03 14.25 30.10
N ALA C 172 -9.30 12.96 30.19
CA ALA C 172 -10.52 12.49 30.86
C ALA C 172 -10.48 12.90 32.32
N GLU C 173 -9.31 12.76 32.94
CA GLU C 173 -9.12 13.16 34.32
C GLU C 173 -9.34 14.66 34.49
N HIS C 174 -8.76 15.44 33.59
CA HIS C 174 -8.87 16.90 33.62
C HIS C 174 -10.31 17.36 33.41
N SER C 175 -10.90 16.93 32.30
CA SER C 175 -12.18 17.47 31.84
C SER C 175 -13.40 16.87 32.54
N PHE C 176 -13.37 15.57 32.80
CA PHE C 176 -14.54 14.89 33.34
C PHE C 176 -14.45 14.63 34.85
N ALA C 177 -13.25 14.71 35.41
CA ALA C 177 -13.11 14.51 36.85
C ALA C 177 -12.60 15.76 37.55
N GLY C 178 -12.33 16.80 36.78
CA GLY C 178 -11.87 18.07 37.32
C GLY C 178 -10.57 17.97 38.09
N MET C 179 -9.69 17.07 37.67
CA MET C 179 -8.40 16.87 38.33
C MET C 179 -7.25 17.02 37.34
N PRO C 180 -6.52 18.14 37.41
CA PRO C 180 -5.47 18.44 36.43
C PRO C 180 -4.18 17.70 36.72
N CYS C 181 -4.21 16.38 36.56
CA CYS C 181 -3.08 15.53 36.89
C CYS C 181 -1.98 15.61 35.84
N GLY C 182 -0.78 15.19 36.22
CA GLY C 182 0.30 15.03 35.26
C GLY C 182 0.11 13.71 34.54
N ILE C 183 1.14 13.25 33.83
CA ILE C 183 1.01 12.07 32.99
C ILE C 183 1.45 10.77 33.67
N MET C 184 2.01 10.86 34.88
CA MET C 184 2.62 9.69 35.52
C MET C 184 1.67 8.48 35.66
N ASP C 185 0.55 8.70 36.35
CA ASP C 185 -0.33 7.59 36.73
C ASP C 185 -0.85 6.85 35.50
N GLN C 186 -1.19 7.60 34.46
CA GLN C 186 -1.65 7.01 33.21
C GLN C 186 -0.54 6.20 32.54
N PHE C 187 0.66 6.76 32.48
CA PHE C 187 1.74 6.10 31.76
C PHE C 187 2.17 4.80 32.45
N ILE C 188 2.20 4.80 33.79
CA ILE C 188 2.62 3.58 34.48
C ILE C 188 1.55 2.49 34.42
N SER C 189 0.28 2.88 34.43
CA SER C 189 -0.80 1.90 34.30
C SER C 189 -0.75 1.28 32.91
N LEU C 190 -0.38 2.09 31.92
CA LEU C 190 -0.22 1.61 30.55
C LEU C 190 1.00 0.71 30.36
N MET C 191 2.15 1.17 30.83
CA MET C 191 3.40 0.56 30.41
C MET C 191 4.20 -0.15 31.50
N GLY C 192 3.57 -0.39 32.64
CA GLY C 192 4.23 -1.13 33.69
C GLY C 192 4.57 -2.53 33.22
N GLN C 193 5.60 -3.13 33.80
CA GLN C 193 5.96 -4.51 33.48
C GLN C 193 6.32 -5.24 34.76
N LYS C 194 5.87 -6.49 34.88
CA LYS C 194 6.18 -7.27 36.06
C LYS C 194 7.68 -7.29 36.33
N GLY C 195 8.06 -6.99 37.57
CA GLY C 195 9.45 -7.07 37.98
C GLY C 195 10.28 -5.85 37.62
N HIS C 196 9.60 -4.79 37.18
CA HIS C 196 10.28 -3.55 36.82
C HIS C 196 9.66 -2.33 37.48
N ALA C 197 10.50 -1.34 37.76
CA ALA C 197 10.01 0.00 38.00
C ALA C 197 10.10 0.71 36.66
N LEU C 198 9.41 1.84 36.52
CA LEU C 198 9.44 2.58 35.26
C LEU C 198 9.95 4.00 35.47
N LEU C 199 11.15 4.28 34.99
CA LEU C 199 11.65 5.65 34.99
C LEU C 199 11.00 6.42 33.85
N ILE C 200 10.25 7.46 34.17
CA ILE C 200 9.60 8.25 33.15
C ILE C 200 10.21 9.65 33.07
N ASP C 201 10.67 10.02 31.88
CA ASP C 201 11.10 11.39 31.63
C ASP C 201 9.89 12.14 31.09
N CYS C 202 9.33 13.03 31.90
CA CYS C 202 8.07 13.68 31.53
C CYS C 202 8.30 14.92 30.67
N ARG C 203 9.52 15.07 30.16
CA ARG C 203 9.81 16.12 29.19
C ARG C 203 9.91 15.52 27.79
N SER C 204 10.82 14.56 27.62
CA SER C 204 11.05 13.92 26.33
C SER C 204 10.09 12.76 26.09
N LEU C 205 9.45 12.31 27.16
CA LEU C 205 8.54 11.15 27.15
C LEU C 205 9.26 9.84 26.86
N GLU C 206 10.58 9.83 27.04
CA GLU C 206 11.35 8.59 27.04
C GLU C 206 11.07 7.84 28.35
N THR C 207 10.99 6.51 28.27
CA THR C 207 10.80 5.69 29.47
C THR C 207 11.85 4.60 29.58
N SER C 208 12.20 4.22 30.81
CA SER C 208 13.12 3.12 31.03
C SER C 208 12.53 2.08 31.96
N LEU C 209 12.58 0.83 31.55
CA LEU C 209 12.17 -0.27 32.39
C LEU C 209 13.34 -0.71 33.25
N VAL C 210 13.31 -0.33 34.52
CA VAL C 210 14.42 -0.63 35.42
C VAL C 210 14.11 -1.88 36.23
N PRO C 211 14.87 -2.95 36.00
CA PRO C 211 14.69 -4.23 36.69
C PRO C 211 14.60 -4.07 38.20
N LEU C 212 13.55 -4.65 38.78
CA LEU C 212 13.32 -4.57 40.22
C LEU C 212 13.02 -5.96 40.73
N SER C 213 13.87 -6.92 40.35
CA SER C 213 13.70 -8.31 40.75
C SER C 213 14.80 -8.73 41.73
N ASP C 214 14.52 -8.58 43.02
CA ASP C 214 15.42 -9.03 44.08
C ASP C 214 14.56 -9.42 45.26
N PRO C 215 14.47 -10.73 45.54
CA PRO C 215 13.65 -11.23 46.65
C PRO C 215 14.03 -10.64 47.99
N LYS C 216 15.26 -10.13 48.09
CA LYS C 216 15.75 -9.53 49.33
C LYS C 216 15.20 -8.13 49.57
N LEU C 217 14.78 -7.47 48.49
CA LEU C 217 14.26 -6.11 48.58
C LEU C 217 12.74 -6.09 48.42
N ALA C 218 12.06 -5.39 49.31
CA ALA C 218 10.60 -5.34 49.28
C ALA C 218 10.06 -3.92 49.30
N VAL C 219 8.84 -3.77 48.79
CA VAL C 219 8.14 -2.50 48.77
C VAL C 219 6.89 -2.61 49.62
N LEU C 220 6.88 -1.91 50.76
CA LEU C 220 5.73 -1.92 51.65
C LEU C 220 4.88 -0.67 51.49
N ILE C 221 3.63 -0.85 51.09
CA ILE C 221 2.69 0.25 50.97
C ILE C 221 1.76 0.30 52.17
N THR C 222 1.62 1.48 52.78
CA THR C 222 0.75 1.62 53.94
C THR C 222 -0.33 2.66 53.72
N ASN C 223 -1.58 2.23 53.72
CA ASN C 223 -2.71 3.14 53.57
C ASN C 223 -3.07 3.77 54.91
N SER C 224 -2.95 5.09 54.99
CA SER C 224 -3.32 5.84 56.17
C SER C 224 -4.81 5.75 56.45
N ASN C 225 -5.57 5.42 55.40
CA ASN C 225 -7.02 5.41 55.44
C ASN C 225 -7.59 6.77 55.83
N VAL C 226 -6.87 7.83 55.45
CA VAL C 226 -7.41 9.17 55.57
C VAL C 226 -7.29 9.88 54.23
N ARG C 227 -8.15 10.86 54.03
CA ARG C 227 -8.06 11.74 52.88
C ARG C 227 -8.63 13.10 53.26
N HIS C 228 -7.76 14.01 53.67
CA HIS C 228 -8.17 15.34 54.08
C HIS C 228 -8.87 16.06 52.92
N SER C 229 -9.64 17.09 53.25
CA SER C 229 -10.35 17.84 52.23
C SER C 229 -9.48 18.96 51.68
N LEU C 230 -8.25 19.05 52.20
CA LEU C 230 -7.31 20.13 51.89
C LEU C 230 -7.37 20.64 50.44
N ALA C 231 -7.07 19.90 49.36
CA ALA C 231 -6.41 18.58 49.15
C ALA C 231 -6.69 18.32 47.68
N SER C 232 -7.97 18.06 47.41
CA SER C 232 -8.53 18.17 46.08
C SER C 232 -8.26 19.57 45.51
N SER C 233 -8.25 20.57 46.39
CA SER C 233 -8.09 21.95 46.00
C SER C 233 -6.63 22.46 46.05
N GLU C 234 -5.79 21.79 46.84
CA GLU C 234 -4.41 22.25 46.99
C GLU C 234 -3.50 21.81 45.85
N TYR C 235 -3.76 20.63 45.29
CA TYR C 235 -3.00 20.13 44.14
C TYR C 235 -2.95 21.14 42.99
N PRO C 236 -4.12 21.72 42.59
CA PRO C 236 -4.00 22.72 41.52
C PRO C 236 -3.22 23.96 41.94
N VAL C 237 -3.29 24.32 43.22
CA VAL C 237 -2.59 25.50 43.73
C VAL C 237 -1.09 25.34 43.54
N ARG C 238 -0.60 24.13 43.79
CA ARG C 238 0.81 23.82 43.60
C ARG C 238 1.23 23.95 42.14
N ARG C 239 0.37 23.50 41.23
CA ARG C 239 0.67 23.57 39.80
C ARG C 239 0.83 25.01 39.33
N ARG C 240 -0.12 25.86 39.73
CA ARG C 240 -0.15 27.25 39.30
C ARG C 240 1.10 28.01 39.74
N GLN C 241 1.61 27.69 40.93
CA GLN C 241 2.80 28.34 41.46
C GLN C 241 4.00 28.09 40.55
N CYS C 242 4.13 26.84 40.09
CA CYS C 242 5.22 26.44 39.20
C CYS C 242 5.18 27.22 37.89
N GLU C 243 3.99 27.32 37.31
CA GLU C 243 3.79 28.03 36.05
C GLU C 243 4.25 29.48 36.17
N GLU C 244 4.00 30.05 37.34
CA GLU C 244 4.36 31.44 37.61
C GLU C 244 5.86 31.59 37.82
N VAL C 245 6.46 30.65 38.54
CA VAL C 245 7.90 30.67 38.79
C VAL C 245 8.66 30.56 37.46
N ALA C 246 8.30 29.57 36.67
CA ALA C 246 8.93 29.34 35.38
C ALA C 246 8.79 30.55 34.47
N ARG C 247 7.63 31.23 34.55
CA ARG C 247 7.38 32.40 33.73
C ARG C 247 8.26 33.57 34.14
N ALA C 248 8.62 33.61 35.43
CA ALA C 248 9.44 34.69 35.96
C ALA C 248 10.91 34.46 35.68
N LEU C 249 11.27 33.22 35.33
CA LEU C 249 12.67 32.88 35.11
C LEU C 249 13.01 32.71 33.64
N GLY C 250 12.02 32.91 32.78
CA GLY C 250 12.22 32.82 31.34
C GLY C 250 12.19 31.39 30.84
N ALA C 251 12.02 30.44 31.77
CA ALA C 251 11.95 29.04 31.41
C ALA C 251 10.53 28.68 30.97
N ALA C 252 10.42 27.58 30.21
CA ALA C 252 9.10 27.09 29.80
C ALA C 252 8.63 26.02 30.77
N SER C 253 9.55 25.59 31.64
CA SER C 253 9.29 24.55 32.62
C SER C 253 10.39 24.54 33.68
N LEU C 254 10.11 23.89 34.80
CA LEU C 254 11.05 23.91 35.93
C LEU C 254 12.21 22.95 35.76
N ARG C 255 12.02 21.87 34.99
CA ARG C 255 13.13 20.94 34.76
C ARG C 255 14.29 21.68 34.09
N GLU C 256 13.97 22.68 33.26
CA GLU C 256 14.97 23.56 32.66
C GLU C 256 15.80 24.21 33.75
N VAL C 257 15.12 24.74 34.75
CA VAL C 257 15.76 25.44 35.85
C VAL C 257 16.57 24.51 36.73
N GLN C 258 17.85 24.82 36.87
CA GLN C 258 18.75 24.09 37.75
C GLN C 258 18.69 24.65 39.16
N LEU C 259 19.01 23.79 40.14
CA LEU C 259 19.06 24.19 41.54
C LEU C 259 19.88 25.46 41.75
N GLU C 260 21.10 25.46 41.21
CA GLU C 260 22.01 26.59 41.33
C GLU C 260 21.44 27.85 40.70
N GLU C 261 20.73 27.69 39.58
CA GLU C 261 20.11 28.80 38.87
C GLU C 261 19.07 29.50 39.74
N LEU C 262 18.33 28.71 40.51
CA LEU C 262 17.23 29.24 41.33
C LEU C 262 17.75 30.02 42.54
N GLU C 263 18.89 29.60 43.07
CA GLU C 263 19.48 30.25 44.23
C GLU C 263 19.88 31.68 43.92
N ALA C 264 20.63 31.85 42.83
CA ALA C 264 21.10 33.17 42.41
C ALA C 264 20.04 33.89 41.57
N ALA C 265 18.78 33.61 41.84
CA ALA C 265 17.67 34.27 41.18
C ALA C 265 16.46 34.32 42.10
N ARG C 266 16.72 34.07 43.38
CA ARG C 266 15.67 34.02 44.41
C ARG C 266 14.84 35.29 44.50
N ASP C 267 15.49 36.44 44.33
CA ASP C 267 14.82 37.73 44.48
C ASP C 267 13.96 38.10 43.27
N LEU C 268 13.74 37.13 42.38
CA LEU C 268 12.91 37.37 41.20
C LEU C 268 11.51 36.79 41.38
N VAL C 269 11.36 35.92 42.38
CA VAL C 269 10.08 35.31 42.68
C VAL C 269 9.74 35.46 44.16
N SER C 270 8.56 34.96 44.56
CA SER C 270 8.06 35.13 45.92
C SER C 270 8.87 34.35 46.96
N LYS C 271 8.37 34.35 48.19
CA LYS C 271 9.04 33.64 49.28
C LYS C 271 8.66 32.16 49.29
N GLU C 272 7.53 31.85 48.66
CA GLU C 272 7.17 30.46 48.42
C GLU C 272 7.92 29.97 47.19
N PHE C 274 9.09 30.59 46.98
CA PHE C 274 10.20 30.10 46.15
C PHE C 274 10.60 28.71 46.61
N ARG C 275 10.13 28.37 47.80
CA ARG C 275 10.10 27.00 48.30
C ARG C 275 9.61 26.01 47.24
N ARG C 276 8.39 26.19 46.74
CA ARG C 276 7.80 25.22 45.82
C ARG C 276 8.73 24.82 44.67
N ALA C 277 9.42 25.82 44.09
CA ALA C 277 10.34 25.55 42.99
C ALA C 277 11.58 24.81 43.47
N ARG C 278 11.87 24.91 44.77
CA ARG C 278 13.02 24.23 45.34
C ARG C 278 12.76 22.73 45.46
N HIS C 279 11.52 22.37 45.77
CA HIS C 279 11.18 20.95 45.82
C HIS C 279 11.31 20.30 44.46
N VAL C 280 10.65 20.88 43.45
CA VAL C 280 10.63 20.28 42.12
C VAL C 280 12.02 20.13 41.53
N VAL C 281 12.77 21.23 41.46
CA VAL C 281 14.12 21.21 40.92
C VAL C 281 14.98 20.21 41.65
N GLY C 282 14.89 20.19 42.98
CA GLY C 282 15.61 19.24 43.79
C GLY C 282 15.14 17.82 43.54
N GLU C 283 13.83 17.60 43.60
CA GLU C 283 13.22 16.28 43.44
C GLU C 283 13.56 15.65 42.11
N ILE C 284 13.55 16.46 41.05
CA ILE C 284 13.96 16.00 39.72
C ILE C 284 15.37 15.43 39.75
N ARG C 285 16.28 16.15 40.42
CA ARG C 285 17.65 15.67 40.57
C ARG C 285 17.72 14.45 41.49
N ARG C 286 16.91 14.44 42.54
CA ARG C 286 16.87 13.33 43.48
C ARG C 286 16.43 12.02 42.79
N THR C 287 15.51 12.15 41.84
CA THR C 287 14.99 11.00 41.13
C THR C 287 16.03 10.44 40.18
N ALA C 288 16.70 11.35 39.47
CA ALA C 288 17.77 10.98 38.55
C ALA C 288 18.86 10.21 39.27
N GLN C 289 19.12 10.55 40.52
CA GLN C 289 20.11 9.84 41.34
C GLN C 289 19.53 8.56 41.95
N ALA C 290 18.21 8.51 42.08
CA ALA C 290 17.54 7.34 42.66
C ALA C 290 17.54 6.12 41.72
N ALA C 291 17.24 6.35 40.44
CA ALA C 291 17.23 5.27 39.44
C ALA C 291 18.61 4.61 39.29
N ALA C 292 19.64 5.43 39.13
CA ALA C 292 21.02 4.94 39.01
C ALA C 292 21.39 4.14 40.25
N ALA C 293 21.01 4.67 41.41
CA ALA C 293 21.14 3.96 42.66
C ALA C 293 20.48 2.58 42.57
N LEU C 294 19.27 2.54 42.01
CA LEU C 294 18.53 1.29 41.86
C LEU C 294 19.27 0.31 40.97
N ARG C 295 19.82 0.81 39.85
CA ARG C 295 20.61 0.00 38.94
C ARG C 295 21.86 -0.57 39.62
N ARG C 296 22.49 0.24 40.46
CA ARG C 296 23.68 -0.19 41.19
C ARG C 296 23.30 -1.06 42.38
N GLY C 297 22.01 -1.13 42.68
CA GLY C 297 21.54 -1.83 43.86
C GLY C 297 21.90 -1.06 45.13
N ASP C 298 22.22 0.22 44.95
CA ASP C 298 22.58 1.08 46.07
C ASP C 298 21.34 1.53 46.83
N TYR C 299 20.73 0.57 47.54
CA TYR C 299 19.47 0.79 48.23
C TYR C 299 19.56 1.84 49.31
N ARG C 300 20.70 1.88 50.02
CA ARG C 300 20.90 2.82 51.11
C ARG C 300 20.77 4.26 50.63
N ALA C 301 21.40 4.57 49.50
CA ALA C 301 21.31 5.91 48.92
C ALA C 301 19.90 6.17 48.39
N PHE C 302 19.27 5.13 47.87
CA PHE C 302 17.90 5.23 47.35
C PHE C 302 16.95 5.74 48.42
N GLY C 303 16.89 5.00 49.53
CA GLY C 303 16.02 5.36 50.64
C GLY C 303 16.30 6.73 51.22
N ARG C 304 17.58 7.11 51.24
CA ARG C 304 17.97 8.42 51.75
C ARG C 304 17.39 9.52 50.87
N LEU C 305 17.43 9.30 49.56
CA LEU C 305 16.81 10.21 48.62
C LEU C 305 15.30 10.26 48.85
N MET C 306 14.72 9.13 49.24
CA MET C 306 13.28 9.05 49.52
C MET C 306 12.90 9.91 50.70
N VAL C 307 13.68 9.83 51.77
CA VAL C 307 13.44 10.61 52.97
C VAL C 307 13.64 12.09 52.66
N GLU C 308 14.71 12.39 51.92
CA GLU C 308 14.92 13.75 51.42
C GLU C 308 13.70 14.21 50.63
N SER C 309 13.16 13.32 49.80
CA SER C 309 11.94 13.60 49.05
C SER C 309 10.78 13.92 49.98
N HIS C 310 10.55 13.06 50.97
CA HIS C 310 9.47 13.27 51.93
C HIS C 310 9.63 14.60 52.67
N ARG C 311 10.83 14.85 53.21
CA ARG C 311 11.09 16.09 53.93
C ARG C 311 10.80 17.30 53.05
N SER C 312 11.19 17.20 51.78
CA SER C 312 10.93 18.26 50.82
C SER C 312 9.43 18.37 50.55
N LEU C 313 8.74 17.23 50.52
CA LEU C 313 7.29 17.23 50.36
C LEU C 313 6.59 17.76 51.60
N ARG C 314 7.13 17.42 52.77
CA ARG C 314 6.52 17.79 54.05
C ARG C 314 6.78 19.23 54.44
N ASP C 315 8.03 19.67 54.37
CA ASP C 315 8.40 20.99 54.85
C ASP C 315 8.41 22.04 53.74
N ASP C 316 8.74 21.61 52.54
CA ASP C 316 8.99 22.55 51.46
C ASP C 316 7.81 22.63 50.50
N TYR C 317 7.24 21.48 50.15
CA TYR C 317 6.09 21.47 49.25
C TYR C 317 4.77 21.54 50.01
N GLU C 318 4.82 21.09 51.27
CA GLU C 318 3.67 21.10 52.17
C GLU C 318 2.47 20.36 51.59
N VAL C 319 2.70 19.10 51.21
CA VAL C 319 1.61 18.27 50.73
C VAL C 319 1.52 16.98 51.53
N SER C 320 2.25 16.94 52.64
CA SER C 320 2.10 15.82 53.56
C SER C 320 0.98 16.14 54.56
N CYS C 321 0.78 15.24 55.51
CA CYS C 321 -0.16 15.45 56.60
C CYS C 321 0.36 14.68 57.81
N PRO C 322 -0.07 15.07 59.02
CA PRO C 322 0.44 14.44 60.25
C PRO C 322 0.37 12.91 60.21
N GLU C 323 -0.69 12.36 59.61
CA GLU C 323 -0.81 10.92 59.45
C GLU C 323 0.34 10.35 58.62
N LEU C 324 0.64 11.00 57.51
CA LEU C 324 1.74 10.58 56.63
C LEU C 324 3.10 10.79 57.28
N ASP C 325 3.25 11.94 57.94
CA ASP C 325 4.48 12.25 58.66
C ASP C 325 4.76 11.19 59.72
N GLN C 326 3.71 10.80 60.44
CA GLN C 326 3.84 9.82 61.51
C GLN C 326 4.21 8.45 60.95
N LEU C 327 3.53 8.04 59.89
CA LEU C 327 3.80 6.75 59.26
C LEU C 327 5.23 6.68 58.74
N VAL C 328 5.71 7.76 58.14
CA VAL C 328 7.05 7.83 57.61
C VAL C 328 8.08 7.85 58.75
N GLU C 329 7.82 8.66 59.77
CA GLU C 329 8.69 8.75 60.93
C GLU C 329 8.77 7.40 61.65
N ALA C 330 7.65 6.71 61.71
CA ALA C 330 7.60 5.38 62.31
C ALA C 330 8.35 4.37 61.45
N ALA C 331 8.23 4.51 60.13
CA ALA C 331 8.91 3.58 59.23
C ALA C 331 10.43 3.67 59.34
N LEU C 332 10.94 4.89 59.48
CA LEU C 332 12.38 5.11 59.50
C LEU C 332 13.03 4.64 60.80
N ALA C 333 12.22 4.16 61.74
CA ALA C 333 12.72 3.72 63.03
C ALA C 333 13.14 2.25 62.99
N VAL C 334 12.47 1.46 62.16
CA VAL C 334 12.76 0.04 62.05
C VAL C 334 14.04 -0.22 61.25
N PRO C 335 15.00 -0.94 61.87
CA PRO C 335 16.22 -1.41 61.19
C PRO C 335 15.93 -2.26 59.97
N GLY C 336 16.53 -1.91 58.84
CA GLY C 336 16.28 -2.60 57.58
C GLY C 336 15.55 -1.73 56.59
N VAL C 337 14.91 -0.68 57.09
CA VAL C 337 14.23 0.29 56.24
C VAL C 337 15.23 1.28 55.64
N TYR C 338 15.30 1.29 54.31
CA TYR C 338 16.20 2.20 53.60
C TYR C 338 15.70 3.62 53.62
N GLY C 339 14.40 3.77 53.42
CA GLY C 339 13.76 5.06 53.44
C GLY C 339 12.27 4.87 53.37
N SER C 340 11.52 5.92 53.67
CA SER C 340 10.08 5.89 53.56
C SER C 340 9.62 7.29 53.18
N ARG C 341 8.40 7.38 52.67
CA ARG C 341 7.86 8.65 52.23
C ARG C 341 6.39 8.52 51.90
N MET C 342 5.68 9.64 51.91
CA MET C 342 4.37 9.68 51.30
C MET C 342 4.55 9.39 49.82
N THR C 343 3.54 8.80 49.20
CA THR C 343 3.57 8.57 47.77
C THR C 343 2.30 9.15 47.16
N GLY C 344 2.37 9.56 45.89
CA GLY C 344 1.23 10.13 45.21
C GLY C 344 0.96 11.57 45.62
N GLY C 345 -0.29 11.99 45.53
CA GLY C 345 -0.67 13.39 45.70
C GLY C 345 -0.37 13.99 47.05
N GLY C 346 -0.70 13.27 48.11
CA GLY C 346 -0.49 13.76 49.47
C GLY C 346 -1.78 14.06 50.21
N PHE C 347 -1.67 14.74 51.35
CA PHE C 347 -2.82 15.07 52.21
C PHE C 347 -3.58 13.82 52.64
N GLY C 348 -2.89 12.68 52.65
CA GLY C 348 -3.51 11.41 52.98
C GLY C 348 -3.02 10.35 52.02
N GLY C 349 -3.78 9.25 51.93
CA GLY C 349 -3.40 8.17 51.05
C GLY C 349 -2.37 7.24 51.67
N CYS C 350 -1.34 6.91 50.89
CA CYS C 350 -0.38 5.89 51.31
C CYS C 350 1.04 6.39 51.47
N THR C 351 1.80 5.65 52.27
CA THR C 351 3.25 5.80 52.30
C THR C 351 3.88 4.61 51.58
N VAL C 352 5.07 4.82 51.05
CA VAL C 352 5.82 3.73 50.44
C VAL C 352 7.16 3.59 51.16
N THR C 353 7.57 2.35 51.39
CA THR C 353 8.80 2.07 52.13
C THR C 353 9.60 0.95 51.48
N LEU C 354 10.86 1.23 51.16
CA LEU C 354 11.77 0.18 50.70
C LEU C 354 12.58 -0.34 51.88
N LEU C 355 12.69 -1.66 51.96
CA LEU C 355 13.35 -2.32 53.08
C LEU C 355 13.76 -3.75 52.73
N GLU C 356 14.54 -4.36 53.61
CA GLU C 356 14.92 -5.76 53.46
C GLU C 356 13.68 -6.64 53.70
N ALA C 357 13.29 -7.38 52.67
CA ALA C 357 12.06 -8.19 52.68
C ALA C 357 11.80 -8.94 53.98
N SER C 358 12.88 -9.39 54.63
CA SER C 358 12.75 -10.10 55.90
C SER C 358 12.24 -9.19 57.03
N ALA C 359 12.57 -7.90 56.95
CA ALA C 359 12.24 -6.96 58.02
C ALA C 359 10.86 -6.32 57.83
N ALA C 360 10.13 -6.76 56.82
CA ALA C 360 8.79 -6.23 56.54
C ALA C 360 7.74 -6.55 57.62
N PRO C 361 7.72 -7.80 58.14
CA PRO C 361 6.73 -8.07 59.18
C PRO C 361 6.98 -7.29 60.48
N HIS C 362 8.24 -7.05 60.85
CA HIS C 362 8.52 -6.21 62.01
C HIS C 362 8.05 -4.80 61.71
N ALA C 363 8.35 -4.36 60.49
CA ALA C 363 7.97 -3.02 60.04
C ALA C 363 6.47 -2.87 59.96
N MET C 364 5.76 -4.00 59.81
CA MET C 364 4.30 -3.98 59.81
C MET C 364 3.79 -3.57 61.19
N ARG C 365 4.27 -4.25 62.22
CA ARG C 365 3.83 -4.02 63.58
C ARG C 365 4.15 -2.61 64.07
N HIS C 366 5.44 -2.26 64.07
CA HIS C 366 5.91 -0.97 64.58
C HIS C 366 5.20 0.19 63.89
N ILE C 367 5.10 0.12 62.57
CA ILE C 367 4.41 1.15 61.81
C ILE C 367 2.95 1.23 62.26
N GLN C 368 2.33 0.06 62.37
CA GLN C 368 0.97 -0.04 62.89
C GLN C 368 0.93 0.40 64.34
N GLU C 369 1.90 -0.05 65.12
CA GLU C 369 1.97 0.24 66.55
C GLU C 369 1.94 1.74 66.83
N HIS C 370 2.74 2.49 66.08
CA HIS C 370 2.88 3.91 66.30
C HIS C 370 1.93 4.75 65.46
N TYR C 371 0.96 4.10 64.80
CA TYR C 371 -0.02 4.84 64.01
C TYR C 371 -1.34 4.98 64.75
N GLY C 372 -1.69 6.21 65.08
CA GLY C 372 -2.90 6.51 65.82
C GLY C 372 -4.17 6.14 65.07
N GLY C 373 -4.10 6.23 63.74
CA GLY C 373 -5.23 5.89 62.89
C GLY C 373 -5.24 4.41 62.54
N THR C 374 -5.92 4.07 61.45
CA THR C 374 -6.01 2.69 61.00
C THR C 374 -5.09 2.42 59.81
N ALA C 375 -4.38 1.30 59.85
CA ALA C 375 -3.43 0.97 58.80
C ALA C 375 -3.91 -0.19 57.93
N THR C 376 -3.71 -0.07 56.63
CA THR C 376 -3.89 -1.17 55.69
C THR C 376 -2.59 -1.40 54.94
N PHE C 377 -2.16 -2.65 54.82
CA PHE C 377 -0.87 -2.95 54.22
C PHE C 377 -0.99 -3.61 52.86
N TYR C 378 -0.04 -3.27 51.99
CA TYR C 378 0.13 -3.95 50.72
C TYR C 378 1.60 -4.30 50.52
N LEU C 379 1.91 -5.59 50.53
CA LEU C 379 3.24 -6.05 50.14
C LEU C 379 3.24 -6.27 48.64
N SER C 380 3.86 -5.35 47.92
CA SER C 380 3.62 -5.22 46.48
C SER C 380 4.78 -5.70 45.61
N GLN C 381 4.52 -6.71 44.80
CA GLN C 381 5.46 -7.09 43.75
C GLN C 381 5.22 -6.19 42.55
N ALA C 382 6.31 -5.80 41.89
CA ALA C 382 6.21 -4.98 40.69
C ALA C 382 5.41 -5.73 39.63
N ALA C 383 4.40 -5.08 39.07
CA ALA C 383 3.41 -5.80 38.26
C ALA C 383 3.29 -5.30 36.82
N ASP C 384 2.60 -6.10 36.00
CA ASP C 384 2.31 -5.74 34.62
C ASP C 384 1.45 -4.49 34.49
N GLY C 385 1.51 -3.87 33.31
CA GLY C 385 0.66 -2.76 32.97
C GLY C 385 -0.64 -3.26 32.38
N ALA C 386 -1.17 -2.54 31.40
CA ALA C 386 -2.46 -2.90 30.79
C ALA C 386 -2.37 -4.25 30.09
N LYS C 387 -3.37 -5.09 30.29
CA LYS C 387 -3.37 -6.42 29.71
C LYS C 387 -4.74 -6.77 29.14
N VAL C 388 -4.74 -7.68 28.17
CA VAL C 388 -5.96 -8.14 27.52
C VAL C 388 -6.06 -9.65 27.64
N LEU C 389 -7.27 -10.15 27.85
CA LEU C 389 -7.52 -11.58 27.84
C LEU C 389 -8.84 -11.87 27.13
N CYS C 390 -8.76 -12.48 25.96
CA CYS C 390 -9.95 -12.79 25.18
C CYS C 390 -10.69 -13.94 25.85
N LEU C 391 -12.02 -13.84 25.93
CA LEU C 391 -12.81 -14.85 26.61
C LEU C 391 -13.67 -15.64 25.63
N GLN D 7 -29.07 19.55 -38.71
CA GLN D 7 -30.11 20.51 -38.31
C GLN D 7 -30.67 20.16 -36.93
N VAL D 8 -30.81 21.18 -36.10
CA VAL D 8 -31.20 21.01 -34.70
C VAL D 8 -32.63 20.51 -34.52
N ALA D 9 -33.53 20.95 -35.39
CA ALA D 9 -34.95 20.63 -35.26
C ALA D 9 -35.22 19.13 -35.28
N GLU D 10 -34.46 18.41 -36.08
CA GLU D 10 -34.67 16.97 -36.23
C GLU D 10 -34.23 16.17 -35.00
N LEU D 11 -33.59 16.84 -34.05
CA LEU D 11 -33.12 16.18 -32.84
C LEU D 11 -34.16 16.21 -31.72
N LEU D 12 -34.81 17.36 -31.56
CA LEU D 12 -35.77 17.59 -30.49
C LEU D 12 -36.98 16.65 -30.58
N ALA D 13 -37.25 16.16 -31.79
CA ALA D 13 -38.37 15.25 -32.02
C ALA D 13 -38.27 14.00 -31.15
N GLU D 14 -37.08 13.38 -31.14
CA GLU D 14 -36.84 12.18 -30.36
C GLU D 14 -36.75 12.51 -28.87
N GLU D 26 -45.91 11.94 -23.43
CA GLU D 26 -44.92 12.94 -23.81
C GLU D 26 -44.17 13.50 -22.61
N PRO D 27 -42.92 13.93 -22.83
CA PRO D 27 -42.12 14.55 -21.78
C PRO D 27 -42.50 16.00 -21.53
N GLU D 28 -42.22 16.51 -20.33
CA GLU D 28 -42.56 17.87 -19.97
C GLU D 28 -41.36 18.81 -20.12
N LEU D 29 -40.16 18.23 -20.22
CA LEU D 29 -38.91 19.00 -20.19
C LEU D 29 -38.00 18.71 -21.39
N ALA D 30 -37.26 19.72 -21.81
CA ALA D 30 -36.24 19.53 -22.85
C ALA D 30 -35.02 20.43 -22.59
N VAL D 31 -33.84 19.83 -22.53
CA VAL D 31 -32.61 20.60 -22.36
C VAL D 31 -31.58 20.20 -23.41
N SER D 32 -30.52 20.98 -23.51
CA SER D 32 -29.42 20.66 -24.40
C SER D 32 -28.12 21.29 -23.93
N ALA D 33 -27.01 20.69 -24.34
CA ALA D 33 -25.69 21.26 -24.15
C ALA D 33 -24.85 20.93 -25.37
N PRO D 34 -24.05 21.89 -25.84
CA PRO D 34 -23.32 21.74 -27.10
C PRO D 34 -22.02 20.96 -26.95
N GLY D 35 -21.48 20.51 -28.08
CA GLY D 35 -20.11 20.07 -28.15
C GLY D 35 -19.22 21.31 -28.17
N ARG D 36 -17.92 21.10 -28.14
CA ARG D 36 -16.93 22.19 -28.11
C ARG D 36 -15.88 21.99 -29.21
N VAL D 37 -15.40 23.09 -29.79
CA VAL D 37 -14.13 23.04 -30.51
C VAL D 37 -13.21 24.12 -29.93
N ASN D 38 -11.94 23.77 -29.73
CA ASN D 38 -10.96 24.75 -29.28
C ASN D 38 -10.29 25.42 -30.47
N LEU D 39 -10.37 26.74 -30.52
CA LEU D 39 -9.80 27.50 -31.62
C LEU D 39 -8.29 27.57 -31.50
N ILE D 40 -7.81 27.71 -30.26
CA ILE D 40 -6.39 27.81 -29.97
C ILE D 40 -6.17 27.78 -28.45
N GLY D 41 -4.98 27.32 -28.04
CA GLY D 41 -4.53 27.49 -26.67
C GLY D 41 -4.89 26.38 -25.70
N GLU D 42 -5.53 25.33 -26.19
CA GLU D 42 -6.20 24.39 -25.30
C GLU D 42 -5.33 23.62 -24.30
N HIS D 43 -4.06 23.38 -24.64
CA HIS D 43 -3.37 22.33 -23.88
C HIS D 43 -2.22 23.11 -23.26
N THR D 44 -2.64 24.29 -22.83
CA THR D 44 -1.96 25.16 -21.91
C THR D 44 -2.80 25.28 -20.64
N ASP D 45 -4.02 24.74 -20.68
CA ASP D 45 -4.97 24.90 -19.57
C ASP D 45 -4.47 24.31 -18.25
N TYR D 46 -3.63 23.28 -18.32
CA TYR D 46 -3.06 22.72 -17.10
C TYR D 46 -1.66 23.29 -16.87
N ASN D 47 -1.37 24.40 -17.55
CA ASN D 47 -0.17 25.19 -17.32
C ASN D 47 -0.51 26.64 -16.98
N GLN D 48 -1.70 26.84 -16.41
CA GLN D 48 -2.23 28.17 -16.08
C GLN D 48 -2.32 29.10 -17.30
N GLY D 49 -2.55 28.52 -18.47
CA GLY D 49 -2.54 29.29 -19.70
C GLY D 49 -3.88 29.91 -20.10
N LEU D 50 -4.03 30.11 -21.40
CA LEU D 50 -5.22 30.72 -21.97
C LEU D 50 -5.82 29.77 -22.99
N VAL D 51 -7.15 29.66 -23.01
CA VAL D 51 -7.82 28.83 -24.02
C VAL D 51 -8.93 29.63 -24.67
N LEU D 52 -9.19 29.33 -25.94
CA LEU D 52 -10.20 30.06 -26.70
C LEU D 52 -11.12 29.08 -27.42
N PRO D 53 -12.03 28.45 -26.67
CA PRO D 53 -12.98 27.53 -27.29
C PRO D 53 -14.25 28.21 -27.77
N MET D 54 -15.02 27.47 -28.54
CA MET D 54 -16.32 27.93 -29.04
C MET D 54 -17.27 26.75 -29.07
N ALA D 55 -18.51 26.97 -28.63
CA ALA D 55 -19.51 25.92 -28.63
C ALA D 55 -19.90 25.60 -30.06
N LEU D 56 -20.22 24.32 -30.30
CA LEU D 56 -20.59 23.86 -31.63
C LEU D 56 -22.10 23.70 -31.76
N GLU D 57 -22.59 23.71 -32.99
CA GLU D 57 -24.00 23.46 -33.27
C GLU D 57 -24.31 21.97 -33.20
N LEU D 58 -23.35 21.20 -32.69
CA LEU D 58 -23.56 19.81 -32.33
C LEU D 58 -23.86 19.74 -30.85
N MET D 59 -24.90 19.01 -30.45
CA MET D 59 -25.32 19.04 -29.06
C MET D 59 -25.88 17.71 -28.56
N THR D 60 -26.02 17.61 -27.24
CA THR D 60 -26.69 16.49 -26.61
C THR D 60 -28.01 17.00 -26.02
N VAL D 61 -29.07 16.20 -26.14
CA VAL D 61 -30.39 16.62 -25.72
C VAL D 61 -31.05 15.61 -24.79
N LEU D 62 -31.40 16.06 -23.59
CA LEU D 62 -32.21 15.24 -22.69
C LEU D 62 -33.67 15.65 -22.82
N VAL D 63 -34.55 14.74 -22.41
CA VAL D 63 -35.97 14.94 -22.50
C VAL D 63 -36.63 13.96 -21.52
N GLY D 64 -37.54 14.47 -20.70
CA GLY D 64 -38.15 13.65 -19.67
C GLY D 64 -39.03 14.39 -18.70
N SER D 65 -39.33 13.73 -17.57
CA SER D 65 -40.33 14.23 -16.62
C SER D 65 -39.97 13.83 -15.19
N PRO D 66 -40.40 14.63 -14.19
CA PRO D 66 -40.04 14.41 -12.80
C PRO D 66 -40.44 13.03 -12.28
N GLY D 70 -40.53 5.41 -9.27
CA GLY D 70 -40.02 6.37 -8.30
C GLY D 70 -38.50 6.42 -8.27
N LEU D 71 -37.87 5.91 -9.33
CA LEU D 71 -36.41 5.88 -9.41
C LEU D 71 -35.91 6.63 -10.62
N VAL D 72 -34.74 6.25 -11.12
CA VAL D 72 -34.17 6.86 -12.32
C VAL D 72 -34.15 5.87 -13.48
N SER D 73 -34.92 6.15 -14.53
CA SER D 73 -34.95 5.30 -15.72
C SER D 73 -34.55 6.12 -16.93
N LEU D 74 -33.76 5.52 -17.82
CA LEU D 74 -33.21 6.25 -18.96
C LEU D 74 -33.15 5.43 -20.24
N LEU D 75 -33.18 6.12 -21.37
CA LEU D 75 -33.05 5.50 -22.69
C LEU D 75 -32.20 6.39 -23.60
N THR D 76 -31.03 5.89 -23.97
CA THR D 76 -30.13 6.64 -24.85
C THR D 76 -30.41 6.31 -26.32
N THR D 77 -29.58 6.84 -27.21
CA THR D 77 -29.67 6.53 -28.64
C THR D 77 -28.39 6.96 -29.36
N GLN D 85 -28.53 0.52 -22.69
CA GLN D 85 -29.32 1.37 -23.57
C GLN D 85 -30.74 1.56 -23.03
N ARG D 86 -30.99 1.02 -21.84
CA ARG D 86 -32.28 1.16 -21.18
C ARG D 86 -32.17 0.74 -19.72
N LEU D 87 -31.23 1.35 -19.00
CA LEU D 87 -30.90 0.93 -17.65
C LEU D 87 -31.53 1.82 -16.57
N GLN D 88 -32.55 1.29 -15.90
CA GLN D 88 -33.15 1.99 -14.77
C GLN D 88 -32.29 1.78 -13.52
N PHE D 89 -32.48 2.64 -12.52
CA PHE D 89 -31.68 2.57 -11.29
C PHE D 89 -32.29 3.39 -10.16
N PRO D 90 -32.26 2.84 -8.94
CA PRO D 90 -32.69 3.56 -7.72
C PRO D 90 -31.79 4.76 -7.43
N LEU D 91 -32.20 5.62 -6.50
CA LEU D 91 -31.46 6.83 -6.18
C LEU D 91 -30.53 6.63 -4.98
N PRO D 92 -29.34 7.25 -5.02
CA PRO D 92 -28.34 7.12 -3.96
C PRO D 92 -28.78 7.73 -2.63
N THR D 93 -28.45 7.05 -1.54
CA THR D 93 -28.65 7.59 -0.20
C THR D 93 -27.28 7.94 0.40
N ALA D 94 -27.29 8.70 1.49
CA ALA D 94 -26.04 9.06 2.17
C ALA D 94 -25.36 7.83 2.75
N GLN D 95 -26.16 6.81 3.04
CA GLN D 95 -25.65 5.56 3.61
C GLN D 95 -25.48 4.48 2.54
N ARG D 96 -25.69 4.86 1.29
CA ARG D 96 -25.61 3.90 0.18
C ARG D 96 -24.65 4.34 -0.92
N SER D 97 -24.94 5.49 -1.53
CA SER D 97 -24.19 6.05 -2.65
C SER D 97 -24.26 5.18 -3.91
N LEU D 98 -24.00 5.80 -5.06
CA LEU D 98 -24.13 5.12 -6.34
C LEU D 98 -22.80 4.50 -6.80
N GLU D 99 -22.88 3.63 -7.81
CA GLU D 99 -21.70 2.93 -8.32
C GLU D 99 -21.64 3.00 -9.85
N PRO D 100 -20.42 3.17 -10.41
CA PRO D 100 -20.13 3.31 -11.84
C PRO D 100 -20.91 2.36 -12.75
N GLY D 101 -20.91 1.07 -12.43
CA GLY D 101 -21.75 0.12 -13.13
C GLY D 101 -21.29 -0.29 -14.52
N THR D 102 -22.21 -0.87 -15.30
CA THR D 102 -21.86 -1.54 -16.56
C THR D 102 -22.12 -0.73 -17.84
N PRO D 103 -23.34 -0.15 -18.01
CA PRO D 103 -23.49 0.56 -19.29
C PRO D 103 -22.68 1.85 -19.34
N ARG D 104 -21.68 1.88 -20.22
CA ARG D 104 -20.68 2.95 -20.25
C ARG D 104 -21.27 4.35 -20.41
N TRP D 105 -22.32 4.46 -21.22
CA TRP D 105 -22.94 5.76 -21.46
C TRP D 105 -23.58 6.31 -20.19
N ALA D 106 -24.24 5.45 -19.44
CA ALA D 106 -24.94 5.84 -18.22
C ALA D 106 -24.00 6.30 -17.13
N ASN D 107 -22.71 5.96 -17.25
CA ASN D 107 -21.72 6.29 -16.24
C ASN D 107 -21.64 7.79 -15.96
N TYR D 108 -21.74 8.59 -17.01
CA TYR D 108 -21.64 10.05 -16.88
C TYR D 108 -22.85 10.62 -16.16
N VAL D 109 -24.03 10.13 -16.50
CA VAL D 109 -25.28 10.61 -15.89
C VAL D 109 -25.33 10.28 -14.41
N LYS D 110 -24.90 9.06 -14.06
CA LYS D 110 -24.91 8.59 -12.69
C LYS D 110 -23.98 9.44 -11.82
N GLY D 111 -22.82 9.80 -12.36
CA GLY D 111 -21.87 10.64 -11.66
C GLY D 111 -22.46 11.99 -11.30
N VAL D 112 -23.16 12.62 -12.24
CA VAL D 112 -23.77 13.92 -12.01
C VAL D 112 -24.83 13.85 -10.90
N ILE D 113 -25.51 12.72 -10.79
CA ILE D 113 -26.50 12.51 -9.73
C ILE D 113 -25.83 12.45 -8.36
N GLN D 114 -24.82 11.60 -8.23
CA GLN D 114 -24.16 11.36 -6.95
C GLN D 114 -23.49 12.61 -6.38
N TYR D 115 -23.09 13.53 -7.25
CA TYR D 115 -22.41 14.73 -6.81
C TYR D 115 -23.26 15.98 -7.02
N TYR D 116 -24.56 15.78 -7.26
CA TYR D 116 -25.48 16.90 -7.39
C TYR D 116 -25.75 17.52 -6.02
N PRO D 117 -25.41 18.80 -5.86
CA PRO D 117 -25.37 19.49 -4.56
C PRO D 117 -26.74 19.82 -3.96
N ALA D 118 -27.80 19.73 -4.73
CA ALA D 118 -29.13 20.07 -4.23
C ALA D 118 -29.79 18.88 -3.54
N ALA D 119 -30.29 19.10 -2.32
CA ALA D 119 -30.76 18.01 -1.47
C ALA D 119 -32.13 17.43 -1.87
N PRO D 120 -33.17 18.27 -2.04
CA PRO D 120 -34.47 17.64 -2.35
C PRO D 120 -34.58 17.15 -3.79
N LEU D 121 -33.63 16.35 -4.24
CA LEU D 121 -33.62 15.86 -5.63
C LEU D 121 -34.40 14.57 -5.78
N PRO D 122 -35.49 14.62 -6.56
CA PRO D 122 -36.36 13.47 -6.81
C PRO D 122 -35.87 12.59 -7.96
N GLY D 123 -36.56 11.47 -8.18
CA GLY D 123 -36.26 10.60 -9.31
C GLY D 123 -36.87 11.13 -10.58
N PHE D 124 -36.59 10.47 -11.71
CA PHE D 124 -37.07 10.94 -13.01
C PHE D 124 -36.91 9.90 -14.12
N SER D 125 -37.66 10.11 -15.20
CA SER D 125 -37.50 9.32 -16.42
C SER D 125 -36.96 10.23 -17.52
N ALA D 126 -36.00 9.73 -18.31
CA ALA D 126 -35.36 10.60 -19.29
C ALA D 126 -34.89 9.87 -20.56
N VAL D 127 -34.89 10.60 -21.68
CA VAL D 127 -34.34 10.12 -22.93
C VAL D 127 -33.15 10.99 -23.36
N VAL D 128 -32.04 10.35 -23.70
CA VAL D 128 -30.81 11.07 -24.04
C VAL D 128 -30.37 10.84 -25.49
N VAL D 129 -30.39 11.90 -26.29
CA VAL D 129 -29.91 11.84 -27.67
C VAL D 129 -28.82 12.87 -27.93
N SER D 130 -28.02 12.66 -28.98
CA SER D 130 -26.91 13.56 -29.28
C SER D 130 -26.53 13.58 -30.76
N SER D 131 -25.92 14.68 -31.18
CA SER D 131 -25.38 14.82 -32.54
C SER D 131 -23.88 15.04 -32.50
N VAL D 132 -23.31 14.99 -31.30
CA VAL D 132 -21.87 15.09 -31.14
C VAL D 132 -21.24 13.71 -31.32
N PRO D 133 -20.33 13.57 -32.30
CA PRO D 133 -19.72 12.28 -32.58
C PRO D 133 -18.85 11.81 -31.41
N LEU D 134 -18.99 10.54 -31.02
CA LEU D 134 -18.17 9.98 -29.96
C LEU D 134 -16.78 9.63 -30.48
N GLY D 135 -15.75 10.20 -29.86
CA GLY D 135 -14.38 9.91 -30.24
C GLY D 135 -13.78 10.96 -31.15
N GLY D 136 -14.55 11.98 -31.49
CA GLY D 136 -14.07 13.03 -32.37
C GLY D 136 -13.30 14.09 -31.60
N GLY D 137 -13.31 13.96 -30.28
CA GLY D 137 -12.70 14.96 -29.44
C GLY D 137 -13.50 16.24 -29.44
N LEU D 138 -14.77 16.13 -29.83
CA LEU D 138 -15.64 17.29 -29.86
C LEU D 138 -16.44 17.39 -28.56
N SER D 139 -15.91 16.75 -27.52
CA SER D 139 -16.38 16.88 -26.14
C SER D 139 -17.79 16.32 -25.97
N SER D 140 -18.00 15.12 -26.50
CA SER D 140 -19.28 14.42 -26.38
C SER D 140 -19.60 14.16 -24.92
N SER D 141 -18.57 13.89 -24.14
CA SER D 141 -18.72 13.59 -22.71
C SER D 141 -19.25 14.79 -21.94
N ALA D 142 -18.60 15.94 -22.10
CA ALA D 142 -18.99 17.14 -21.37
C ALA D 142 -20.40 17.61 -21.73
N SER D 143 -20.78 17.49 -23.00
CA SER D 143 -22.12 17.91 -23.41
C SER D 143 -23.18 17.08 -22.69
N LEU D 144 -22.94 15.77 -22.61
CA LEU D 144 -23.84 14.88 -21.90
C LEU D 144 -23.94 15.22 -20.42
N GLU D 145 -22.78 15.44 -19.79
CA GLU D 145 -22.73 15.79 -18.38
C GLU D 145 -23.47 17.08 -18.08
N VAL D 146 -23.21 18.10 -18.88
CA VAL D 146 -23.83 19.40 -18.69
C VAL D 146 -25.34 19.36 -18.97
N ALA D 147 -25.72 18.65 -20.02
CA ALA D 147 -27.13 18.48 -20.35
C ALA D 147 -27.84 17.73 -19.24
N THR D 148 -27.15 16.76 -18.65
CA THR D 148 -27.66 16.00 -17.52
C THR D 148 -27.85 16.91 -16.32
N TYR D 149 -26.82 17.69 -16.01
CA TYR D 149 -26.87 18.62 -14.88
C TYR D 149 -27.98 19.64 -15.07
N THR D 150 -28.10 20.13 -16.30
CA THR D 150 -29.11 21.14 -16.63
C THR D 150 -30.51 20.57 -16.46
N PHE D 151 -30.67 19.28 -16.75
CA PHE D 151 -31.94 18.59 -16.54
C PHE D 151 -32.25 18.48 -15.06
N LEU D 152 -31.26 18.10 -14.27
CA LEU D 152 -31.42 17.98 -12.82
C LEU D 152 -31.88 19.29 -12.19
N GLN D 153 -31.41 20.41 -12.73
CA GLN D 153 -31.69 21.74 -12.20
C GLN D 153 -33.17 22.04 -12.24
N GLN D 154 -33.87 21.29 -13.08
CA GLN D 154 -35.21 21.64 -13.49
C GLN D 154 -36.15 20.71 -12.77
N LEU D 155 -35.55 19.68 -12.16
CA LEU D 155 -36.16 18.83 -11.14
C LEU D 155 -35.97 19.42 -9.75
N CYS D 156 -34.71 19.68 -9.39
CA CYS D 156 -34.39 20.28 -8.10
C CYS D 156 -33.28 21.32 -8.25
N PRO D 157 -33.66 22.61 -8.24
CA PRO D 157 -32.73 23.71 -8.50
C PRO D 157 -31.67 23.88 -7.41
N ASP D 158 -30.43 24.11 -7.82
CA ASP D 158 -29.38 24.47 -6.88
C ASP D 158 -29.32 25.99 -6.77
N SER D 159 -28.57 26.49 -5.80
CA SER D 159 -28.35 27.92 -5.69
C SER D 159 -26.87 28.20 -5.90
N GLY D 160 -26.19 27.25 -6.54
CA GLY D 160 -24.76 27.29 -6.72
C GLY D 160 -24.29 28.24 -7.80
N THR D 161 -23.06 28.04 -8.24
CA THR D 161 -22.45 28.91 -9.23
C THR D 161 -22.01 28.10 -10.45
N ILE D 162 -21.47 28.81 -11.44
CA ILE D 162 -21.06 28.16 -12.68
C ILE D 162 -19.87 27.23 -12.48
N ALA D 163 -18.84 27.70 -11.79
CA ALA D 163 -17.64 26.87 -11.58
C ALA D 163 -17.96 25.62 -10.76
N ALA D 164 -18.74 25.79 -9.70
CA ALA D 164 -19.12 24.67 -8.85
C ALA D 164 -19.90 23.64 -9.65
N ARG D 165 -20.69 24.11 -10.62
CA ARG D 165 -21.44 23.20 -11.49
C ARG D 165 -20.48 22.42 -12.38
N ALA D 166 -19.50 23.12 -12.93
CA ALA D 166 -18.46 22.50 -13.72
C ALA D 166 -17.66 21.53 -12.86
N GLN D 167 -17.41 21.93 -11.62
CA GLN D 167 -16.67 21.11 -10.68
C GLN D 167 -17.39 19.80 -10.41
N VAL D 168 -18.71 19.85 -10.32
CA VAL D 168 -19.51 18.65 -10.12
C VAL D 168 -19.46 17.76 -11.35
N CYS D 169 -19.45 18.38 -12.52
CA CYS D 169 -19.35 17.64 -13.78
C CYS D 169 -17.95 17.06 -13.93
N GLN D 170 -16.95 17.78 -13.45
CA GLN D 170 -15.56 17.33 -13.51
C GLN D 170 -15.33 16.15 -12.58
N GLN D 171 -15.85 16.25 -11.36
CA GLN D 171 -15.74 15.17 -10.39
C GLN D 171 -16.47 13.93 -10.89
N ALA D 172 -17.55 14.15 -11.63
CA ALA D 172 -18.31 13.06 -12.22
C ALA D 172 -17.48 12.36 -13.30
N GLU D 173 -16.89 13.14 -14.20
CA GLU D 173 -16.00 12.58 -15.22
C GLU D 173 -14.61 12.39 -14.62
N HIS D 174 -14.51 11.32 -13.83
CA HIS D 174 -13.29 10.92 -13.13
C HIS D 174 -13.69 9.82 -12.17
N SER D 175 -14.10 10.24 -10.97
CA SER D 175 -14.67 9.33 -9.99
C SER D 175 -16.09 8.96 -10.44
N PHE D 176 -16.16 8.15 -11.50
CA PHE D 176 -17.36 7.60 -12.17
C PHE D 176 -17.11 7.58 -13.68
N MET D 184 -13.30 22.40 -17.94
CA MET D 184 -12.91 23.23 -19.06
C MET D 184 -13.84 23.02 -20.25
N ASP D 185 -13.90 21.78 -20.72
CA ASP D 185 -14.89 21.39 -21.72
C ASP D 185 -16.29 21.55 -21.14
N GLN D 186 -16.37 21.44 -19.81
CA GLN D 186 -17.62 21.65 -19.11
C GLN D 186 -17.96 23.14 -19.06
N PHE D 187 -16.93 23.97 -18.91
CA PHE D 187 -17.10 25.41 -18.81
C PHE D 187 -17.73 25.98 -20.09
N ILE D 188 -17.16 25.61 -21.24
CA ILE D 188 -17.64 26.14 -22.51
C ILE D 188 -19.06 25.63 -22.80
N SER D 189 -19.30 24.36 -22.48
CA SER D 189 -20.62 23.76 -22.65
C SER D 189 -21.61 24.48 -21.75
N LEU D 190 -21.17 24.87 -20.56
CA LEU D 190 -22.00 25.60 -19.61
C LEU D 190 -22.13 27.09 -19.94
N MET D 191 -21.11 27.68 -20.55
CA MET D 191 -21.08 29.13 -20.72
C MET D 191 -21.12 29.62 -22.18
N GLY D 192 -21.16 28.68 -23.12
CA GLY D 192 -21.17 29.03 -24.53
C GLY D 192 -22.31 29.93 -24.94
N GLN D 193 -22.10 30.72 -25.98
CA GLN D 193 -23.16 31.59 -26.47
C GLN D 193 -23.04 31.90 -27.96
N LYS D 194 -24.18 31.91 -28.65
CA LYS D 194 -24.22 32.09 -30.10
C LYS D 194 -23.50 33.33 -30.56
N GLY D 195 -22.66 33.18 -31.58
CA GLY D 195 -21.92 34.29 -32.15
C GLY D 195 -20.77 34.78 -31.28
N HIS D 196 -20.34 33.95 -30.34
CA HIS D 196 -19.26 34.34 -29.42
C HIS D 196 -18.28 33.20 -29.20
N ALA D 197 -17.02 33.56 -28.99
CA ALA D 197 -16.00 32.64 -28.51
C ALA D 197 -15.74 32.96 -27.04
N LEU D 198 -15.22 31.99 -26.30
CA LEU D 198 -14.99 32.17 -24.87
C LEU D 198 -13.49 32.19 -24.55
N LEU D 199 -12.95 33.36 -24.22
CA LEU D 199 -11.56 33.41 -23.74
C LEU D 199 -11.52 33.04 -22.28
N ILE D 200 -10.85 31.95 -21.95
CA ILE D 200 -10.72 31.54 -20.57
C ILE D 200 -9.29 31.67 -20.07
N ASP D 201 -9.08 32.57 -19.12
CA ASP D 201 -7.80 32.66 -18.43
C ASP D 201 -7.77 31.62 -17.32
N CYS D 202 -6.94 30.61 -17.48
CA CYS D 202 -6.84 29.55 -16.48
C CYS D 202 -6.01 29.96 -15.27
N ARG D 203 -5.66 31.24 -15.18
CA ARG D 203 -5.00 31.74 -13.97
C ARG D 203 -5.97 32.55 -13.12
N SER D 204 -6.45 33.67 -13.66
CA SER D 204 -7.37 34.53 -12.91
C SER D 204 -8.79 33.99 -12.95
N LEU D 205 -9.01 32.96 -13.75
CA LEU D 205 -10.32 32.32 -13.91
C LEU D 205 -11.37 33.30 -14.41
N GLU D 206 -10.91 34.38 -15.05
CA GLU D 206 -11.79 35.31 -15.73
C GLU D 206 -12.16 34.76 -17.10
N THR D 207 -13.40 34.95 -17.49
CA THR D 207 -13.84 34.56 -18.81
C THR D 207 -14.39 35.77 -19.55
N SER D 208 -14.11 35.84 -20.84
CA SER D 208 -14.69 36.88 -21.68
C SER D 208 -15.47 36.25 -22.82
N LEU D 209 -16.62 36.83 -23.14
CA LEU D 209 -17.35 36.45 -24.32
C LEU D 209 -16.98 37.40 -25.44
N VAL D 210 -16.26 36.88 -26.42
CA VAL D 210 -15.78 37.68 -27.52
C VAL D 210 -16.64 37.48 -28.75
N PRO D 211 -17.30 38.54 -29.21
CA PRO D 211 -18.22 38.45 -30.36
C PRO D 211 -17.52 37.99 -31.63
N LEU D 212 -18.19 37.12 -32.38
CA LEU D 212 -17.75 36.72 -33.70
C LEU D 212 -18.73 37.29 -34.72
N SER D 213 -19.74 36.51 -35.05
CA SER D 213 -20.93 36.95 -35.79
C SER D 213 -20.70 37.42 -37.22
N ASP D 214 -19.44 37.55 -37.65
CA ASP D 214 -19.15 37.95 -39.02
C ASP D 214 -19.75 36.91 -39.96
N PRO D 215 -20.84 37.28 -40.64
CA PRO D 215 -21.70 36.36 -41.38
C PRO D 215 -20.97 35.61 -42.49
N LYS D 216 -19.97 36.25 -43.08
CA LYS D 216 -19.25 35.67 -44.19
C LYS D 216 -18.36 34.51 -43.76
N LEU D 217 -17.86 34.57 -42.52
CA LEU D 217 -16.91 33.58 -42.02
C LEU D 217 -17.58 32.39 -41.35
N ALA D 218 -16.92 31.24 -41.42
CA ALA D 218 -17.42 30.03 -40.77
C ALA D 218 -16.27 29.21 -40.19
N VAL D 219 -16.61 28.18 -39.42
CA VAL D 219 -15.63 27.27 -38.87
C VAL D 219 -15.84 25.86 -39.40
N LEU D 220 -14.86 25.35 -40.14
CA LEU D 220 -14.94 24.00 -40.69
C LEU D 220 -14.20 23.00 -39.82
N ILE D 221 -14.93 21.99 -39.36
CA ILE D 221 -14.34 20.93 -38.56
C ILE D 221 -14.15 19.68 -39.41
N THR D 222 -12.92 19.21 -39.49
CA THR D 222 -12.61 18.04 -40.28
C THR D 222 -12.16 16.89 -39.40
N ASN D 223 -12.89 15.78 -39.45
CA ASN D 223 -12.55 14.61 -38.67
C ASN D 223 -11.64 13.69 -39.50
N SER D 224 -10.43 13.48 -39.00
CA SER D 224 -9.51 12.54 -39.62
C SER D 224 -10.05 11.11 -39.49
N ASN D 225 -10.87 10.90 -38.45
CA ASN D 225 -11.37 9.57 -38.12
C ASN D 225 -10.26 8.55 -38.00
N VAL D 226 -9.14 8.98 -37.43
CA VAL D 226 -8.13 8.06 -36.93
C VAL D 226 -7.88 8.42 -35.47
N ARG D 227 -7.42 7.44 -34.70
CA ARG D 227 -7.00 7.64 -33.32
C ARG D 227 -5.81 6.73 -33.03
N HIS D 228 -4.63 7.33 -32.88
CA HIS D 228 -3.40 6.54 -32.84
C HIS D 228 -2.78 6.37 -31.45
N SER D 229 -3.08 7.27 -30.51
CA SER D 229 -2.43 7.22 -29.20
C SER D 229 -3.36 6.75 -28.10
N LEU D 230 -2.77 6.30 -26.99
CA LEU D 230 -3.51 5.74 -25.86
C LEU D 230 -4.35 6.77 -25.12
N ALA D 231 -4.03 8.05 -25.33
CA ALA D 231 -4.68 9.22 -24.71
C ALA D 231 -4.23 9.45 -23.27
N SER D 232 -3.63 8.43 -22.66
CA SER D 232 -3.11 8.58 -21.31
C SER D 232 -1.62 8.28 -21.27
N SER D 233 -1.05 7.97 -22.42
CA SER D 233 0.35 7.64 -22.51
C SER D 233 1.14 8.71 -23.25
N GLU D 234 0.58 9.91 -23.31
CA GLU D 234 1.20 11.02 -24.03
C GLU D 234 1.25 12.31 -23.23
N TYR D 235 0.19 12.59 -22.48
CA TYR D 235 0.05 13.88 -21.78
C TYR D 235 0.56 13.92 -20.33
N PRO D 236 0.47 12.80 -19.58
CA PRO D 236 1.11 12.88 -18.25
C PRO D 236 2.61 13.18 -18.30
N VAL D 237 3.32 12.52 -19.20
CA VAL D 237 4.78 12.71 -19.31
C VAL D 237 5.12 14.13 -19.76
N ARG D 238 4.32 14.67 -20.68
CA ARG D 238 4.56 16.02 -21.19
C ARG D 238 4.23 17.07 -20.13
N ARG D 239 3.23 16.78 -19.30
CA ARG D 239 2.90 17.64 -18.17
C ARG D 239 4.06 17.68 -17.19
N ARG D 240 4.74 16.56 -17.04
CA ARG D 240 5.89 16.47 -16.14
C ARG D 240 7.08 17.22 -16.73
N GLN D 241 7.31 17.04 -18.03
CA GLN D 241 8.39 17.75 -18.71
C GLN D 241 8.20 19.26 -18.62
N CYS D 242 6.94 19.71 -18.68
CA CYS D 242 6.65 21.14 -18.55
C CYS D 242 6.86 21.62 -17.13
N GLU D 243 6.50 20.78 -16.16
CA GLU D 243 6.67 21.12 -14.75
C GLU D 243 8.15 21.27 -14.41
N GLU D 244 8.95 20.35 -14.95
CA GLU D 244 10.39 20.36 -14.72
C GLU D 244 11.04 21.60 -15.32
N VAL D 245 10.60 21.99 -16.51
CA VAL D 245 11.15 23.17 -17.17
C VAL D 245 10.84 24.41 -16.35
N ALA D 246 9.61 24.50 -15.82
CA ALA D 246 9.25 25.62 -14.97
C ALA D 246 10.17 25.68 -13.74
N ARG D 247 10.41 24.53 -13.13
CA ARG D 247 11.25 24.45 -11.93
C ARG D 247 12.71 24.80 -12.24
N ALA D 248 13.26 24.18 -13.27
CA ALA D 248 14.63 24.44 -13.69
C ALA D 248 14.85 25.91 -14.01
N LEU D 249 13.76 26.58 -14.41
CA LEU D 249 13.80 28.01 -14.70
C LEU D 249 13.26 28.82 -13.51
N GLY D 250 13.05 28.13 -12.39
CA GLY D 250 12.61 28.76 -11.16
C GLY D 250 11.29 29.50 -11.23
N ALA D 251 10.29 28.88 -11.85
CA ALA D 251 8.96 29.47 -11.94
C ALA D 251 7.89 28.49 -11.50
N ALA D 252 6.76 29.01 -11.04
CA ALA D 252 5.67 28.18 -10.54
C ALA D 252 5.03 27.37 -11.66
N SER D 253 4.79 28.03 -12.79
CA SER D 253 4.29 27.35 -13.99
C SER D 253 4.79 28.08 -15.23
N LEU D 254 4.47 27.52 -16.40
CA LEU D 254 4.93 28.10 -17.66
C LEU D 254 4.18 29.38 -18.01
N ARG D 255 3.13 29.68 -17.28
CA ARG D 255 2.41 30.94 -17.46
C ARG D 255 3.28 32.10 -17.01
N GLU D 256 4.20 31.82 -16.08
CA GLU D 256 5.09 32.84 -15.54
C GLU D 256 6.42 32.86 -16.30
N VAL D 257 6.53 32.05 -17.34
CA VAL D 257 7.75 32.01 -18.13
C VAL D 257 7.58 32.77 -19.45
N GLN D 258 8.47 33.72 -19.71
CA GLN D 258 8.47 34.46 -20.96
C GLN D 258 9.18 33.65 -22.04
N LEU D 259 8.70 33.74 -23.28
CA LEU D 259 9.27 33.00 -24.40
C LEU D 259 10.77 33.28 -24.61
N GLU D 260 11.14 34.55 -24.50
CA GLU D 260 12.52 34.95 -24.77
C GLU D 260 13.46 34.38 -23.72
N GLU D 261 13.04 34.41 -22.47
CA GLU D 261 13.82 33.84 -21.38
C GLU D 261 13.97 32.33 -21.61
N LEU D 262 12.92 31.69 -22.08
CA LEU D 262 12.94 30.25 -22.29
C LEU D 262 13.92 29.86 -23.41
N GLU D 263 13.94 30.64 -24.49
CA GLU D 263 14.82 30.34 -25.62
C GLU D 263 16.30 30.42 -25.24
N ALA D 264 16.61 31.25 -24.24
CA ALA D 264 17.99 31.43 -23.81
C ALA D 264 18.34 30.52 -22.64
N ALA D 265 17.48 29.54 -22.38
CA ALA D 265 17.72 28.62 -21.27
C ALA D 265 17.82 27.18 -21.76
N ARG D 266 18.20 27.01 -23.02
CA ARG D 266 18.26 25.68 -23.62
C ARG D 266 19.30 24.78 -22.95
N ASP D 267 20.26 25.38 -22.25
CA ASP D 267 21.27 24.61 -21.52
C ASP D 267 20.75 24.12 -20.17
N LEU D 268 19.63 24.66 -19.73
CA LEU D 268 19.09 24.33 -18.40
C LEU D 268 18.20 23.09 -18.41
N VAL D 269 17.74 22.67 -19.59
CA VAL D 269 16.73 21.63 -19.69
C VAL D 269 17.01 20.65 -20.82
N SER D 270 16.28 19.53 -20.85
CA SER D 270 16.49 18.52 -21.88
C SER D 270 16.10 19.03 -23.26
N LYS D 271 16.50 18.33 -24.31
CA LYS D 271 16.16 18.71 -25.67
C LYS D 271 14.66 18.65 -25.88
N GLU D 272 14.05 17.57 -25.40
CA GLU D 272 12.62 17.34 -25.60
C GLU D 272 11.78 18.20 -24.65
N GLY D 273 12.23 18.33 -23.41
CA GLY D 273 11.54 19.13 -22.41
C GLY D 273 11.46 20.59 -22.83
N PHE D 274 12.58 21.10 -23.36
CA PHE D 274 12.63 22.46 -23.88
C PHE D 274 11.52 22.69 -24.89
N ARG D 275 11.42 21.78 -25.86
CA ARG D 275 10.42 21.91 -26.90
C ARG D 275 9.04 21.86 -26.27
N ARG D 276 8.86 20.95 -25.31
CA ARG D 276 7.55 20.76 -24.68
C ARG D 276 7.05 22.05 -24.05
N ALA D 277 7.95 22.74 -23.37
CA ALA D 277 7.65 24.02 -22.75
C ALA D 277 7.53 25.14 -23.79
N ARG D 278 8.28 25.04 -24.88
CA ARG D 278 8.24 26.09 -25.89
C ARG D 278 6.87 26.16 -26.56
N HIS D 279 6.22 25.02 -26.76
CA HIS D 279 4.87 25.06 -27.32
C HIS D 279 3.94 25.81 -26.38
N VAL D 280 3.97 25.43 -25.12
CA VAL D 280 3.05 25.98 -24.13
C VAL D 280 3.22 27.48 -23.94
N VAL D 281 4.46 27.93 -23.75
CA VAL D 281 4.73 29.34 -23.54
C VAL D 281 4.37 30.14 -24.80
N GLY D 282 4.76 29.62 -25.96
CA GLY D 282 4.44 30.27 -27.22
C GLY D 282 2.94 30.29 -27.49
N GLU D 283 2.26 29.22 -27.07
CA GLU D 283 0.81 29.10 -27.29
C GLU D 283 0.02 30.08 -26.42
N ILE D 284 0.46 30.25 -25.18
CA ILE D 284 -0.15 31.25 -24.29
C ILE D 284 -0.10 32.62 -24.97
N ARG D 285 1.07 32.99 -25.48
CA ARG D 285 1.23 34.26 -26.19
C ARG D 285 0.34 34.35 -27.43
N ARG D 286 0.29 33.29 -28.24
CA ARG D 286 -0.47 33.29 -29.48
C ARG D 286 -1.96 33.44 -29.19
N THR D 287 -2.40 32.84 -28.10
CA THR D 287 -3.80 32.86 -27.71
C THR D 287 -4.22 34.27 -27.30
N ALA D 288 -3.34 34.96 -26.57
CA ALA D 288 -3.59 36.36 -26.23
C ALA D 288 -3.65 37.20 -27.49
N GLN D 289 -2.77 36.91 -28.44
CA GLN D 289 -2.74 37.64 -29.71
C GLN D 289 -3.96 37.32 -30.57
N ALA D 290 -4.42 36.07 -30.51
CA ALA D 290 -5.59 35.63 -31.26
C ALA D 290 -6.85 36.34 -30.79
N ALA D 291 -7.02 36.43 -29.47
CA ALA D 291 -8.16 37.13 -28.90
C ALA D 291 -8.13 38.60 -29.29
N ALA D 292 -6.93 39.18 -29.31
CA ALA D 292 -6.77 40.57 -29.72
C ALA D 292 -7.16 40.74 -31.19
N ALA D 293 -6.72 39.78 -32.01
CA ALA D 293 -7.07 39.77 -33.43
C ALA D 293 -8.59 39.69 -33.63
N LEU D 294 -9.25 38.91 -32.78
CA LEU D 294 -10.70 38.81 -32.81
C LEU D 294 -11.33 40.17 -32.55
N ARG D 295 -10.84 40.86 -31.52
CA ARG D 295 -11.43 42.12 -31.09
C ARG D 295 -11.34 43.20 -32.16
N ARG D 296 -10.34 43.12 -33.02
CA ARG D 296 -10.22 44.11 -34.10
C ARG D 296 -10.74 43.52 -35.41
N GLY D 297 -11.34 42.34 -35.32
CA GLY D 297 -11.93 41.70 -36.48
C GLY D 297 -10.93 41.31 -37.54
N ASP D 298 -9.68 41.08 -37.11
CA ASP D 298 -8.61 40.70 -38.03
C ASP D 298 -8.51 39.19 -38.14
N TYR D 299 -9.42 38.60 -38.91
CA TYR D 299 -9.51 37.15 -39.02
C TYR D 299 -8.37 36.54 -39.81
N ARG D 300 -7.70 37.36 -40.61
CA ARG D 300 -6.50 36.91 -41.32
C ARG D 300 -5.40 36.63 -40.30
N ALA D 301 -5.18 37.59 -39.40
CA ALA D 301 -4.20 37.41 -38.34
C ALA D 301 -4.56 36.22 -37.45
N PHE D 302 -5.85 36.04 -37.19
CA PHE D 302 -6.31 34.94 -36.36
C PHE D 302 -5.93 33.60 -36.98
N GLY D 303 -6.20 33.47 -38.28
CA GLY D 303 -5.89 32.25 -39.01
C GLY D 303 -4.40 31.95 -39.07
N ARG D 304 -3.58 32.98 -39.12
CA ARG D 304 -2.13 32.79 -39.14
C ARG D 304 -1.64 32.26 -37.79
N LEU D 305 -2.22 32.76 -36.71
CA LEU D 305 -1.87 32.29 -35.38
C LEU D 305 -2.31 30.84 -35.20
N MET D 306 -3.43 30.50 -35.84
CA MET D 306 -3.90 29.12 -35.86
C MET D 306 -2.86 28.20 -36.49
N VAL D 307 -2.31 28.62 -37.62
CA VAL D 307 -1.29 27.85 -38.32
C VAL D 307 0.00 27.78 -37.51
N GLU D 308 0.38 28.89 -36.90
CA GLU D 308 1.56 28.89 -36.02
C GLU D 308 1.34 27.93 -34.86
N SER D 309 0.10 27.84 -34.38
CA SER D 309 -0.25 26.92 -33.32
C SER D 309 -0.05 25.48 -33.77
N HIS D 310 -0.48 25.16 -34.99
CA HIS D 310 -0.36 23.79 -35.48
C HIS D 310 1.09 23.36 -35.63
N ARG D 311 1.91 24.24 -36.20
CA ARG D 311 3.33 23.96 -36.37
C ARG D 311 3.98 23.69 -35.03
N SER D 312 3.59 24.48 -34.03
CA SER D 312 4.11 24.31 -32.68
C SER D 312 3.67 22.97 -32.12
N LEU D 313 2.41 22.61 -32.36
CA LEU D 313 1.90 21.32 -31.91
C LEU D 313 2.55 20.15 -32.65
N ARG D 314 2.83 20.36 -33.94
CA ARG D 314 3.39 19.31 -34.78
C ARG D 314 4.85 19.02 -34.47
N ASP D 315 5.66 20.08 -34.41
CA ASP D 315 7.11 19.94 -34.30
C ASP D 315 7.58 20.02 -32.85
N ASP D 316 7.02 20.95 -32.08
CA ASP D 316 7.45 21.05 -30.70
C ASP D 316 6.72 20.03 -29.82
N TYR D 317 5.43 20.20 -29.54
CA TYR D 317 4.76 19.32 -28.56
C TYR D 317 4.64 17.91 -29.14
N GLU D 318 4.72 17.82 -30.46
CA GLU D 318 4.72 16.55 -31.17
C GLU D 318 3.51 15.69 -30.79
N VAL D 319 2.32 16.29 -30.91
CA VAL D 319 1.07 15.54 -30.70
C VAL D 319 0.19 15.53 -31.94
N SER D 320 0.77 15.87 -33.08
CA SER D 320 0.07 15.78 -34.35
C SER D 320 0.32 14.40 -34.95
N CYS D 321 0.02 14.25 -36.24
CA CYS D 321 0.26 13.00 -36.95
C CYS D 321 0.14 13.28 -38.45
N PRO D 322 0.68 12.37 -39.30
CA PRO D 322 0.60 12.56 -40.76
C PRO D 322 -0.78 12.91 -41.27
N GLU D 323 -1.83 12.24 -40.78
CA GLU D 323 -3.19 12.53 -41.18
C GLU D 323 -3.57 13.98 -40.88
N LEU D 324 -3.28 14.42 -39.66
CA LEU D 324 -3.63 15.78 -39.25
C LEU D 324 -2.87 16.81 -40.07
N ASP D 325 -1.60 16.53 -40.33
CA ASP D 325 -0.76 17.45 -41.07
C ASP D 325 -1.20 17.55 -42.53
N GLN D 326 -1.70 16.44 -43.07
CA GLN D 326 -2.20 16.43 -44.44
C GLN D 326 -3.47 17.26 -44.55
N LEU D 327 -4.37 17.10 -43.57
CA LEU D 327 -5.63 17.83 -43.55
C LEU D 327 -5.39 19.34 -43.45
N VAL D 328 -4.45 19.73 -42.59
CA VAL D 328 -4.11 21.14 -42.45
C VAL D 328 -3.55 21.71 -43.75
N GLU D 329 -2.57 21.00 -44.32
CA GLU D 329 -1.89 21.45 -45.54
C GLU D 329 -2.86 21.62 -46.71
N ALA D 330 -3.80 20.68 -46.83
CA ALA D 330 -4.81 20.72 -47.87
C ALA D 330 -5.74 21.92 -47.68
N ALA D 331 -6.11 22.17 -46.42
CA ALA D 331 -7.01 23.28 -46.11
C ALA D 331 -6.38 24.63 -46.45
N LEU D 332 -5.10 24.77 -46.15
CA LEU D 332 -4.40 26.03 -46.37
C LEU D 332 -4.16 26.30 -47.85
N ALA D 333 -4.41 25.29 -48.69
CA ALA D 333 -4.22 25.43 -50.13
C ALA D 333 -5.46 26.04 -50.79
N VAL D 334 -6.56 26.08 -50.07
CA VAL D 334 -7.81 26.61 -50.60
C VAL D 334 -7.92 28.11 -50.35
N PRO D 335 -8.19 28.89 -51.42
CA PRO D 335 -8.46 30.33 -51.29
C PRO D 335 -9.72 30.59 -50.48
N GLY D 336 -9.63 31.49 -49.51
CA GLY D 336 -10.75 31.77 -48.64
C GLY D 336 -10.55 31.17 -47.26
N VAL D 337 -9.58 30.29 -47.13
CA VAL D 337 -9.23 29.70 -45.85
C VAL D 337 -8.22 30.61 -45.14
N TYR D 338 -8.56 31.02 -43.91
CA TYR D 338 -7.71 31.92 -43.15
C TYR D 338 -6.63 31.18 -42.36
N GLY D 339 -7.00 30.03 -41.79
CA GLY D 339 -6.07 29.23 -41.02
C GLY D 339 -6.65 27.86 -40.70
N SER D 340 -5.78 26.95 -40.29
CA SER D 340 -6.21 25.60 -39.94
C SER D 340 -5.20 24.99 -38.95
N ARG D 341 -5.70 24.16 -38.05
CA ARG D 341 -4.84 23.49 -37.07
C ARG D 341 -5.52 22.25 -36.52
N MET D 342 -4.73 21.32 -36.02
CA MET D 342 -5.29 20.22 -35.25
C MET D 342 -5.93 20.78 -33.99
N THR D 343 -6.92 20.08 -33.46
CA THR D 343 -7.58 20.54 -32.25
C THR D 343 -7.89 19.36 -31.32
N GLY D 344 -7.86 19.62 -30.03
CA GLY D 344 -8.02 18.54 -29.06
C GLY D 344 -6.70 17.85 -28.74
N GLY D 345 -6.80 16.55 -28.45
CA GLY D 345 -5.68 15.77 -27.94
C GLY D 345 -4.59 15.46 -28.94
N GLY D 346 -4.96 15.34 -30.21
CA GLY D 346 -3.99 15.02 -31.24
C GLY D 346 -3.83 13.53 -31.47
N PHE D 347 -2.80 13.17 -32.24
CA PHE D 347 -2.58 11.79 -32.67
C PHE D 347 -3.80 11.27 -33.43
N GLY D 348 -4.53 12.19 -34.06
CA GLY D 348 -5.76 11.86 -34.74
C GLY D 348 -6.84 12.85 -34.35
N GLY D 349 -8.10 12.46 -34.51
CA GLY D 349 -9.20 13.34 -34.17
C GLY D 349 -9.40 14.38 -35.26
N CYS D 350 -9.76 15.61 -34.85
CA CYS D 350 -10.19 16.63 -35.78
C CYS D 350 -9.20 17.79 -36.00
N THR D 351 -9.37 18.47 -37.12
CA THR D 351 -8.76 19.77 -37.36
C THR D 351 -9.84 20.84 -37.33
N VAL D 352 -9.45 22.09 -37.06
CA VAL D 352 -10.39 23.19 -37.11
C VAL D 352 -9.89 24.24 -38.09
N THR D 353 -10.78 24.70 -38.96
CA THR D 353 -10.40 25.61 -40.03
C THR D 353 -11.28 26.85 -40.00
N LEU D 354 -10.65 28.02 -39.99
CA LEU D 354 -11.38 29.27 -40.11
C LEU D 354 -11.37 29.71 -41.56
N LEU D 355 -12.55 29.93 -42.13
CA LEU D 355 -12.66 30.22 -43.56
C LEU D 355 -13.94 30.98 -43.91
N GLU D 356 -13.89 31.67 -45.05
CA GLU D 356 -15.09 32.24 -45.63
C GLU D 356 -16.06 31.11 -45.96
N ALA D 357 -17.30 31.24 -45.50
CA ALA D 357 -18.31 30.20 -45.67
C ALA D 357 -18.51 29.83 -47.14
N SER D 358 -18.26 30.79 -48.03
CA SER D 358 -18.42 30.55 -49.46
C SER D 358 -17.29 29.71 -50.03
N ALA D 359 -16.20 29.60 -49.29
CA ALA D 359 -15.06 28.81 -49.73
C ALA D 359 -15.19 27.35 -49.28
N ALA D 360 -16.21 27.09 -48.46
CA ALA D 360 -16.38 25.80 -47.80
C ALA D 360 -16.60 24.61 -48.75
N PRO D 361 -17.47 24.75 -49.78
CA PRO D 361 -17.61 23.59 -50.68
C PRO D 361 -16.32 23.21 -51.38
N HIS D 362 -15.54 24.22 -51.78
CA HIS D 362 -14.24 23.98 -52.37
C HIS D 362 -13.29 23.39 -51.32
N ALA D 363 -13.40 23.87 -50.09
CA ALA D 363 -12.57 23.38 -49.00
C ALA D 363 -12.88 21.91 -48.73
N MET D 364 -14.16 21.61 -48.58
CA MET D 364 -14.58 20.24 -48.32
C MET D 364 -14.40 19.29 -49.51
N ARG D 365 -14.00 19.83 -50.66
CA ARG D 365 -13.69 19.00 -51.82
C ARG D 365 -12.19 18.78 -51.91
N HIS D 366 -11.40 19.81 -51.66
CA HIS D 366 -9.94 19.72 -51.86
C HIS D 366 -9.24 18.95 -50.75
N ILE D 367 -9.71 19.13 -49.52
CA ILE D 367 -9.18 18.37 -48.36
C ILE D 367 -9.36 16.87 -48.54
N GLN D 368 -10.58 16.50 -48.92
CA GLN D 368 -11.03 15.10 -49.05
C GLN D 368 -10.31 14.35 -50.16
N GLU D 369 -10.10 15.04 -51.28
CA GLU D 369 -9.42 14.41 -52.40
C GLU D 369 -7.93 14.25 -52.12
N HIS D 370 -7.41 15.06 -51.21
CA HIS D 370 -5.99 14.97 -50.84
C HIS D 370 -5.79 14.27 -49.50
N TYR D 371 -6.82 13.57 -49.04
CA TYR D 371 -6.72 12.79 -47.81
C TYR D 371 -6.75 11.30 -48.12
N GLY D 372 -5.83 10.56 -47.52
CA GLY D 372 -5.71 9.13 -47.76
C GLY D 372 -6.86 8.35 -47.17
N GLY D 373 -7.38 8.81 -46.03
CA GLY D 373 -8.51 8.19 -45.40
C GLY D 373 -9.79 8.88 -45.84
N THR D 374 -10.89 8.59 -45.15
CA THR D 374 -12.14 9.27 -45.44
C THR D 374 -12.40 10.36 -44.39
N ALA D 375 -12.33 11.61 -44.81
CA ALA D 375 -12.57 12.74 -43.91
C ALA D 375 -14.06 12.94 -43.69
N THR D 376 -14.41 13.44 -42.50
CA THR D 376 -15.79 13.79 -42.17
C THR D 376 -15.85 15.28 -41.84
N PHE D 377 -16.88 15.97 -42.30
CA PHE D 377 -16.94 17.41 -42.14
C PHE D 377 -18.12 17.91 -41.32
N TYR D 378 -17.87 18.97 -40.56
CA TYR D 378 -18.93 19.72 -39.89
C TYR D 378 -18.70 21.21 -40.06
N LEU D 379 -19.72 21.91 -40.56
CA LEU D 379 -19.69 23.36 -40.62
C LEU D 379 -20.46 23.93 -39.44
N SER D 380 -19.86 24.86 -38.73
CA SER D 380 -20.51 25.39 -37.53
C SER D 380 -20.22 26.87 -37.28
N GLN D 381 -21.24 27.58 -36.84
CA GLN D 381 -21.07 28.91 -36.28
C GLN D 381 -20.92 28.72 -34.78
N ALA D 382 -20.50 29.76 -34.06
CA ALA D 382 -20.48 29.71 -32.60
C ALA D 382 -21.90 29.50 -32.07
N ALA D 383 -22.08 28.52 -31.20
CA ALA D 383 -23.41 28.15 -30.73
C ALA D 383 -23.65 28.53 -29.27
N ASP D 384 -24.91 28.50 -28.87
CA ASP D 384 -25.30 28.65 -27.48
C ASP D 384 -24.75 27.50 -26.65
N GLY D 385 -24.65 27.72 -25.35
CA GLY D 385 -24.33 26.65 -24.44
C GLY D 385 -25.61 26.02 -23.92
N ALA D 386 -25.61 25.66 -22.64
CA ALA D 386 -26.71 24.92 -22.03
C ALA D 386 -27.99 25.74 -21.99
N LYS D 387 -29.09 25.15 -22.46
CA LYS D 387 -30.37 25.83 -22.38
C LYS D 387 -31.53 24.90 -22.12
N VAL D 388 -32.68 25.51 -21.84
CA VAL D 388 -33.88 24.79 -21.48
C VAL D 388 -35.09 25.19 -22.30
N LEU D 389 -35.87 24.20 -22.74
CA LEU D 389 -37.19 24.45 -23.31
C LEU D 389 -38.24 23.60 -22.61
N CYS D 390 -39.16 24.26 -21.91
CA CYS D 390 -40.26 23.56 -21.25
C CYS D 390 -41.26 23.05 -22.27
N LEU D 391 -41.75 21.83 -22.04
CA LEU D 391 -42.69 21.21 -22.96
C LEU D 391 -44.08 21.08 -22.34
C1 GAL E . -0.64 -10.91 -32.60
C2 GAL E . -0.82 -11.37 -34.05
C3 GAL E . 0.47 -12.08 -34.51
C4 GAL E . 1.72 -11.19 -34.25
C5 GAL E . 1.65 -10.54 -32.85
C6 GAL E . 2.71 -9.49 -32.56
O1 GAL E . -1.78 -10.35 -32.06
O2 GAL E . -1.88 -12.30 -34.18
O3 GAL E . 0.43 -12.40 -35.88
O4 GAL E . 1.84 -10.18 -35.23
O5 GAL E . 0.36 -9.93 -32.60
O6 GAL E . 3.99 -10.11 -32.44
C10 HFK F . -16.01 -13.40 -29.98
C13 HFK F . -14.11 -12.41 -27.91
C15 HFK F . -11.82 -14.35 -29.26
C20 HFK F . -12.65 -18.82 -28.89
C21 HFK F . -13.86 -18.10 -28.87
C24 HFK F . -15.06 -20.13 -28.24
C26 HFK F . -12.64 -20.21 -28.59
C02 HFK F . -13.16 -10.23 -30.22
C03 HFK F . -12.02 -9.27 -30.71
C04 HFK F . -10.70 -9.48 -29.99
C05 HFK F . -10.23 -10.96 -30.13
C06 HFK F . -11.28 -11.94 -29.56
C07 HFK F . -12.71 -11.71 -30.08
C08 HFK F . -13.66 -12.64 -29.36
C09 HFK F . -14.82 -12.52 -30.36
C11 HFK F . -16.45 -13.17 -28.54
C12 HFK F . -15.29 -13.28 -27.54
C18 HFK F . -12.20 -16.71 -29.41
C23 HFK F . -15.07 -18.76 -28.54
C25 HFK F . -13.85 -20.85 -28.26
N14 HFK F . -13.28 -14.05 -29.59
N16 HFK F . -10.85 -13.32 -29.80
N17 HFK F . -11.48 -15.53 -29.79
N19 HFK F . -11.64 -17.92 -29.25
O01 HFK F . -13.68 -9.72 -29.05
O22 HFK F . -13.52 -16.78 -29.20
C1 GAL G . 21.18 -12.00 14.61
C2 GAL G . 20.91 -12.58 16.00
C3 GAL G . 20.93 -11.46 17.06
C4 GAL G . 22.27 -10.67 16.98
C5 GAL G . 22.53 -10.24 15.52
C6 GAL G . 23.91 -9.61 15.28
O1 GAL G . 21.18 -12.99 13.63
O2 GAL G . 19.65 -13.23 16.07
O3 GAL G . 20.79 -11.97 18.38
O4 GAL G . 23.34 -11.47 17.46
O5 GAL G . 22.43 -11.35 14.60
O6 GAL G . 23.92 -8.27 15.71
C10 HFK H . 11.81 -20.75 5.55
C13 HFK H . 12.99 -21.94 7.99
C15 HFK H . 12.60 -18.31 8.59
C20 HFK H . 8.20 -17.37 9.49
C21 HFK H . 8.32 -18.60 8.85
C24 HFK H . 5.89 -18.70 8.58
C26 HFK H . 6.92 -16.78 9.68
C02 HFK H . 15.75 -21.33 7.81
C03 HFK H . 17.15 -21.01 8.42
C04 HFK H . 17.53 -19.55 8.25
C05 HFK H . 16.45 -18.61 8.89
C06 HFK H . 15.04 -18.87 8.31
C07 HFK H . 14.64 -20.35 8.27
C08 HFK H . 13.31 -20.50 7.58
C09 HFK H . 13.14 -20.25 6.08
C11 HFK H . 11.54 -22.20 5.94
C12 HFK H . 11.66 -22.40 7.45
C18 HFK H . 10.37 -17.89 9.40
C23 HFK H . 7.16 -19.28 8.40
C25 HFK H . 5.78 -17.46 9.22
N14 HFK H . 12.26 -19.79 8.36
N16 HFK H . 14.04 -18.06 9.02
N17 HFK H . 11.80 -17.84 9.55
N19 HFK H . 9.51 -16.95 9.82
O01 HFK H . 15.87 -21.37 6.44
O22 HFK H . 9.69 -18.88 8.82
C1 GAL I . -0.94 12.20 41.56
C2 GAL I . -1.19 12.76 40.17
C3 GAL I . 0.10 12.67 39.33
C4 GAL I . 1.28 13.33 40.08
C5 GAL I . 1.33 12.86 41.54
C6 GAL I . 2.32 13.64 42.41
O1 GAL I . -2.08 12.23 42.35
O2 GAL I . -2.23 12.05 39.48
O3 GAL I . -0.03 13.35 38.10
O4 GAL I . 1.17 14.74 40.03
O5 GAL I . 0.07 12.98 42.19
O6 GAL I . 3.64 13.27 42.10
N1 HGE J . -16.01 12.62 38.95
C4 HGE J . -14.16 17.27 42.46
C5 HGE J . -14.90 15.94 42.33
C6 HGE J . -15.38 16.77 40.07
C7 HGE J . -15.77 18.09 40.73
C8 HGE J . -15.35 14.28 40.50
C10 HGE J . -15.15 11.77 39.54
O1 HGE J . -13.32 19.28 40.15
C2 HGE J . -13.75 19.42 41.29
O HGE J . -13.24 20.46 42.10
C1 HGE J . -12.59 21.45 41.40
C HGE J . -12.57 22.73 42.26
C3 HGE J . -14.84 18.46 41.83
N HGE J . -15.46 15.66 41.02
N2 HGE J . -14.52 13.45 41.06
C11 HGE J . -14.41 12.17 40.61
C9 HGE J . -16.11 13.86 39.42
C10 HFK K . -15.22 6.69 44.66
C13 HFK K . -15.02 8.85 42.64
C15 HFK K . -11.82 7.09 42.47
C20 HFK K . -12.56 3.14 40.23
C21 HFK K . -13.79 3.72 40.60
C24 HFK K . -14.96 1.69 39.92
C26 HFK K . -12.53 1.83 39.70
C02 HFK K . -13.34 10.87 44.22
C03 HFK K . -12.23 11.28 45.26
C04 HFK K . -10.85 11.51 44.65
C05 HFK K . -10.58 10.61 43.41
C06 HFK K . -11.44 9.33 43.46
C07 HFK K . -12.94 9.65 43.33
C08 HFK K . -13.78 8.38 43.41
C09 HFK K . -14.12 7.73 44.75
C11 HFK K . -16.46 7.23 43.93
C12 HFK K . -16.10 7.79 42.56
C18 HFK K . -12.15 5.20 41.00
C23 HFK K . -14.99 2.99 40.45
C25 HFK K . -13.73 1.11 39.55
N14 HFK K . -13.32 7.37 42.43
N16 HFK K . -10.99 8.36 42.45
N17 HFK K . -11.46 6.39 41.40
N19 HFK K . -11.56 4.10 40.50
O01 HFK K . -14.52 10.70 44.92
O22 HFK K . -13.47 5.00 41.07
#